data_6S8W
#
_entry.id   6S8W
#
_cell.length_a   64.209
_cell.length_b   75.260
_cell.length_c   121.631
_cell.angle_alpha   84.770
_cell.angle_beta   87.510
_cell.angle_gamma   65.370
#
_symmetry.space_group_name_H-M   'P 1'
#
loop_
_entity.id
_entity.type
_entity.pdbx_description
1 polymer 'Aromatic aminotransferase Aro8, putative'
2 non-polymer "PYRIDOXAL-5'-PHOSPHATE"
3 non-polymer 'FORMIC ACID'
4 water water
#
_entity_poly.entity_id   1
_entity_poly.type   'polypeptide(L)'
_entity_poly.pdbx_seq_one_letter_code
;MSPSIDVKSPDTSAGPLTIDGIADLRAKSAPIPTGVAPGTSSDMFKSPSCYTKPKAKRWDHYLSEESKSRQQSTLKGAAR
YLKTPGLISLGGGLPSPEYFPFEEISVKVPTPPGFSPHETQESGAVLTAKKGDVQAGRSLYDLEVALNYGQSTGSPQLLR
FVTEHTELIHNPPYADWQCCLNAGSTYGWDTVLRMLCTRGDYILMEEYTFSSAKETALPLGVKVASVKMDAEGLLPESLD
EVLSNWDEASRGSRKPFVLYTIPTGQNPTGATQQLERRKAVYKVAQKHDLIIVEDEPYYFLQMQPYTGPDREPVPPPASH
DEFIKSLIPSYLSLDVDGRVLRLESFSKVLSPGSRTGWIVGPEQLVERFMRNCETGAQHPSGISQIVLFKLLDEHWGHSG
YLDWLINLRMQYTGRRDAIVNACEKYLPKEIAKWNPPAAGMFHWIEIDWQKHPAVASGKSREAIEEAVFHAAVNNGVLVS
RGSWFTAAGHNEGNLFFRATFAAASSENIAEAIARFATALRTEFSLLEHHHHHH
;
_entity_poly.pdbx_strand_id   A,B,C,D
#
# COMPACT_ATOMS: atom_id res chain seq x y z
N PRO A 16 -14.69 20.66 -48.68
CA PRO A 16 -14.35 19.71 -47.61
C PRO A 16 -14.72 20.26 -46.22
N LEU A 17 -15.26 19.38 -45.36
CA LEU A 17 -15.72 19.70 -43.98
C LEU A 17 -14.50 20.00 -43.10
N THR A 18 -14.51 21.14 -42.41
CA THR A 18 -13.50 21.51 -41.38
C THR A 18 -14.20 21.75 -40.04
N ILE A 19 -13.43 21.87 -38.96
CA ILE A 19 -13.93 22.09 -37.57
C ILE A 19 -14.87 23.30 -37.56
N ASP A 20 -14.54 24.33 -38.34
CA ASP A 20 -15.28 25.63 -38.37
C ASP A 20 -16.53 25.47 -39.24
N GLY A 21 -16.63 24.35 -39.95
CA GLY A 21 -17.79 24.01 -40.80
C GLY A 21 -18.85 23.26 -40.02
N ILE A 22 -18.51 22.80 -38.82
CA ILE A 22 -19.34 21.84 -38.01
C ILE A 22 -20.57 22.57 -37.43
N ALA A 23 -20.37 23.68 -36.72
CA ALA A 23 -21.42 24.45 -36.03
C ALA A 23 -22.57 24.76 -36.99
N ASP A 24 -22.25 24.90 -38.28
CA ASP A 24 -23.17 25.40 -39.34
C ASP A 24 -23.85 24.22 -40.03
N LEU A 25 -23.15 23.09 -40.14
CA LEU A 25 -23.73 21.79 -40.57
C LEU A 25 -24.87 21.43 -39.61
N ARG A 26 -24.66 21.65 -38.31
CA ARG A 26 -25.63 21.32 -37.23
C ARG A 26 -26.84 22.25 -37.32
N ALA A 27 -26.61 23.57 -37.39
CA ALA A 27 -27.65 24.62 -37.49
C ALA A 27 -28.64 24.27 -38.60
N LYS A 28 -28.12 23.78 -39.74
CA LYS A 28 -28.88 23.62 -41.01
C LYS A 28 -29.38 22.19 -41.17
N SER A 29 -29.17 21.35 -40.15
CA SER A 29 -29.58 19.93 -40.22
C SER A 29 -30.81 19.67 -39.35
N ALA A 30 -31.33 18.45 -39.40
CA ALA A 30 -32.53 18.08 -38.63
C ALA A 30 -32.21 18.03 -37.13
N PRO A 31 -33.20 18.25 -36.24
CA PRO A 31 -32.96 18.22 -34.80
C PRO A 31 -32.56 16.81 -34.37
N ILE A 32 -31.70 16.72 -33.37
CA ILE A 32 -31.27 15.38 -32.88
C ILE A 32 -32.45 14.77 -32.11
N PRO A 33 -32.85 13.50 -32.36
CA PRO A 33 -33.95 12.86 -31.64
C PRO A 33 -33.55 12.63 -30.18
N THR A 34 -34.27 13.24 -29.24
CA THR A 34 -33.95 13.14 -27.80
C THR A 34 -34.82 12.08 -27.13
N GLY A 35 -35.54 11.28 -27.90
CA GLY A 35 -36.42 10.25 -27.34
C GLY A 35 -35.69 8.97 -26.99
N VAL A 36 -36.42 8.00 -26.45
CA VAL A 36 -35.87 6.67 -26.04
C VAL A 36 -35.72 5.80 -27.29
N ALA A 37 -34.51 5.26 -27.51
CA ALA A 37 -34.19 4.29 -28.59
C ALA A 37 -34.60 4.87 -29.95
N PRO A 38 -34.07 6.04 -30.34
CA PRO A 38 -34.43 6.64 -31.62
C PRO A 38 -33.63 6.07 -32.80
N GLY A 39 -34.27 5.99 -33.98
CA GLY A 39 -33.62 5.61 -35.24
C GLY A 39 -32.78 6.73 -35.80
N THR A 40 -31.57 6.43 -36.28
CA THR A 40 -30.68 7.37 -37.01
C THR A 40 -29.71 6.60 -37.91
N SER A 41 -28.87 7.35 -38.62
CA SER A 41 -27.70 6.88 -39.39
C SER A 41 -26.76 8.07 -39.62
N SER A 42 -25.49 7.79 -39.91
CA SER A 42 -24.48 8.80 -40.29
C SER A 42 -25.06 9.76 -41.33
N ASP A 43 -26.08 9.32 -42.09
CA ASP A 43 -26.68 10.09 -43.22
C ASP A 43 -27.44 11.31 -42.69
N MET A 44 -27.57 11.42 -41.36
CA MET A 44 -28.25 12.57 -40.73
C MET A 44 -27.20 13.57 -40.25
N PHE A 45 -25.92 13.17 -40.27
CA PHE A 45 -24.83 14.05 -39.79
C PHE A 45 -23.77 14.30 -40.87
N LYS A 46 -23.86 13.61 -42.01
CA LYS A 46 -22.87 13.79 -43.10
C LYS A 46 -23.15 15.08 -43.86
N SER A 47 -22.11 15.85 -44.16
CA SER A 47 -22.27 17.14 -44.90
C SER A 47 -22.59 16.86 -46.36
N PRO A 48 -23.28 17.81 -47.05
CA PRO A 48 -23.73 17.60 -48.43
C PRO A 48 -22.65 17.18 -49.46
N SER A 49 -21.40 17.58 -49.26
CA SER A 49 -20.27 17.31 -50.18
C SER A 49 -20.15 15.81 -50.45
N CYS A 50 -20.42 14.99 -49.43
CA CYS A 50 -20.30 13.50 -49.47
C CYS A 50 -21.13 12.93 -50.63
N TYR A 51 -22.32 13.50 -50.86
CA TYR A 51 -23.37 12.95 -51.74
C TYR A 51 -23.07 13.27 -53.21
N THR A 52 -22.12 14.17 -53.45
CA THR A 52 -21.66 14.56 -54.82
C THR A 52 -20.68 13.50 -55.33
N LYS A 53 -20.01 12.76 -54.43
CA LYS A 53 -19.02 11.70 -54.78
C LYS A 53 -19.77 10.47 -55.31
N PRO A 54 -19.07 9.56 -56.03
CA PRO A 54 -19.70 8.34 -56.53
C PRO A 54 -20.05 7.37 -55.40
N LYS A 55 -20.76 6.29 -55.74
CA LYS A 55 -21.24 5.29 -54.75
C LYS A 55 -20.28 4.09 -54.73
N ALA A 56 -20.29 3.35 -53.63
CA ALA A 56 -19.44 2.17 -53.39
C ALA A 56 -19.91 1.02 -54.28
N LYS A 57 -19.01 0.09 -54.58
CA LYS A 57 -19.28 -1.12 -55.38
C LYS A 57 -20.12 -2.07 -54.55
N ARG A 58 -20.86 -2.99 -55.18
CA ARG A 58 -21.79 -3.88 -54.44
C ARG A 58 -21.01 -5.13 -54.00
N TRP A 59 -21.36 -5.66 -52.83
CA TRP A 59 -20.63 -6.76 -52.15
C TRP A 59 -21.53 -7.98 -51.96
N ASP A 60 -22.58 -8.10 -52.76
CA ASP A 60 -23.57 -9.18 -52.63
C ASP A 60 -22.85 -10.53 -52.72
N HIS A 61 -21.86 -10.67 -53.60
CA HIS A 61 -21.16 -11.95 -53.90
C HIS A 61 -20.16 -12.32 -52.79
N TYR A 62 -19.95 -11.45 -51.81
CA TYR A 62 -18.95 -11.67 -50.74
C TYR A 62 -19.68 -11.89 -49.41
N LEU A 63 -20.97 -11.54 -49.35
CA LEU A 63 -21.81 -11.71 -48.13
C LEU A 63 -22.03 -13.21 -47.87
N SER A 64 -21.79 -13.63 -46.62
CA SER A 64 -21.94 -15.04 -46.16
C SER A 64 -23.42 -15.41 -46.10
N GLU A 65 -23.72 -16.71 -46.20
CA GLU A 65 -25.09 -17.25 -46.05
C GLU A 65 -25.70 -16.67 -44.77
N GLU A 66 -24.98 -16.84 -43.64
CA GLU A 66 -25.41 -16.37 -42.31
C GLU A 66 -25.86 -14.90 -42.40
N SER A 67 -25.02 -14.04 -42.98
CA SER A 67 -25.21 -12.56 -43.00
C SER A 67 -26.34 -12.20 -43.97
N LYS A 68 -26.38 -12.80 -45.16
CA LYS A 68 -27.49 -12.60 -46.13
C LYS A 68 -28.80 -12.93 -45.44
N SER A 69 -28.81 -13.99 -44.61
CA SER A 69 -30.01 -14.61 -43.99
C SER A 69 -30.59 -13.69 -42.90
N ARG A 70 -29.81 -12.75 -42.37
CA ARG A 70 -30.23 -11.92 -41.20
C ARG A 70 -31.32 -10.93 -41.62
N GLN A 71 -32.05 -10.37 -40.65
CA GLN A 71 -33.29 -9.57 -40.88
C GLN A 71 -33.42 -8.47 -39.83
N GLN A 72 -34.33 -7.54 -40.06
CA GLN A 72 -34.56 -6.41 -39.16
C GLN A 72 -35.30 -6.85 -37.91
N SER A 73 -34.77 -6.50 -36.75
CA SER A 73 -35.40 -6.80 -35.44
C SER A 73 -36.78 -6.13 -35.41
N THR A 74 -37.84 -6.92 -35.24
CA THR A 74 -39.25 -6.43 -35.32
C THR A 74 -39.56 -5.56 -34.10
N LEU A 75 -38.89 -5.79 -32.97
CA LEU A 75 -39.09 -5.02 -31.72
C LEU A 75 -38.39 -3.67 -31.85
N LYS A 76 -37.09 -3.70 -32.17
CA LYS A 76 -36.25 -2.48 -32.36
C LYS A 76 -36.90 -1.60 -33.45
N GLY A 77 -37.34 -2.22 -34.55
CA GLY A 77 -38.05 -1.55 -35.64
C GLY A 77 -39.35 -0.92 -35.16
N ALA A 78 -40.06 -1.60 -34.26
CA ALA A 78 -41.35 -1.15 -33.68
C ALA A 78 -41.11 0.03 -32.72
N ALA A 79 -39.92 0.11 -32.12
CA ALA A 79 -39.54 1.20 -31.20
C ALA A 79 -39.54 2.53 -31.96
N ARG A 80 -39.14 2.49 -33.23
CA ARG A 80 -39.09 3.68 -34.14
C ARG A 80 -40.46 4.36 -34.14
N TYR A 81 -41.52 3.66 -33.70
CA TYR A 81 -42.90 4.20 -33.58
C TYR A 81 -43.00 5.14 -32.37
N LEU A 82 -42.10 4.99 -31.39
CA LEU A 82 -42.13 5.78 -30.13
C LEU A 82 -41.86 7.26 -30.43
N LYS A 83 -41.43 7.57 -31.66
CA LYS A 83 -41.07 8.94 -32.11
C LYS A 83 -42.34 9.81 -32.17
N THR A 84 -43.36 9.37 -32.93
CA THR A 84 -44.63 10.13 -33.11
C THR A 84 -45.17 10.50 -31.72
N PRO A 85 -45.48 11.79 -31.48
CA PRO A 85 -45.77 12.29 -30.14
C PRO A 85 -47.22 12.03 -29.71
N GLY A 86 -47.49 12.13 -28.40
CA GLY A 86 -48.82 11.89 -27.81
C GLY A 86 -49.25 10.44 -27.96
N LEU A 87 -48.50 9.66 -28.74
CA LEU A 87 -48.65 8.19 -28.91
C LEU A 87 -48.17 7.50 -27.63
N ILE A 88 -49.03 6.66 -27.03
CA ILE A 88 -48.71 5.91 -25.77
C ILE A 88 -48.25 4.50 -26.16
N SER A 89 -47.26 3.95 -25.44
CA SER A 89 -46.64 2.66 -25.83
C SER A 89 -47.01 1.55 -24.84
N LEU A 90 -47.52 0.44 -25.38
CA LEU A 90 -47.71 -0.86 -24.70
C LEU A 90 -46.93 -1.90 -25.49
N GLY A 91 -45.95 -1.46 -26.28
CA GLY A 91 -45.19 -2.28 -27.24
C GLY A 91 -43.92 -2.85 -26.63
N GLY A 92 -42.76 -2.36 -27.06
CA GLY A 92 -41.45 -2.83 -26.60
C GLY A 92 -41.33 -2.72 -25.09
N GLY A 93 -40.71 -3.72 -24.45
CA GLY A 93 -40.54 -3.74 -22.99
C GLY A 93 -39.34 -2.92 -22.53
N LEU A 94 -39.37 -1.62 -22.81
CA LEU A 94 -38.40 -0.61 -22.30
C LEU A 94 -38.98 0.01 -21.02
N PRO A 95 -38.48 -0.33 -19.81
CA PRO A 95 -39.04 0.08 -18.52
C PRO A 95 -39.15 1.60 -18.29
N SER A 96 -40.13 2.04 -17.49
CA SER A 96 -40.28 3.46 -17.04
C SER A 96 -39.04 3.87 -16.28
N PRO A 97 -38.44 5.03 -16.62
CA PRO A 97 -37.18 5.48 -16.00
C PRO A 97 -37.15 5.44 -14.46
N GLU A 98 -38.32 5.49 -13.81
CA GLU A 98 -38.45 5.48 -12.33
C GLU A 98 -37.83 4.18 -11.79
N TYR A 99 -37.64 3.18 -12.65
CA TYR A 99 -37.15 1.82 -12.29
C TYR A 99 -35.66 1.71 -12.65
N PHE A 100 -35.01 2.86 -12.85
CA PHE A 100 -33.52 3.01 -12.92
C PHE A 100 -33.06 3.84 -11.74
N PRO A 101 -32.32 3.27 -10.77
CA PRO A 101 -31.95 3.99 -9.54
C PRO A 101 -30.72 4.88 -9.67
N PHE A 102 -30.50 5.49 -10.84
CA PHE A 102 -29.42 6.49 -11.08
C PHE A 102 -30.05 7.84 -11.41
N GLU A 103 -30.10 8.73 -10.42
CA GLU A 103 -30.66 10.10 -10.53
C GLU A 103 -29.68 10.99 -11.30
N GLU A 104 -28.41 10.99 -10.87
CA GLU A 104 -27.31 11.75 -11.50
C GLU A 104 -26.09 10.84 -11.66
N ILE A 105 -25.40 10.96 -12.80
CA ILE A 105 -24.06 10.34 -13.05
C ILE A 105 -23.08 11.47 -13.41
N SER A 106 -22.03 11.66 -12.61
CA SER A 106 -21.02 12.73 -12.78
C SER A 106 -19.66 12.13 -13.13
N VAL A 107 -18.84 12.89 -13.89
CA VAL A 107 -17.48 12.48 -14.32
C VAL A 107 -16.57 13.72 -14.32
N LYS A 108 -15.41 13.62 -13.67
CA LYS A 108 -14.37 14.70 -13.59
C LYS A 108 -13.30 14.44 -14.65
N VAL A 109 -13.21 15.35 -15.62
CA VAL A 109 -12.29 15.20 -16.80
C VAL A 109 -11.43 16.45 -16.95
N PRO A 110 -10.31 16.38 -17.72
CA PRO A 110 -9.41 17.51 -17.89
C PRO A 110 -9.93 18.67 -18.75
N THR A 111 -9.43 19.88 -18.47
CA THR A 111 -9.69 21.10 -19.27
C THR A 111 -8.78 21.06 -20.51
N PRO A 112 -8.99 21.91 -21.54
CA PRO A 112 -8.15 21.86 -22.74
C PRO A 112 -6.65 22.13 -22.49
N PRO A 113 -6.27 23.11 -21.65
CA PRO A 113 -4.84 23.40 -21.39
C PRO A 113 -4.01 22.30 -20.72
N GLY A 114 -4.57 21.60 -19.73
CA GLY A 114 -3.83 20.54 -18.99
C GLY A 114 -4.52 19.19 -19.00
N PHE A 115 -3.84 18.17 -19.50
CA PHE A 115 -4.42 16.81 -19.64
C PHE A 115 -3.85 15.79 -18.64
N SER A 116 -2.82 16.16 -17.89
CA SER A 116 -2.21 15.24 -16.89
C SER A 116 -3.21 14.99 -15.77
N PRO A 117 -3.24 13.77 -15.18
CA PRO A 117 -4.15 13.46 -14.07
C PRO A 117 -4.06 14.51 -12.96
N HIS A 118 -2.83 14.99 -12.69
CA HIS A 118 -2.54 16.02 -11.66
C HIS A 118 -3.15 17.37 -12.07
N GLU A 119 -3.09 17.70 -13.36
CA GLU A 119 -3.69 18.94 -13.92
C GLU A 119 -5.22 18.86 -13.85
N THR A 120 -5.81 17.70 -14.17
CA THR A 120 -7.29 17.51 -14.13
C THR A 120 -7.76 17.54 -12.67
N GLN A 121 -6.95 17.06 -11.73
CA GLN A 121 -7.22 17.15 -10.27
C GLN A 121 -7.40 18.62 -9.89
N GLU A 122 -6.49 19.49 -10.37
CA GLU A 122 -6.40 20.92 -9.99
C GLU A 122 -7.45 21.75 -10.75
N SER A 123 -7.57 21.56 -12.06
CA SER A 123 -8.36 22.44 -12.97
C SER A 123 -9.42 21.65 -13.74
N GLY A 124 -9.60 20.37 -13.45
CA GLY A 124 -10.57 19.49 -14.14
C GLY A 124 -11.99 20.05 -14.10
N ALA A 125 -12.82 19.65 -15.06
CA ALA A 125 -14.27 19.97 -15.11
C ALA A 125 -15.08 18.76 -14.62
N VAL A 126 -16.14 19.01 -13.86
CA VAL A 126 -17.12 17.97 -13.42
C VAL A 126 -18.36 18.05 -14.33
N LEU A 127 -18.47 17.15 -15.30
CA LEU A 127 -19.69 17.03 -16.16
C LEU A 127 -20.71 16.13 -15.45
N THR A 128 -21.98 16.55 -15.42
CA THR A 128 -23.06 15.85 -14.67
C THR A 128 -24.23 15.57 -15.61
N ALA A 129 -24.58 14.28 -15.76
CA ALA A 129 -25.73 13.77 -16.52
C ALA A 129 -26.86 13.40 -15.54
N LYS A 130 -28.01 14.05 -15.66
CA LYS A 130 -29.16 13.90 -14.72
C LYS A 130 -30.42 13.50 -15.50
N LYS A 131 -31.35 12.81 -14.83
CA LYS A 131 -32.64 12.44 -15.48
C LYS A 131 -33.46 13.72 -15.64
N GLY A 132 -34.02 13.94 -16.83
CA GLY A 132 -34.81 15.15 -17.07
C GLY A 132 -33.92 16.32 -17.47
N ASP A 133 -32.81 16.02 -18.16
CA ASP A 133 -31.85 17.06 -18.62
C ASP A 133 -32.37 17.62 -19.94
N VAL A 134 -33.01 16.78 -20.74
CA VAL A 134 -33.51 17.20 -22.08
C VAL A 134 -34.76 18.07 -21.93
N GLN A 135 -35.47 17.94 -20.80
CA GLN A 135 -36.69 18.76 -20.57
C GLN A 135 -36.25 20.06 -19.91
N ALA A 136 -35.06 20.05 -19.29
CA ALA A 136 -34.52 21.25 -18.60
C ALA A 136 -33.66 22.05 -19.57
N GLY A 137 -33.42 21.52 -20.77
CA GLY A 137 -32.59 22.22 -21.77
C GLY A 137 -31.13 22.33 -21.32
N ARG A 138 -30.58 21.25 -20.77
CA ARG A 138 -29.16 21.26 -20.30
C ARG A 138 -28.30 20.53 -21.34
N SER A 139 -28.85 19.47 -21.94
CA SER A 139 -28.13 18.70 -22.98
C SER A 139 -29.13 17.98 -23.87
N LEU A 140 -28.65 17.39 -24.97
CA LEU A 140 -29.54 16.65 -25.89
C LEU A 140 -29.58 15.18 -25.50
N TYR A 141 -28.82 14.80 -24.46
CA TYR A 141 -28.74 13.39 -24.01
C TYR A 141 -29.24 13.25 -22.58
N ASP A 142 -30.46 12.74 -22.39
CA ASP A 142 -31.04 12.50 -21.05
C ASP A 142 -30.52 11.17 -20.51
N LEU A 143 -30.23 11.14 -19.22
CA LEU A 143 -29.79 9.91 -18.54
C LEU A 143 -30.93 8.89 -18.67
N GLU A 144 -32.18 9.34 -18.59
CA GLU A 144 -33.39 8.51 -18.81
C GLU A 144 -33.16 7.62 -20.05
N VAL A 145 -32.61 8.21 -21.11
CA VAL A 145 -32.39 7.57 -22.44
C VAL A 145 -31.15 6.66 -22.36
N ALA A 146 -30.00 7.20 -21.93
CA ALA A 146 -28.72 6.48 -21.79
C ALA A 146 -28.94 5.16 -21.05
N LEU A 147 -29.73 5.18 -19.97
CA LEU A 147 -29.93 4.04 -19.04
C LEU A 147 -30.97 3.06 -19.60
N ASN A 148 -31.68 3.44 -20.67
CA ASN A 148 -32.70 2.56 -21.28
C ASN A 148 -32.08 1.86 -22.49
N TYR A 149 -32.89 1.06 -23.18
CA TYR A 149 -32.49 0.35 -24.42
C TYR A 149 -32.17 1.39 -25.50
N GLY A 150 -31.21 1.06 -26.36
CA GLY A 150 -30.81 1.91 -27.49
C GLY A 150 -30.78 1.10 -28.78
N GLN A 151 -30.77 1.76 -29.93
CA GLN A 151 -30.69 1.09 -31.25
C GLN A 151 -29.25 0.62 -31.48
N SER A 152 -29.07 -0.32 -32.41
CA SER A 152 -27.82 -1.07 -32.67
C SER A 152 -26.70 -0.13 -33.14
N THR A 153 -27.06 1.00 -33.77
CA THR A 153 -26.12 1.98 -34.36
C THR A 153 -25.43 2.80 -33.26
N GLY A 154 -25.95 2.75 -32.03
CA GLY A 154 -25.53 3.64 -30.94
C GLY A 154 -26.42 4.88 -30.90
N SER A 155 -26.33 5.64 -29.81
CA SER A 155 -27.11 6.87 -29.62
C SER A 155 -26.79 7.87 -30.72
N PRO A 156 -27.76 8.65 -31.22
CA PRO A 156 -27.51 9.64 -32.26
C PRO A 156 -26.52 10.71 -31.79
N GLN A 157 -26.56 11.07 -30.51
CA GLN A 157 -25.65 12.12 -29.96
C GLN A 157 -24.20 11.68 -30.13
N LEU A 158 -23.87 10.45 -29.73
CA LEU A 158 -22.48 9.95 -29.87
C LEU A 158 -22.15 9.68 -31.34
N LEU A 159 -23.11 9.14 -32.08
CA LEU A 159 -22.89 8.80 -33.50
C LEU A 159 -22.59 10.05 -34.34
N ARG A 160 -23.22 11.18 -34.04
CA ARG A 160 -22.93 12.41 -34.80
C ARG A 160 -21.46 12.81 -34.65
N PHE A 161 -20.94 12.77 -33.42
CA PHE A 161 -19.55 13.17 -33.13
C PHE A 161 -18.56 12.31 -33.92
N VAL A 162 -18.73 11.00 -33.83
CA VAL A 162 -17.86 9.97 -34.49
C VAL A 162 -17.96 10.14 -36.02
N THR A 163 -19.16 10.46 -36.53
CA THR A 163 -19.43 10.61 -37.99
C THR A 163 -18.78 11.91 -38.48
N GLU A 164 -18.93 13.01 -37.73
CA GLU A 164 -18.23 14.29 -37.99
C GLU A 164 -16.72 14.04 -37.96
N HIS A 165 -16.23 13.44 -36.85
CA HIS A 165 -14.79 13.13 -36.63
C HIS A 165 -14.24 12.39 -37.84
N THR A 166 -15.01 11.41 -38.36
CA THR A 166 -14.67 10.56 -39.52
C THR A 166 -14.56 11.42 -40.78
N GLU A 167 -15.43 12.43 -40.91
CA GLU A 167 -15.50 13.34 -42.08
C GLU A 167 -14.25 14.22 -42.10
N LEU A 168 -13.95 14.88 -40.98
CA LEU A 168 -12.80 15.81 -40.79
C LEU A 168 -11.49 15.09 -41.09
N ILE A 169 -11.19 14.05 -40.31
CA ILE A 169 -9.91 13.31 -40.33
C ILE A 169 -9.77 12.57 -41.67
N HIS A 170 -10.69 11.66 -41.98
CA HIS A 170 -10.59 10.77 -43.16
C HIS A 170 -11.35 11.37 -44.35
N ASN A 171 -12.50 12.01 -44.11
CA ASN A 171 -13.30 12.69 -45.17
C ASN A 171 -13.30 11.80 -46.43
N PRO A 172 -13.97 10.61 -46.37
CA PRO A 172 -13.89 9.53 -47.38
C PRO A 172 -14.33 9.87 -48.81
N PRO A 173 -13.70 9.29 -49.86
CA PRO A 173 -13.95 9.73 -51.24
C PRO A 173 -15.07 9.00 -52.00
N TYR A 174 -16.10 8.52 -51.29
CA TYR A 174 -17.32 7.90 -51.89
C TYR A 174 -18.55 8.32 -51.08
N ALA A 175 -19.74 8.17 -51.66
CA ALA A 175 -21.00 8.84 -51.23
C ALA A 175 -21.61 8.15 -50.02
N ASP A 176 -21.81 6.82 -50.08
CA ASP A 176 -22.63 6.07 -49.10
C ASP A 176 -21.74 5.36 -48.07
N TRP A 177 -20.81 6.09 -47.45
CA TRP A 177 -20.04 5.61 -46.27
C TRP A 177 -20.88 5.84 -45.02
N GLN A 178 -20.80 4.94 -44.03
CA GLN A 178 -21.56 5.07 -42.75
C GLN A 178 -20.75 4.49 -41.59
N CYS A 179 -21.04 5.01 -40.39
CA CYS A 179 -20.47 4.60 -39.08
C CYS A 179 -21.52 3.81 -38.29
N CYS A 180 -21.08 2.85 -37.47
CA CYS A 180 -21.93 2.08 -36.54
C CYS A 180 -21.16 1.87 -35.22
N LEU A 181 -21.74 2.31 -34.10
CA LEU A 181 -21.12 2.14 -32.76
C LEU A 181 -21.04 0.65 -32.43
N ASN A 182 -20.18 0.31 -31.46
CA ASN A 182 -19.52 -1.01 -31.29
C ASN A 182 -19.33 -1.32 -29.81
N ALA A 183 -19.28 -2.60 -29.46
CA ALA A 183 -18.82 -3.10 -28.14
C ALA A 183 -17.29 -3.06 -28.10
N GLY A 184 -16.65 -2.90 -29.26
CA GLY A 184 -15.19 -2.76 -29.41
C GLY A 184 -14.70 -3.33 -30.72
N SER A 185 -13.44 -3.07 -31.04
CA SER A 185 -12.80 -3.57 -32.30
C SER A 185 -12.75 -5.09 -32.29
N THR A 186 -12.63 -5.69 -31.10
CA THR A 186 -12.60 -7.18 -30.99
C THR A 186 -13.96 -7.71 -31.43
N TYR A 187 -15.03 -7.05 -30.98
CA TYR A 187 -16.42 -7.45 -31.32
C TYR A 187 -16.68 -7.11 -32.78
N GLY A 188 -16.09 -6.02 -33.26
CA GLY A 188 -16.19 -5.58 -34.66
C GLY A 188 -15.64 -6.64 -35.62
N TRP A 189 -14.41 -7.10 -35.36
CA TRP A 189 -13.71 -8.16 -36.15
C TRP A 189 -14.52 -9.45 -36.11
N ASP A 190 -15.05 -9.83 -34.94
CA ASP A 190 -15.88 -11.06 -34.79
C ASP A 190 -17.01 -10.99 -35.81
N THR A 191 -17.66 -9.82 -35.95
CA THR A 191 -18.91 -9.68 -36.75
C THR A 191 -18.60 -9.52 -38.25
N VAL A 192 -17.51 -8.86 -38.65
CA VAL A 192 -17.17 -8.77 -40.11
C VAL A 192 -16.65 -10.14 -40.59
N LEU A 193 -16.02 -10.94 -39.73
CA LEU A 193 -15.57 -12.32 -40.08
C LEU A 193 -16.81 -13.19 -40.35
N ARG A 194 -17.84 -13.08 -39.53
CA ARG A 194 -19.08 -13.86 -39.71
C ARG A 194 -19.86 -13.31 -40.89
N MET A 195 -19.69 -12.03 -41.19
CA MET A 195 -20.42 -11.31 -42.27
C MET A 195 -19.79 -11.63 -43.63
N LEU A 196 -18.49 -11.93 -43.71
CA LEU A 196 -17.77 -12.06 -45.01
C LEU A 196 -17.08 -13.42 -45.17
N CYS A 197 -17.12 -14.31 -44.17
CA CYS A 197 -16.38 -15.61 -44.22
C CYS A 197 -17.29 -16.79 -43.86
N THR A 198 -17.11 -17.93 -44.54
CA THR A 198 -17.73 -19.24 -44.21
C THR A 198 -16.64 -20.27 -43.90
N ARG A 199 -17.05 -21.42 -43.38
CA ARG A 199 -16.14 -22.54 -43.04
C ARG A 199 -15.42 -23.02 -44.31
N GLY A 200 -14.10 -23.05 -44.25
CA GLY A 200 -13.28 -23.52 -45.37
C GLY A 200 -12.49 -22.40 -46.02
N ASP A 201 -12.97 -21.16 -45.95
CA ASP A 201 -12.38 -19.97 -46.62
C ASP A 201 -11.00 -19.66 -46.02
N TYR A 202 -10.21 -18.86 -46.75
CA TYR A 202 -8.96 -18.21 -46.29
C TYR A 202 -9.21 -16.70 -46.14
N ILE A 203 -8.46 -16.05 -45.25
CA ILE A 203 -8.30 -14.57 -45.20
C ILE A 203 -6.81 -14.26 -45.28
N LEU A 204 -6.46 -13.00 -45.60
CA LEU A 204 -5.05 -12.55 -45.73
C LEU A 204 -4.64 -11.77 -44.48
N MET A 205 -3.50 -12.14 -43.87
CA MET A 205 -2.92 -11.46 -42.69
C MET A 205 -1.42 -11.28 -42.91
N GLU A 206 -0.86 -10.20 -42.34
CA GLU A 206 0.61 -9.94 -42.31
C GLU A 206 1.31 -11.17 -41.74
N GLU A 207 2.51 -11.46 -42.25
CA GLU A 207 3.38 -12.57 -41.79
C GLU A 207 3.35 -12.63 -40.27
N TYR A 208 3.60 -11.50 -39.62
CA TYR A 208 3.46 -11.31 -38.15
C TYR A 208 2.21 -10.49 -37.90
N THR A 209 1.31 -10.95 -37.04
CA THR A 209 0.01 -10.28 -36.90
C THR A 209 -0.52 -10.41 -35.46
N PHE A 210 -1.57 -9.65 -35.17
CA PHE A 210 -2.31 -9.64 -33.89
C PHE A 210 -2.83 -11.04 -33.59
N SER A 211 -2.36 -11.65 -32.50
CA SER A 211 -2.69 -13.04 -32.10
C SER A 211 -4.20 -13.16 -31.84
N SER A 212 -4.83 -12.11 -31.31
CA SER A 212 -6.27 -12.07 -30.97
C SER A 212 -7.11 -12.10 -32.26
N ALA A 213 -6.61 -11.47 -33.33
CA ALA A 213 -7.28 -11.38 -34.65
C ALA A 213 -7.28 -12.76 -35.31
N LYS A 214 -6.17 -13.50 -35.15
CA LYS A 214 -5.98 -14.86 -35.72
C LYS A 214 -6.85 -15.86 -34.94
N GLU A 215 -6.95 -15.67 -33.62
CA GLU A 215 -7.69 -16.57 -32.69
C GLU A 215 -9.20 -16.36 -32.85
N THR A 216 -9.63 -15.19 -33.34
CA THR A 216 -11.06 -14.87 -33.58
C THR A 216 -11.54 -15.62 -34.83
N ALA A 217 -10.61 -16.00 -35.71
CA ALA A 217 -10.92 -16.54 -37.05
C ALA A 217 -10.75 -18.07 -37.09
N LEU A 218 -9.77 -18.62 -36.36
CA LEU A 218 -9.43 -20.07 -36.46
C LEU A 218 -10.65 -20.92 -36.11
N PRO A 219 -11.37 -20.67 -35.00
CA PRO A 219 -12.52 -21.50 -34.63
C PRO A 219 -13.74 -21.39 -35.56
N LEU A 220 -13.76 -20.42 -36.46
CA LEU A 220 -14.86 -20.24 -37.46
C LEU A 220 -14.54 -21.09 -38.70
N GLY A 221 -13.43 -21.83 -38.66
CA GLY A 221 -12.97 -22.71 -39.76
C GLY A 221 -12.27 -21.91 -40.84
N VAL A 222 -11.96 -20.64 -40.55
CA VAL A 222 -11.26 -19.72 -41.50
C VAL A 222 -9.75 -19.96 -41.40
N LYS A 223 -9.11 -20.28 -42.53
CA LYS A 223 -7.64 -20.40 -42.64
C LYS A 223 -7.06 -19.04 -43.01
N VAL A 224 -5.78 -18.80 -42.70
CA VAL A 224 -5.09 -17.49 -42.93
C VAL A 224 -3.90 -17.69 -43.87
N ALA A 225 -3.86 -16.94 -44.98
CA ALA A 225 -2.77 -16.92 -45.96
C ALA A 225 -1.79 -15.80 -45.61
N SER A 226 -0.61 -16.17 -45.09
CA SER A 226 0.46 -15.24 -44.64
C SER A 226 1.08 -14.53 -45.85
N VAL A 227 1.50 -13.28 -45.65
CA VAL A 227 2.04 -12.37 -46.70
C VAL A 227 3.25 -11.64 -46.10
N LYS A 228 4.41 -11.71 -46.75
CA LYS A 228 5.71 -11.24 -46.20
C LYS A 228 5.65 -9.74 -45.97
N MET A 229 6.36 -9.26 -44.94
CA MET A 229 6.46 -7.84 -44.56
C MET A 229 7.91 -7.38 -44.69
N ASP A 230 8.14 -6.07 -44.64
CA ASP A 230 9.47 -5.45 -44.40
C ASP A 230 9.30 -4.48 -43.22
N ALA A 231 10.26 -3.55 -43.06
CA ALA A 231 10.28 -2.56 -41.96
C ALA A 231 9.07 -1.61 -42.06
N GLU A 232 8.51 -1.46 -43.27
CA GLU A 232 7.35 -0.55 -43.52
C GLU A 232 6.05 -1.37 -43.58
N GLY A 233 6.12 -2.65 -43.24
CA GLY A 233 4.90 -3.47 -43.17
C GLY A 233 4.64 -4.37 -44.35
N LEU A 234 3.36 -4.62 -44.60
CA LEU A 234 2.85 -5.51 -45.66
C LEU A 234 3.50 -5.17 -47.01
N LEU A 235 3.96 -6.19 -47.72
CA LEU A 235 4.62 -5.97 -49.03
C LEU A 235 3.61 -6.19 -50.15
N PRO A 236 3.37 -5.23 -51.06
CA PRO A 236 2.43 -5.43 -52.16
C PRO A 236 2.83 -6.56 -53.14
N GLU A 237 4.14 -6.71 -53.41
CA GLU A 237 4.67 -7.69 -54.39
C GLU A 237 4.51 -9.11 -53.83
N SER A 238 4.43 -9.22 -52.51
CA SER A 238 4.18 -10.50 -51.77
C SER A 238 2.69 -10.80 -51.77
N LEU A 239 1.86 -9.78 -51.53
CA LEU A 239 0.38 -9.89 -51.58
C LEU A 239 -0.04 -10.39 -52.97
N ASP A 240 0.38 -9.68 -54.02
CA ASP A 240 0.07 -10.02 -55.44
C ASP A 240 0.55 -11.45 -55.72
N GLU A 241 1.79 -11.77 -55.37
CA GLU A 241 2.44 -13.09 -55.58
C GLU A 241 1.53 -14.19 -55.01
N VAL A 242 1.05 -14.02 -53.77
CA VAL A 242 0.21 -15.01 -53.04
C VAL A 242 -1.11 -15.20 -53.80
N LEU A 243 -1.75 -14.10 -54.21
CA LEU A 243 -3.11 -14.10 -54.83
C LEU A 243 -3.01 -14.56 -56.29
N SER A 244 -2.02 -14.04 -57.04
CA SER A 244 -1.76 -14.42 -58.45
C SER A 244 -1.45 -15.92 -58.53
N ASN A 245 -0.67 -16.44 -57.58
CA ASN A 245 -0.26 -17.87 -57.51
C ASN A 245 -1.45 -18.74 -57.14
N TRP A 246 -2.57 -18.13 -56.73
CA TRP A 246 -3.77 -18.87 -56.28
C TRP A 246 -4.39 -19.61 -57.48
N ASP A 247 -4.28 -19.04 -58.68
CA ASP A 247 -4.90 -19.61 -59.90
C ASP A 247 -4.47 -21.07 -60.06
N GLU A 248 -3.17 -21.36 -59.97
CA GLU A 248 -2.65 -22.73 -60.22
C GLU A 248 -2.54 -23.50 -58.90
N ALA A 249 -2.38 -22.81 -57.77
CA ALA A 249 -2.12 -23.48 -56.48
C ALA A 249 -3.14 -23.05 -55.43
N SER A 250 -4.40 -23.44 -55.61
CA SER A 250 -5.47 -23.26 -54.61
C SER A 250 -5.17 -24.21 -53.45
N ARG A 251 -5.52 -23.83 -52.22
CA ARG A 251 -5.23 -24.70 -51.05
C ARG A 251 -6.53 -25.42 -50.66
N GLY A 252 -7.26 -25.90 -51.67
CA GLY A 252 -8.53 -26.64 -51.50
C GLY A 252 -9.70 -25.68 -51.35
N SER A 253 -9.44 -24.38 -51.27
CA SER A 253 -10.50 -23.35 -51.06
C SER A 253 -10.40 -22.25 -52.14
N ARG A 254 -11.40 -21.37 -52.17
CA ARG A 254 -11.50 -20.28 -53.17
C ARG A 254 -10.52 -19.16 -52.80
N LYS A 255 -10.23 -18.27 -53.75
CA LYS A 255 -9.25 -17.18 -53.59
C LYS A 255 -9.68 -16.29 -52.43
N PRO A 256 -8.75 -15.92 -51.53
CA PRO A 256 -9.07 -15.04 -50.40
C PRO A 256 -9.46 -13.65 -50.91
N PHE A 257 -10.52 -13.07 -50.36
CA PHE A 257 -10.96 -11.70 -50.75
C PHE A 257 -10.95 -10.77 -49.54
N VAL A 258 -10.52 -11.24 -48.37
CA VAL A 258 -10.48 -10.41 -47.14
C VAL A 258 -9.02 -10.23 -46.71
N LEU A 259 -8.59 -8.98 -46.60
CA LEU A 259 -7.25 -8.62 -46.07
C LEU A 259 -7.42 -7.94 -44.71
N TYR A 260 -6.93 -8.59 -43.64
CA TYR A 260 -6.80 -7.99 -42.29
C TYR A 260 -5.44 -7.29 -42.20
N THR A 261 -5.45 -5.97 -41.96
CA THR A 261 -4.25 -5.11 -41.97
C THR A 261 -4.31 -4.11 -40.80
N ILE A 262 -3.21 -4.01 -40.04
CA ILE A 262 -2.99 -2.95 -39.01
C ILE A 262 -1.94 -1.98 -39.54
N PRO A 263 -2.34 -0.99 -40.37
CA PRO A 263 -1.40 -0.10 -41.04
C PRO A 263 -0.44 0.70 -40.15
N THR A 264 -0.90 1.14 -38.98
CA THR A 264 -0.18 2.10 -38.09
C THR A 264 0.19 1.40 -36.77
N GLY A 265 1.44 1.52 -36.34
CA GLY A 265 1.98 0.82 -35.16
C GLY A 265 1.53 -0.63 -35.16
N GLN A 266 1.85 -1.35 -36.24
CA GLN A 266 1.40 -2.75 -36.42
C GLN A 266 1.84 -3.59 -35.21
N ASN A 267 0.92 -4.44 -34.75
CA ASN A 267 1.14 -5.37 -33.62
C ASN A 267 1.56 -6.70 -34.25
N PRO A 268 2.74 -7.28 -33.94
CA PRO A 268 3.68 -6.72 -32.97
C PRO A 268 4.94 -6.01 -33.49
N THR A 269 5.10 -5.90 -34.82
CA THR A 269 6.31 -5.32 -35.46
C THR A 269 6.51 -3.82 -35.19
N GLY A 270 5.43 -3.06 -35.03
CA GLY A 270 5.52 -1.60 -34.88
C GLY A 270 5.71 -0.92 -36.23
N ALA A 271 5.71 -1.71 -37.31
CA ALA A 271 5.84 -1.24 -38.70
C ALA A 271 4.60 -0.43 -39.06
N THR A 272 4.79 0.80 -39.55
CA THR A 272 3.68 1.67 -40.02
C THR A 272 3.85 1.90 -41.53
N GLN A 273 2.84 1.50 -42.30
CA GLN A 273 2.78 1.74 -43.77
C GLN A 273 2.64 3.24 -44.01
N GLN A 274 3.52 3.79 -44.84
CA GLN A 274 3.46 5.21 -45.28
C GLN A 274 2.41 5.32 -46.38
N LEU A 275 2.06 6.53 -46.80
CA LEU A 275 1.01 6.72 -47.83
C LEU A 275 1.37 5.99 -49.12
N GLU A 276 2.64 6.06 -49.54
CA GLU A 276 3.07 5.40 -50.81
C GLU A 276 2.82 3.89 -50.72
N ARG A 277 3.09 3.29 -49.56
CA ARG A 277 2.93 1.83 -49.33
C ARG A 277 1.44 1.48 -49.30
N ARG A 278 0.60 2.35 -48.71
CA ARG A 278 -0.86 2.12 -48.63
C ARG A 278 -1.46 2.20 -50.03
N LYS A 279 -0.91 3.06 -50.90
CA LYS A 279 -1.38 3.24 -52.30
C LYS A 279 -1.03 1.99 -53.12
N ALA A 280 0.18 1.46 -52.93
CA ALA A 280 0.65 0.25 -53.65
C ALA A 280 -0.25 -0.93 -53.28
N VAL A 281 -0.51 -1.11 -51.98
CA VAL A 281 -1.36 -2.23 -51.45
C VAL A 281 -2.77 -2.09 -52.05
N TYR A 282 -3.36 -0.90 -52.00
CA TYR A 282 -4.74 -0.64 -52.45
C TYR A 282 -4.92 -1.01 -53.92
N LYS A 283 -3.91 -0.76 -54.77
CA LYS A 283 -3.97 -1.04 -56.23
C LYS A 283 -4.05 -2.55 -56.44
N VAL A 284 -3.30 -3.31 -55.63
CA VAL A 284 -3.28 -4.79 -55.62
C VAL A 284 -4.65 -5.30 -55.14
N ALA A 285 -5.27 -4.55 -54.22
CA ALA A 285 -6.60 -4.87 -53.64
C ALA A 285 -7.68 -4.60 -54.69
N GLN A 286 -7.36 -3.80 -55.71
CA GLN A 286 -8.29 -3.48 -56.83
C GLN A 286 -8.24 -4.61 -57.85
N LYS A 287 -7.04 -5.07 -58.16
CA LYS A 287 -6.75 -6.13 -59.15
C LYS A 287 -7.43 -7.43 -58.73
N HIS A 288 -7.23 -7.84 -57.48
CA HIS A 288 -7.78 -9.10 -56.91
C HIS A 288 -9.06 -8.78 -56.12
N ASP A 289 -9.64 -7.61 -56.38
CA ASP A 289 -10.90 -7.13 -55.75
C ASP A 289 -10.96 -7.63 -54.30
N LEU A 290 -10.00 -7.20 -53.47
CA LEU A 290 -9.95 -7.53 -52.02
C LEU A 290 -10.79 -6.51 -51.25
N ILE A 291 -11.45 -6.96 -50.18
CA ILE A 291 -12.01 -6.06 -49.14
C ILE A 291 -10.93 -5.87 -48.07
N ILE A 292 -10.58 -4.62 -47.81
CA ILE A 292 -9.49 -4.23 -46.87
C ILE A 292 -10.12 -3.89 -45.51
N VAL A 293 -9.92 -4.76 -44.54
CA VAL A 293 -10.33 -4.52 -43.12
C VAL A 293 -9.15 -3.86 -42.42
N GLU A 294 -9.20 -2.54 -42.19
CA GLU A 294 -8.06 -1.85 -41.56
C GLU A 294 -8.37 -1.66 -40.07
N ASP A 295 -7.74 -2.49 -39.23
CA ASP A 295 -7.79 -2.41 -37.75
C ASP A 295 -6.84 -1.30 -37.31
N GLU A 296 -7.36 -0.13 -36.93
CA GLU A 296 -6.54 1.06 -36.62
C GLU A 296 -6.78 1.53 -35.19
N PRO A 297 -6.33 0.77 -34.16
CA PRO A 297 -6.46 1.22 -32.79
C PRO A 297 -5.35 2.21 -32.41
N TYR A 298 -4.25 2.23 -33.16
CA TYR A 298 -3.08 3.09 -32.86
C TYR A 298 -2.92 4.20 -33.89
N TYR A 299 -4.00 4.59 -34.56
CA TYR A 299 -3.93 5.60 -35.64
C TYR A 299 -3.47 6.95 -35.08
N PHE A 300 -3.84 7.30 -33.84
CA PHE A 300 -3.49 8.61 -33.24
C PHE A 300 -2.23 8.48 -32.37
N LEU A 301 -1.68 7.26 -32.25
CA LEU A 301 -0.38 7.02 -31.56
C LEU A 301 0.76 7.30 -32.54
N GLN A 302 0.46 7.86 -33.72
CA GLN A 302 1.48 8.38 -34.67
C GLN A 302 2.33 9.42 -33.92
N MET A 303 3.66 9.31 -34.03
CA MET A 303 4.62 10.17 -33.28
C MET A 303 5.46 10.97 -34.27
N GLN A 304 6.17 11.99 -33.76
CA GLN A 304 7.19 12.74 -34.53
C GLN A 304 8.37 11.81 -34.81
N PRO A 305 9.12 12.04 -35.90
CA PRO A 305 10.21 11.15 -36.30
C PRO A 305 11.31 11.10 -35.23
N TYR A 306 12.03 9.98 -35.11
CA TYR A 306 13.08 9.78 -34.07
C TYR A 306 14.31 10.63 -34.42
N THR A 307 14.91 11.25 -33.40
CA THR A 307 16.18 12.03 -33.48
C THR A 307 17.22 11.36 -32.57
N GLY A 308 18.30 10.84 -33.16
CA GLY A 308 19.43 10.24 -32.42
C GLY A 308 19.44 8.73 -32.53
N PRO A 316 4.64 20.03 -31.08
CA PRO A 316 5.03 21.03 -32.07
C PRO A 316 4.14 21.10 -33.30
N PRO A 317 3.00 20.37 -33.33
CA PRO A 317 1.97 20.60 -34.34
C PRO A 317 1.39 22.01 -34.13
N ALA A 318 1.77 22.97 -34.98
CA ALA A 318 1.46 24.40 -34.81
C ALA A 318 -0.01 24.55 -34.41
N SER A 319 -0.90 23.79 -35.06
CA SER A 319 -2.37 23.92 -34.92
C SER A 319 -3.06 22.63 -35.37
N HIS A 320 -4.36 22.49 -35.05
CA HIS A 320 -5.23 21.38 -35.49
C HIS A 320 -5.05 21.17 -37.00
N ASP A 321 -5.07 22.27 -37.75
CA ASP A 321 -5.04 22.27 -39.24
C ASP A 321 -3.71 21.67 -39.71
N GLU A 322 -2.60 21.95 -39.01
CA GLU A 322 -1.26 21.37 -39.29
C GLU A 322 -1.26 19.89 -38.86
N PHE A 323 -1.78 19.61 -37.66
CA PHE A 323 -1.79 18.26 -37.03
C PHE A 323 -2.42 17.24 -38.00
N ILE A 324 -3.56 17.58 -38.59
CA ILE A 324 -4.32 16.68 -39.50
C ILE A 324 -3.54 16.51 -40.81
N LYS A 325 -2.75 17.52 -41.21
CA LYS A 325 -1.89 17.48 -42.43
C LYS A 325 -0.82 16.40 -42.22
N SER A 326 -0.25 16.30 -41.01
CA SER A 326 0.91 15.46 -40.69
C SER A 326 0.51 14.00 -40.46
N LEU A 327 -0.79 13.72 -40.30
CA LEU A 327 -1.28 12.34 -40.07
C LEU A 327 -1.27 11.59 -41.40
N ILE A 328 -0.71 10.38 -41.41
CA ILE A 328 -0.66 9.56 -42.65
C ILE A 328 -2.12 9.31 -43.04
N PRO A 329 -2.50 9.49 -44.32
CA PRO A 329 -3.88 9.25 -44.73
C PRO A 329 -4.17 7.76 -44.53
N SER A 330 -5.38 7.45 -44.04
CA SER A 330 -5.79 6.04 -43.86
C SER A 330 -6.29 5.46 -45.19
N TYR A 331 -6.54 4.15 -45.22
CA TYR A 331 -7.06 3.43 -46.41
C TYR A 331 -8.45 3.98 -46.78
N LEU A 332 -9.24 4.35 -45.78
CA LEU A 332 -10.59 4.94 -45.96
C LEU A 332 -10.46 6.23 -46.79
N SER A 333 -9.40 7.01 -46.58
CA SER A 333 -9.20 8.29 -47.32
C SER A 333 -8.96 8.03 -48.81
N LEU A 334 -8.56 6.82 -49.19
CA LEU A 334 -8.25 6.45 -50.59
C LEU A 334 -9.33 5.51 -51.12
N ASP A 335 -10.31 5.17 -50.28
CA ASP A 335 -11.37 4.18 -50.60
C ASP A 335 -12.32 4.79 -51.65
N VAL A 336 -11.93 4.78 -52.92
CA VAL A 336 -12.78 5.31 -54.03
C VAL A 336 -13.84 4.27 -54.36
N ASP A 337 -13.46 2.98 -54.32
CA ASP A 337 -14.34 1.82 -54.64
C ASP A 337 -15.31 1.57 -53.48
N GLY A 338 -14.91 1.89 -52.26
CA GLY A 338 -15.73 1.65 -51.05
C GLY A 338 -15.53 0.24 -50.54
N ARG A 339 -14.34 -0.32 -50.70
CA ARG A 339 -13.99 -1.71 -50.34
C ARG A 339 -13.25 -1.74 -48.99
N VAL A 340 -13.35 -0.67 -48.21
CA VAL A 340 -12.59 -0.57 -46.93
C VAL A 340 -13.54 -0.55 -45.75
N LEU A 341 -13.31 -1.43 -44.78
CA LEU A 341 -13.99 -1.46 -43.48
C LEU A 341 -12.98 -1.04 -42.42
N ARG A 342 -13.23 0.09 -41.75
CA ARG A 342 -12.29 0.65 -40.77
C ARG A 342 -12.78 0.32 -39.35
N LEU A 343 -11.94 -0.37 -38.58
CA LEU A 343 -12.23 -0.72 -37.17
C LEU A 343 -11.63 0.34 -36.25
N GLU A 344 -12.48 1.19 -35.68
CA GLU A 344 -12.07 2.25 -34.73
C GLU A 344 -12.42 1.82 -33.31
N SER A 345 -11.70 2.35 -32.32
CA SER A 345 -11.84 2.02 -30.88
C SER A 345 -11.37 3.20 -30.04
N PHE A 346 -11.99 3.40 -28.88
CA PHE A 346 -11.63 4.45 -27.88
C PHE A 346 -10.61 3.88 -26.89
N SER A 347 -10.35 2.59 -27.02
CA SER A 347 -9.47 1.81 -26.10
C SER A 347 -8.10 2.45 -25.92
N LYS A 348 -7.39 2.70 -27.03
CA LYS A 348 -6.01 3.24 -26.95
C LYS A 348 -6.00 4.76 -27.01
N VAL A 349 -7.13 5.43 -26.77
CA VAL A 349 -7.14 6.92 -26.81
C VAL A 349 -7.94 7.48 -25.62
N LEU A 350 -8.83 6.68 -25.04
CA LEU A 350 -9.66 7.18 -23.91
C LEU A 350 -9.71 6.14 -22.77
N SER A 351 -10.27 4.95 -23.03
CA SER A 351 -10.33 3.85 -22.02
C SER A 351 -10.74 2.54 -22.69
N PRO A 352 -9.92 1.48 -22.56
CA PRO A 352 -10.27 0.15 -23.07
C PRO A 352 -11.50 -0.38 -22.31
N GLY A 353 -11.62 0.01 -21.04
CA GLY A 353 -12.73 -0.38 -20.14
C GLY A 353 -14.07 0.12 -20.63
N SER A 354 -14.07 1.20 -21.41
CA SER A 354 -15.33 1.80 -21.93
C SER A 354 -16.07 0.78 -22.80
N ARG A 355 -15.34 -0.17 -23.40
CA ARG A 355 -15.93 -1.18 -24.31
C ARG A 355 -16.76 -0.45 -25.37
N THR A 356 -16.17 0.54 -26.02
CA THR A 356 -16.88 1.37 -27.03
C THR A 356 -15.95 1.66 -28.20
N GLY A 357 -16.38 1.25 -29.38
CA GLY A 357 -15.66 1.50 -30.64
C GLY A 357 -16.65 1.85 -31.73
N TRP A 358 -16.25 1.71 -32.99
CA TRP A 358 -17.16 1.85 -34.14
C TRP A 358 -16.48 1.31 -35.40
N ILE A 359 -17.30 1.01 -36.42
CA ILE A 359 -16.83 0.61 -37.77
C ILE A 359 -17.27 1.70 -38.76
N VAL A 360 -16.41 1.99 -39.74
CA VAL A 360 -16.78 2.85 -40.90
C VAL A 360 -16.68 1.98 -42.16
N GLY A 361 -17.67 2.09 -43.05
CA GLY A 361 -17.73 1.29 -44.28
C GLY A 361 -18.92 1.68 -45.15
N PRO A 362 -19.06 1.05 -46.34
CA PRO A 362 -20.22 1.27 -47.20
C PRO A 362 -21.53 0.82 -46.53
N GLU A 363 -22.59 1.58 -46.77
CA GLU A 363 -23.95 1.34 -46.22
C GLU A 363 -24.26 -0.16 -46.20
N GLN A 364 -23.93 -0.86 -47.29
CA GLN A 364 -24.36 -2.26 -47.53
C GLN A 364 -23.79 -3.17 -46.43
N LEU A 365 -22.50 -3.06 -46.12
CA LEU A 365 -21.82 -3.97 -45.16
C LEU A 365 -22.12 -3.52 -43.72
N VAL A 366 -22.34 -2.21 -43.53
CA VAL A 366 -22.60 -1.60 -42.20
C VAL A 366 -24.03 -1.96 -41.75
N GLU A 367 -24.96 -2.08 -42.68
CA GLU A 367 -26.36 -2.50 -42.42
C GLU A 367 -26.33 -3.97 -41.97
N ARG A 368 -25.55 -4.81 -42.65
CA ARG A 368 -25.37 -6.24 -42.28
C ARG A 368 -24.69 -6.32 -40.91
N PHE A 369 -23.64 -5.52 -40.70
CA PHE A 369 -22.94 -5.40 -39.41
C PHE A 369 -23.96 -5.10 -38.31
N MET A 370 -24.75 -4.04 -38.53
CA MET A 370 -25.77 -3.52 -37.58
C MET A 370 -26.78 -4.62 -37.25
N ARG A 371 -27.23 -5.37 -38.26
CA ARG A 371 -28.21 -6.48 -38.09
C ARG A 371 -27.70 -7.43 -37.01
N ASN A 372 -26.47 -7.93 -37.20
CA ASN A 372 -25.84 -8.93 -36.31
C ASN A 372 -25.74 -8.34 -34.90
N CYS A 373 -25.43 -7.05 -34.80
CA CYS A 373 -25.32 -6.36 -33.48
C CYS A 373 -26.65 -6.47 -32.74
N GLU A 374 -27.78 -6.33 -33.45
CA GLU A 374 -29.14 -6.39 -32.83
C GLU A 374 -29.34 -7.75 -32.16
N THR A 375 -28.89 -8.84 -32.80
CA THR A 375 -29.05 -10.22 -32.26
C THR A 375 -27.75 -10.64 -31.54
N GLY A 376 -26.92 -9.65 -31.20
CA GLY A 376 -25.65 -9.89 -30.48
C GLY A 376 -25.52 -8.98 -29.27
N ALA A 377 -24.47 -8.15 -29.25
CA ALA A 377 -24.15 -7.19 -28.16
C ALA A 377 -25.17 -6.07 -28.03
N GLN A 378 -25.88 -5.76 -29.14
CA GLN A 378 -26.93 -4.73 -29.36
C GLN A 378 -26.31 -3.32 -29.50
N HIS A 379 -25.70 -2.79 -28.45
CA HIS A 379 -25.08 -1.44 -28.53
C HIS A 379 -24.08 -1.29 -27.39
N PRO A 380 -23.13 -0.34 -27.46
CA PRO A 380 -22.19 -0.12 -26.38
C PRO A 380 -22.95 0.42 -25.15
N SER A 381 -22.54 -0.01 -23.95
CA SER A 381 -23.15 0.47 -22.68
C SER A 381 -23.58 1.93 -22.84
N GLY A 382 -24.84 2.22 -22.51
CA GLY A 382 -25.42 3.58 -22.55
C GLY A 382 -24.71 4.49 -21.58
N ILE A 383 -24.23 3.93 -20.45
CA ILE A 383 -23.44 4.65 -19.41
C ILE A 383 -22.08 5.04 -20.01
N SER A 384 -21.48 4.14 -20.79
CA SER A 384 -20.23 4.40 -21.57
C SER A 384 -20.48 5.53 -22.56
N GLN A 385 -21.64 5.53 -23.23
CA GLN A 385 -21.96 6.45 -24.35
C GLN A 385 -22.20 7.87 -23.81
N ILE A 386 -22.99 8.04 -22.76
CA ILE A 386 -23.35 9.40 -22.24
C ILE A 386 -22.09 10.06 -21.67
N VAL A 387 -21.18 9.26 -21.10
CA VAL A 387 -19.90 9.75 -20.51
C VAL A 387 -18.93 10.15 -21.62
N LEU A 388 -18.88 9.38 -22.71
CA LEU A 388 -18.03 9.70 -23.90
C LEU A 388 -18.60 10.92 -24.63
N PHE A 389 -19.93 10.99 -24.79
CA PHE A 389 -20.62 12.10 -25.49
C PHE A 389 -20.44 13.39 -24.68
N LYS A 390 -20.61 13.33 -23.36
CA LYS A 390 -20.49 14.51 -22.47
C LYS A 390 -19.06 15.04 -22.52
N LEU A 391 -18.05 14.15 -22.52
CA LEU A 391 -16.63 14.55 -22.61
C LEU A 391 -16.32 15.11 -24.01
N LEU A 392 -16.70 14.37 -25.06
CA LEU A 392 -16.26 14.63 -26.45
C LEU A 392 -17.06 15.77 -27.09
N ASP A 393 -18.39 15.78 -26.93
CA ASP A 393 -19.30 16.72 -27.65
C ASP A 393 -19.51 17.98 -26.82
N GLU A 394 -19.85 17.84 -25.54
CA GLU A 394 -20.38 18.95 -24.69
C GLU A 394 -19.24 19.75 -24.06
N HIS A 395 -18.10 19.10 -23.75
CA HIS A 395 -16.98 19.73 -23.02
C HIS A 395 -15.85 20.08 -23.99
N TRP A 396 -15.04 19.09 -24.39
CA TRP A 396 -13.85 19.28 -25.27
C TRP A 396 -14.30 19.88 -26.60
N GLY A 397 -15.25 19.23 -27.27
CA GLY A 397 -15.54 19.45 -28.70
C GLY A 397 -14.47 18.81 -29.55
N HIS A 398 -14.60 18.90 -30.88
CA HIS A 398 -13.59 18.37 -31.84
C HIS A 398 -12.23 19.00 -31.54
N SER A 399 -12.19 20.31 -31.33
CA SER A 399 -10.97 21.07 -30.94
C SER A 399 -10.30 20.41 -29.74
N GLY A 400 -11.01 20.35 -28.60
CA GLY A 400 -10.52 19.78 -27.34
C GLY A 400 -9.99 18.36 -27.53
N TYR A 401 -10.69 17.57 -28.35
CA TYR A 401 -10.33 16.15 -28.64
C TYR A 401 -9.02 16.11 -29.45
N LEU A 402 -8.88 16.96 -30.47
CA LEU A 402 -7.63 17.10 -31.25
C LEU A 402 -6.50 17.55 -30.32
N ASP A 403 -6.77 18.51 -29.43
CA ASP A 403 -5.81 19.00 -28.41
C ASP A 403 -5.33 17.80 -27.57
N TRP A 404 -6.27 16.95 -27.15
CA TRP A 404 -6.00 15.74 -26.33
C TRP A 404 -5.17 14.74 -27.14
N LEU A 405 -5.46 14.62 -28.44
CA LEU A 405 -4.74 13.69 -29.37
C LEU A 405 -3.30 14.19 -29.58
N ILE A 406 -3.12 15.50 -29.76
CA ILE A 406 -1.77 16.14 -29.87
C ILE A 406 -0.98 15.80 -28.60
N ASN A 407 -1.57 16.05 -27.43
CA ASN A 407 -0.98 15.70 -26.11
C ASN A 407 -0.56 14.23 -26.14
N LEU A 408 -1.47 13.33 -26.52
CA LEU A 408 -1.21 11.87 -26.56
C LEU A 408 0.01 11.60 -27.47
N ARG A 409 0.03 12.23 -28.64
CA ARG A 409 1.15 12.16 -29.62
C ARG A 409 2.47 12.45 -28.89
N MET A 410 2.53 13.55 -28.15
CA MET A 410 3.76 14.05 -27.47
C MET A 410 4.17 13.10 -26.34
N GLN A 411 3.20 12.53 -25.62
CA GLN A 411 3.47 11.58 -24.50
C GLN A 411 4.18 10.34 -25.07
N TYR A 412 3.60 9.74 -26.11
CA TYR A 412 4.08 8.48 -26.72
C TYR A 412 5.43 8.71 -27.40
N THR A 413 5.64 9.90 -27.98
CA THR A 413 6.95 10.35 -28.53
C THR A 413 8.04 10.14 -27.46
N GLY A 414 7.87 10.79 -26.31
CA GLY A 414 8.79 10.70 -25.15
C GLY A 414 9.08 9.25 -24.80
N ARG A 415 8.04 8.41 -24.77
CA ARG A 415 8.14 6.98 -24.36
C ARG A 415 8.87 6.19 -25.46
N ARG A 416 8.65 6.53 -26.73
CA ARG A 416 9.37 5.93 -27.89
C ARG A 416 10.86 6.26 -27.75
N ASP A 417 11.20 7.54 -27.58
CA ASP A 417 12.57 8.01 -27.31
C ASP A 417 13.21 7.08 -26.26
N ALA A 418 12.61 7.01 -25.07
CA ALA A 418 13.17 6.35 -23.87
C ALA A 418 13.65 4.93 -24.21
N ILE A 419 12.81 4.11 -24.85
CA ILE A 419 13.13 2.67 -25.11
C ILE A 419 14.22 2.58 -26.19
N VAL A 420 14.20 3.48 -27.18
CA VAL A 420 15.16 3.47 -28.33
C VAL A 420 16.54 3.93 -27.82
N ASN A 421 16.58 5.05 -27.09
CA ASN A 421 17.79 5.54 -26.39
C ASN A 421 18.43 4.39 -25.62
N ALA A 422 17.64 3.73 -24.77
CA ALA A 422 18.06 2.58 -23.94
C ALA A 422 18.76 1.56 -24.85
N CYS A 423 18.04 1.06 -25.85
CA CYS A 423 18.50 0.02 -26.81
C CYS A 423 19.85 0.43 -27.42
N GLU A 424 19.99 1.69 -27.84
CA GLU A 424 21.22 2.20 -28.49
C GLU A 424 22.33 2.29 -27.46
N LYS A 425 21.99 2.23 -26.16
CA LYS A 425 22.95 2.44 -25.06
C LYS A 425 23.30 1.10 -24.38
N TYR A 426 22.49 0.05 -24.57
CA TYR A 426 22.70 -1.24 -23.87
C TYR A 426 22.78 -2.41 -24.85
N LEU A 427 21.86 -2.51 -25.81
CA LEU A 427 21.75 -3.71 -26.68
C LEU A 427 23.03 -3.88 -27.52
N PRO A 428 23.54 -5.11 -27.63
CA PRO A 428 24.73 -5.40 -28.45
C PRO A 428 24.41 -5.43 -29.94
N LYS A 429 24.96 -4.49 -30.70
CA LYS A 429 24.74 -4.31 -32.15
C LYS A 429 25.18 -5.58 -32.89
N GLU A 430 26.14 -6.31 -32.32
CA GLU A 430 26.67 -7.58 -32.89
C GLU A 430 25.50 -8.51 -33.21
N ILE A 431 24.56 -8.67 -32.27
CA ILE A 431 23.48 -9.68 -32.39
C ILE A 431 22.09 -9.01 -32.37
N ALA A 432 21.99 -7.74 -31.98
CA ALA A 432 20.69 -7.06 -31.87
C ALA A 432 20.52 -6.06 -33.01
N LYS A 433 19.39 -6.14 -33.70
CA LYS A 433 19.02 -5.18 -34.77
C LYS A 433 17.65 -4.62 -34.45
N TRP A 434 17.46 -3.31 -34.63
CA TRP A 434 16.16 -2.64 -34.38
C TRP A 434 16.09 -1.32 -35.15
N ASN A 435 14.90 -1.03 -35.67
CA ASN A 435 14.48 0.29 -36.22
C ASN A 435 13.64 1.01 -35.17
N PRO A 436 13.66 2.36 -35.10
CA PRO A 436 12.75 3.15 -34.27
C PRO A 436 11.29 3.15 -34.76
N PRO A 437 10.29 2.91 -33.89
CA PRO A 437 8.88 3.01 -34.28
C PRO A 437 8.45 4.46 -34.59
N ALA A 438 7.61 4.63 -35.62
CA ALA A 438 7.02 5.93 -36.02
C ALA A 438 5.64 6.09 -35.36
N ALA A 439 5.00 4.98 -35.00
CA ALA A 439 3.66 4.95 -34.39
C ALA A 439 3.51 3.75 -33.46
N GLY A 440 2.51 3.82 -32.57
CA GLY A 440 2.07 2.70 -31.73
C GLY A 440 2.84 2.64 -30.43
N MET A 441 2.83 1.48 -29.79
CA MET A 441 3.40 1.28 -28.44
C MET A 441 4.33 0.08 -28.43
N PHE A 442 4.69 -0.46 -29.59
CA PHE A 442 5.51 -1.70 -29.66
C PHE A 442 6.89 -1.42 -30.27
N HIS A 443 7.89 -2.03 -29.64
CA HIS A 443 9.30 -2.05 -30.11
C HIS A 443 9.68 -3.48 -30.47
N TRP A 444 10.12 -3.67 -31.72
CA TRP A 444 10.33 -4.98 -32.39
C TRP A 444 11.85 -5.19 -32.56
N ILE A 445 12.40 -6.16 -31.84
CA ILE A 445 13.87 -6.40 -31.77
C ILE A 445 14.20 -7.67 -32.57
N GLU A 446 15.28 -7.62 -33.36
CA GLU A 446 15.70 -8.78 -34.18
C GLU A 446 17.06 -9.28 -33.66
N ILE A 447 17.19 -10.59 -33.47
CA ILE A 447 18.45 -11.19 -32.96
C ILE A 447 18.90 -12.32 -33.91
N ASP A 448 20.20 -12.46 -34.13
CA ASP A 448 20.74 -13.53 -35.02
C ASP A 448 21.01 -14.79 -34.17
N TRP A 449 20.19 -15.82 -34.34
CA TRP A 449 20.30 -17.09 -33.58
C TRP A 449 21.58 -17.87 -33.93
N GLN A 450 22.02 -17.79 -35.19
CA GLN A 450 23.19 -18.56 -35.69
C GLN A 450 24.47 -18.20 -34.94
N LYS A 451 24.66 -16.92 -34.62
CA LYS A 451 25.92 -16.43 -33.98
C LYS A 451 26.20 -17.08 -32.63
N HIS A 452 25.17 -17.33 -31.82
CA HIS A 452 25.35 -17.83 -30.43
C HIS A 452 25.79 -19.30 -30.43
N PRO A 453 26.60 -19.70 -29.42
CA PRO A 453 27.10 -21.07 -29.33
C PRO A 453 26.22 -22.11 -30.02
N ILE A 464 15.83 -22.92 -29.19
CA ILE A 464 16.89 -21.97 -29.64
C ILE A 464 16.48 -20.55 -29.23
N GLU A 465 15.17 -20.25 -29.33
CA GLU A 465 14.58 -18.94 -28.94
C GLU A 465 14.04 -19.04 -27.50
N GLU A 466 13.53 -20.22 -27.14
CA GLU A 466 13.05 -20.55 -25.77
C GLU A 466 14.15 -20.21 -24.76
N ALA A 467 15.41 -20.42 -25.16
CA ALA A 467 16.62 -20.21 -24.33
C ALA A 467 16.86 -18.71 -24.13
N VAL A 468 16.33 -17.87 -25.03
CA VAL A 468 16.47 -16.38 -24.96
C VAL A 468 15.35 -15.80 -24.10
N PHE A 469 14.14 -16.36 -24.19
CA PHE A 469 12.94 -15.94 -23.40
C PHE A 469 13.23 -16.10 -21.90
N HIS A 470 13.47 -17.34 -21.47
CA HIS A 470 13.60 -17.74 -20.05
C HIS A 470 14.83 -17.08 -19.42
N ALA A 471 15.96 -17.03 -20.15
CA ALA A 471 17.22 -16.42 -19.70
C ALA A 471 16.97 -14.97 -19.27
N ALA A 472 16.26 -14.21 -20.11
CA ALA A 472 15.91 -12.79 -19.90
C ALA A 472 14.97 -12.65 -18.69
N VAL A 473 14.03 -13.60 -18.53
CA VAL A 473 13.11 -13.66 -17.36
C VAL A 473 13.95 -13.93 -16.10
N ASN A 474 15.04 -14.68 -16.25
CA ASN A 474 16.01 -15.00 -15.16
C ASN A 474 16.64 -13.70 -14.65
N ASN A 475 16.90 -12.74 -15.54
CA ASN A 475 17.42 -11.39 -15.20
C ASN A 475 16.27 -10.51 -14.69
N GLY A 476 15.04 -11.00 -14.78
CA GLY A 476 13.83 -10.30 -14.33
C GLY A 476 13.36 -9.26 -15.32
N VAL A 477 13.41 -9.58 -16.63
CA VAL A 477 12.71 -8.82 -17.71
C VAL A 477 11.84 -9.80 -18.49
N LEU A 478 10.57 -9.45 -18.70
CA LEU A 478 9.62 -10.22 -19.54
C LEU A 478 9.41 -9.48 -20.87
N VAL A 479 9.57 -10.20 -21.99
CA VAL A 479 9.22 -9.71 -23.36
C VAL A 479 8.35 -10.79 -24.02
N SER A 480 7.65 -10.45 -25.11
CA SER A 480 6.79 -11.40 -25.87
C SER A 480 7.59 -11.98 -27.03
N ARG A 481 7.54 -13.31 -27.20
CA ARG A 481 8.29 -14.05 -28.25
C ARG A 481 7.56 -13.88 -29.59
N GLY A 482 8.31 -13.56 -30.65
CA GLY A 482 7.77 -13.34 -32.00
C GLY A 482 6.96 -14.54 -32.49
N SER A 483 7.43 -15.75 -32.21
CA SER A 483 6.79 -17.02 -32.65
C SER A 483 5.31 -17.05 -32.24
N TRP A 484 4.94 -16.28 -31.22
CA TRP A 484 3.54 -16.19 -30.70
C TRP A 484 2.65 -15.42 -31.68
N PHE A 485 3.24 -14.75 -32.68
CA PHE A 485 2.55 -13.75 -33.53
C PHE A 485 2.54 -14.16 -35.00
N THR A 486 3.01 -15.37 -35.33
CA THR A 486 3.04 -15.89 -36.73
C THR A 486 1.60 -16.18 -37.18
N ALA A 487 1.21 -15.67 -38.36
CA ALA A 487 -0.14 -15.85 -38.94
C ALA A 487 -0.38 -17.33 -39.23
N GLU A 492 10.33 -20.14 -40.37
CA GLU A 492 11.80 -19.87 -40.42
C GLU A 492 12.02 -18.36 -40.41
N GLY A 493 13.22 -17.91 -40.80
CA GLY A 493 13.63 -16.49 -40.75
C GLY A 493 14.30 -16.15 -39.45
N ASN A 494 14.58 -14.87 -39.20
CA ASN A 494 15.27 -14.38 -37.98
C ASN A 494 14.29 -14.42 -36.80
N LEU A 495 14.78 -14.44 -35.55
CA LEU A 495 13.89 -14.48 -34.36
C LEU A 495 13.70 -13.06 -33.83
N PHE A 496 12.50 -12.77 -33.30
CA PHE A 496 12.15 -11.40 -32.82
C PHE A 496 11.48 -11.43 -31.44
N PHE A 497 11.55 -10.27 -30.78
CA PHE A 497 10.95 -10.00 -29.46
C PHE A 497 10.24 -8.65 -29.50
N ARG A 498 9.01 -8.63 -29.02
CA ARG A 498 8.18 -7.40 -28.96
C ARG A 498 8.27 -6.81 -27.56
N ALA A 499 8.69 -5.56 -27.46
CA ALA A 499 8.76 -4.83 -26.17
C ALA A 499 7.85 -3.61 -26.24
N THR A 500 6.77 -3.60 -25.45
CA THR A 500 5.83 -2.45 -25.38
C THR A 500 6.44 -1.37 -24.48
N PHE A 501 6.32 -0.10 -24.89
CA PHE A 501 6.85 1.08 -24.15
C PHE A 501 5.67 1.99 -23.77
N ALA A 502 4.49 1.40 -23.61
CA ALA A 502 3.20 2.11 -23.36
C ALA A 502 3.08 2.54 -21.89
N ALA A 503 3.38 1.64 -20.96
CA ALA A 503 2.88 1.66 -19.57
C ALA A 503 3.99 1.99 -18.58
N ALA A 504 5.10 1.24 -18.62
CA ALA A 504 6.18 1.28 -17.60
C ALA A 504 6.90 2.63 -17.64
N SER A 505 7.49 3.02 -16.50
CA SER A 505 8.15 4.33 -16.30
C SER A 505 9.45 4.40 -17.12
N SER A 506 9.81 5.62 -17.54
CA SER A 506 11.07 5.96 -18.25
C SER A 506 12.25 5.26 -17.56
N GLU A 507 12.21 5.20 -16.22
CA GLU A 507 13.24 4.52 -15.39
C GLU A 507 13.26 3.02 -15.70
N ASN A 508 12.09 2.37 -15.62
CA ASN A 508 11.92 0.90 -15.77
C ASN A 508 12.16 0.48 -17.23
N ILE A 509 11.89 1.38 -18.18
CA ILE A 509 12.09 1.14 -19.65
C ILE A 509 13.57 0.88 -19.91
N ALA A 510 14.45 1.77 -19.41
CA ALA A 510 15.92 1.63 -19.49
C ALA A 510 16.34 0.35 -18.77
N GLU A 511 16.13 0.30 -17.46
CA GLU A 511 16.38 -0.89 -16.59
C GLU A 511 16.04 -2.18 -17.36
N ALA A 512 14.78 -2.33 -17.77
CA ALA A 512 14.25 -3.52 -18.48
C ALA A 512 15.12 -3.85 -19.69
N ILE A 513 15.46 -2.84 -20.52
CA ILE A 513 16.29 -3.02 -21.75
C ILE A 513 17.69 -3.48 -21.32
N ALA A 514 18.26 -2.84 -20.30
CA ALA A 514 19.58 -3.15 -19.73
C ALA A 514 19.61 -4.61 -19.24
N ARG A 515 18.53 -5.07 -18.61
CA ARG A 515 18.41 -6.45 -18.09
C ARG A 515 18.43 -7.45 -19.25
N PHE A 516 17.87 -7.03 -20.39
CA PHE A 516 17.78 -7.82 -21.63
C PHE A 516 19.17 -7.94 -22.24
N ALA A 517 19.84 -6.79 -22.41
CA ALA A 517 21.17 -6.67 -23.05
C ALA A 517 22.15 -7.63 -22.37
N THR A 518 22.15 -7.66 -21.04
CA THR A 518 23.07 -8.53 -20.26
C THR A 518 22.67 -9.99 -20.43
N ALA A 519 21.37 -10.30 -20.38
CA ALA A 519 20.91 -11.70 -20.55
C ALA A 519 21.31 -12.20 -21.94
N LEU A 520 21.14 -11.34 -22.95
CA LEU A 520 21.53 -11.70 -24.34
C LEU A 520 23.05 -11.94 -24.35
N ARG A 521 23.80 -11.07 -23.69
CA ARG A 521 25.28 -11.25 -23.67
C ARG A 521 25.64 -12.58 -23.02
N THR A 522 24.99 -12.95 -21.91
CA THR A 522 25.32 -14.23 -21.26
C THR A 522 24.99 -15.40 -22.20
N GLU A 523 23.82 -15.37 -22.82
CA GLU A 523 23.40 -16.49 -23.72
C GLU A 523 24.34 -16.61 -24.93
N PHE A 524 24.80 -15.47 -25.46
CA PHE A 524 25.64 -15.45 -26.68
C PHE A 524 27.11 -15.23 -26.32
N SER A 525 27.46 -15.46 -25.05
CA SER A 525 28.84 -15.21 -24.56
C SER A 525 29.27 -13.80 -24.97
N PRO B 16 -27.13 -24.42 3.73
CA PRO B 16 -27.34 -23.39 2.70
C PRO B 16 -26.90 -22.00 3.14
N LEU B 17 -26.33 -21.23 2.21
CA LEU B 17 -25.80 -19.85 2.41
C LEU B 17 -26.98 -18.88 2.58
N THR B 18 -26.98 -18.10 3.67
CA THR B 18 -27.98 -17.02 3.94
C THR B 18 -27.24 -15.68 4.01
N ILE B 19 -27.97 -14.57 3.88
CA ILE B 19 -27.42 -13.18 3.91
C ILE B 19 -26.45 -13.03 5.07
N ASP B 20 -26.79 -13.62 6.23
CA ASP B 20 -26.06 -13.45 7.52
C ASP B 20 -24.74 -14.24 7.49
N GLY B 21 -24.57 -15.13 6.51
CA GLY B 21 -23.40 -16.02 6.40
C GLY B 21 -22.33 -15.46 5.46
N ILE B 22 -22.63 -14.36 4.78
CA ILE B 22 -21.78 -13.81 3.68
C ILE B 22 -20.55 -13.10 4.26
N ALA B 23 -20.72 -12.31 5.31
CA ALA B 23 -19.62 -11.58 5.99
C ALA B 23 -18.55 -12.59 6.44
N ASP B 24 -18.98 -13.78 6.86
CA ASP B 24 -18.10 -14.87 7.39
C ASP B 24 -17.42 -15.58 6.21
N LEU B 25 -18.18 -15.90 5.17
CA LEU B 25 -17.70 -16.58 3.93
C LEU B 25 -16.51 -15.79 3.37
N ARG B 26 -16.61 -14.46 3.34
CA ARG B 26 -15.59 -13.54 2.79
C ARG B 26 -14.37 -13.52 3.71
N ALA B 27 -14.59 -13.44 5.01
CA ALA B 27 -13.54 -13.52 6.06
C ALA B 27 -12.74 -14.80 5.86
N LYS B 28 -13.44 -15.91 5.58
CA LYS B 28 -12.87 -17.28 5.55
C LYS B 28 -12.37 -17.64 4.14
N SER B 29 -12.45 -16.72 3.17
CA SER B 29 -12.04 -16.97 1.77
C SER B 29 -10.91 -16.02 1.34
N ALA B 30 -10.25 -16.35 0.22
CA ALA B 30 -9.06 -15.67 -0.33
C ALA B 30 -9.36 -14.20 -0.61
N PRO B 31 -8.35 -13.31 -0.54
CA PRO B 31 -8.54 -11.90 -0.81
C PRO B 31 -8.85 -11.64 -2.30
N ILE B 32 -9.59 -10.58 -2.59
CA ILE B 32 -9.88 -10.13 -3.98
C ILE B 32 -8.62 -9.49 -4.54
N PRO B 33 -8.19 -9.91 -5.76
CA PRO B 33 -7.03 -9.31 -6.42
C PRO B 33 -7.43 -7.97 -7.05
N THR B 34 -6.78 -6.87 -6.65
CA THR B 34 -7.23 -5.48 -6.93
C THR B 34 -6.37 -4.85 -8.03
N GLY B 35 -5.49 -5.65 -8.67
CA GLY B 35 -4.68 -5.22 -9.82
C GLY B 35 -5.45 -5.37 -11.12
N VAL B 36 -4.82 -5.00 -12.24
CA VAL B 36 -5.46 -4.91 -13.59
C VAL B 36 -5.71 -6.31 -14.14
N ALA B 37 -6.93 -6.57 -14.59
CA ALA B 37 -7.35 -7.79 -15.32
C ALA B 37 -6.79 -9.03 -14.62
N PRO B 38 -7.21 -9.30 -13.37
CA PRO B 38 -6.77 -10.49 -12.65
C PRO B 38 -7.63 -11.70 -13.02
N GLY B 39 -7.01 -12.88 -13.10
CA GLY B 39 -7.73 -14.16 -13.21
C GLY B 39 -8.63 -14.37 -11.99
N THR B 40 -9.93 -14.60 -12.23
CA THR B 40 -10.89 -15.10 -11.20
C THR B 40 -11.76 -16.20 -11.79
N SER B 41 -12.55 -16.82 -10.91
CA SER B 41 -13.73 -17.65 -11.23
C SER B 41 -14.70 -17.57 -10.05
N SER B 42 -15.91 -18.10 -10.21
CA SER B 42 -16.95 -18.20 -9.15
C SER B 42 -16.42 -19.03 -7.97
N ASP B 43 -15.45 -19.90 -8.22
CA ASP B 43 -14.91 -20.89 -7.24
C ASP B 43 -14.15 -20.14 -6.13
N MET B 44 -13.73 -18.90 -6.39
CA MET B 44 -13.08 -18.02 -5.37
C MET B 44 -14.15 -17.52 -4.38
N PHE B 45 -15.43 -17.67 -4.72
CA PHE B 45 -16.55 -16.96 -4.05
C PHE B 45 -17.63 -17.92 -3.56
N LYS B 46 -17.63 -19.17 -4.02
CA LYS B 46 -18.63 -20.19 -3.62
C LYS B 46 -18.33 -20.68 -2.19
N SER B 47 -19.39 -21.00 -1.43
CA SER B 47 -19.30 -21.53 -0.04
C SER B 47 -18.89 -23.00 -0.08
N PRO B 48 -18.20 -23.51 0.95
CA PRO B 48 -17.74 -24.90 0.97
C PRO B 48 -18.85 -25.93 0.67
N SER B 49 -20.07 -25.68 1.18
CA SER B 49 -21.24 -26.58 1.05
C SER B 49 -21.37 -27.07 -0.40
N CYS B 50 -21.11 -26.19 -1.37
CA CYS B 50 -21.25 -26.44 -2.83
C CYS B 50 -20.47 -27.70 -3.24
N TYR B 51 -19.34 -27.97 -2.58
CA TYR B 51 -18.34 -29.00 -3.00
C TYR B 51 -18.68 -30.35 -2.37
N THR B 52 -19.66 -30.40 -1.46
CA THR B 52 -20.19 -31.65 -0.85
C THR B 52 -21.21 -32.27 -1.82
N LYS B 53 -21.65 -31.51 -2.83
CA LYS B 53 -22.64 -31.95 -3.85
C LYS B 53 -21.91 -32.69 -4.98
N PRO B 54 -22.61 -33.56 -5.74
CA PRO B 54 -21.98 -34.25 -6.87
C PRO B 54 -21.63 -33.35 -8.06
N LYS B 55 -20.80 -33.89 -8.96
CA LYS B 55 -20.31 -33.20 -10.19
C LYS B 55 -21.37 -33.30 -11.28
N ALA B 56 -21.33 -32.37 -12.23
CA ALA B 56 -22.29 -32.24 -13.36
C ALA B 56 -22.00 -33.33 -14.40
N LYS B 57 -22.95 -33.57 -15.30
CA LYS B 57 -22.76 -34.49 -16.45
C LYS B 57 -21.86 -33.80 -17.48
N ARG B 58 -21.16 -34.57 -18.29
CA ARG B 58 -20.30 -33.99 -19.34
C ARG B 58 -21.16 -33.69 -20.58
N TRP B 59 -20.71 -32.78 -21.43
CA TRP B 59 -21.51 -32.34 -22.60
C TRP B 59 -20.63 -32.27 -23.86
N ASP B 60 -19.49 -32.96 -23.86
CA ASP B 60 -18.53 -32.94 -25.00
C ASP B 60 -19.29 -33.19 -26.30
N HIS B 61 -20.13 -34.23 -26.33
CA HIS B 61 -20.89 -34.69 -27.52
C HIS B 61 -21.78 -33.55 -28.05
N TYR B 62 -22.14 -32.57 -27.21
CA TYR B 62 -23.13 -31.50 -27.56
C TYR B 62 -22.42 -30.23 -28.03
N LEU B 63 -21.10 -30.12 -27.84
CA LEU B 63 -20.33 -28.90 -28.20
C LEU B 63 -20.15 -28.82 -29.72
N SER B 64 -20.47 -27.65 -30.31
CA SER B 64 -20.25 -27.33 -31.75
C SER B 64 -18.76 -27.43 -32.06
N GLU B 65 -18.41 -27.65 -33.34
CA GLU B 65 -17.02 -27.78 -33.82
C GLU B 65 -16.32 -26.42 -33.67
N GLU B 66 -17.06 -25.34 -33.91
CA GLU B 66 -16.66 -23.94 -33.59
C GLU B 66 -16.17 -23.89 -32.15
N SER B 67 -17.06 -24.22 -31.20
CA SER B 67 -16.87 -24.09 -29.73
C SER B 67 -15.67 -24.93 -29.27
N LYS B 68 -15.55 -26.17 -29.76
CA LYS B 68 -14.43 -27.09 -29.40
C LYS B 68 -13.11 -26.55 -29.94
N SER B 69 -13.14 -25.85 -31.07
CA SER B 69 -11.95 -25.27 -31.74
C SER B 69 -11.35 -24.13 -30.91
N ARG B 70 -12.19 -23.40 -30.16
CA ARG B 70 -11.79 -22.18 -29.43
C ARG B 70 -10.71 -22.55 -28.41
N GLN B 71 -9.77 -21.63 -28.18
CA GLN B 71 -8.59 -21.83 -27.30
C GLN B 71 -8.33 -20.55 -26.50
N GLN B 72 -7.48 -20.63 -25.47
CA GLN B 72 -6.95 -19.44 -24.75
C GLN B 72 -5.87 -18.79 -25.61
N SER B 73 -5.69 -17.47 -25.46
CA SER B 73 -4.68 -16.67 -26.19
C SER B 73 -3.36 -17.43 -26.24
N GLY B 86 8.88 -10.77 -8.34
CA GLY B 86 8.46 -9.50 -8.96
C GLY B 86 9.50 -8.99 -9.95
N LEU B 87 9.13 -8.85 -11.21
CA LEU B 87 10.03 -8.36 -12.28
C LEU B 87 9.30 -7.34 -13.16
N ILE B 88 10.06 -6.69 -14.05
CA ILE B 88 9.58 -5.61 -14.94
C ILE B 88 9.08 -6.28 -16.24
N SER B 89 7.86 -5.92 -16.67
CA SER B 89 7.20 -6.47 -17.87
C SER B 89 7.18 -5.42 -18.99
N LEU B 90 7.69 -5.78 -20.17
CA LEU B 90 7.42 -5.08 -21.45
C LEU B 90 6.65 -6.03 -22.37
N GLY B 91 5.77 -6.85 -21.78
CA GLY B 91 5.16 -8.04 -22.44
C GLY B 91 3.81 -7.75 -23.07
N GLY B 92 2.88 -7.17 -22.31
CA GLY B 92 1.47 -7.02 -22.71
C GLY B 92 1.15 -5.63 -23.21
N GLY B 93 0.00 -5.46 -23.89
CA GLY B 93 -0.41 -4.23 -24.60
C GLY B 93 -1.36 -3.38 -23.78
N LEU B 94 -1.34 -3.53 -22.45
CA LEU B 94 -2.17 -2.73 -21.50
C LEU B 94 -1.64 -1.30 -21.45
N PRO B 95 -2.46 -0.29 -21.84
CA PRO B 95 -2.02 1.11 -21.75
C PRO B 95 -2.00 1.62 -20.30
N SER B 96 -1.25 2.70 -20.06
CA SER B 96 -1.10 3.36 -18.74
C SER B 96 -2.36 4.17 -18.41
N PRO B 97 -2.90 4.05 -17.19
CA PRO B 97 -4.06 4.84 -16.77
C PRO B 97 -3.85 6.35 -16.88
N GLU B 98 -2.60 6.80 -16.91
CA GLU B 98 -2.21 8.22 -17.06
C GLU B 98 -3.03 8.85 -18.21
N TYR B 99 -3.25 8.09 -19.28
CA TYR B 99 -3.92 8.56 -20.52
C TYR B 99 -5.38 8.08 -20.56
N PHE B 100 -5.96 7.75 -19.39
CA PHE B 100 -7.42 7.69 -19.18
C PHE B 100 -7.85 9.00 -18.55
N PRO B 101 -8.61 9.86 -19.27
CA PRO B 101 -8.90 11.21 -18.80
C PRO B 101 -10.14 11.30 -17.90
N PHE B 102 -10.33 10.31 -17.03
CA PHE B 102 -11.39 10.29 -16.00
C PHE B 102 -10.75 10.10 -14.62
N GLU B 103 -10.82 11.14 -13.78
CA GLU B 103 -10.23 11.15 -12.41
C GLU B 103 -11.24 10.58 -11.42
N GLU B 104 -12.51 10.96 -11.58
CA GLU B 104 -13.63 10.59 -10.66
C GLU B 104 -14.88 10.27 -11.49
N ILE B 105 -15.62 9.23 -11.09
CA ILE B 105 -16.99 8.92 -11.60
C ILE B 105 -17.92 8.76 -10.39
N SER B 106 -18.92 9.65 -10.27
CA SER B 106 -19.92 9.67 -9.19
C SER B 106 -21.31 9.32 -9.72
N VAL B 107 -22.10 8.60 -8.93
CA VAL B 107 -23.54 8.32 -9.20
C VAL B 107 -24.34 8.66 -7.93
N LYS B 108 -25.52 9.27 -8.11
CA LYS B 108 -26.49 9.52 -7.02
C LYS B 108 -27.55 8.40 -7.03
N VAL B 109 -27.63 7.63 -5.94
CA VAL B 109 -28.45 6.38 -5.88
C VAL B 109 -29.40 6.46 -4.69
N PRO B 110 -30.56 5.77 -4.78
CA PRO B 110 -31.51 5.72 -3.67
C PRO B 110 -30.92 5.00 -2.45
N THR B 111 -31.08 5.60 -1.27
CA THR B 111 -30.72 5.03 0.05
C THR B 111 -31.91 4.17 0.51
N PRO B 112 -31.69 2.88 0.83
CA PRO B 112 -32.75 1.86 0.83
C PRO B 112 -34.15 2.21 1.35
N PRO B 113 -34.33 2.99 2.44
CA PRO B 113 -35.67 3.38 2.85
C PRO B 113 -36.57 3.78 1.67
N GLY B 114 -36.14 4.77 0.87
CA GLY B 114 -36.94 5.39 -0.19
C GLY B 114 -36.32 5.24 -1.57
N PHE B 115 -37.04 4.59 -2.50
CA PHE B 115 -36.51 4.12 -3.81
C PHE B 115 -37.08 4.92 -4.99
N SER B 116 -37.94 5.91 -4.73
CA SER B 116 -38.57 6.76 -5.77
C SER B 116 -37.60 7.85 -6.22
N PRO B 117 -37.73 8.36 -7.47
CA PRO B 117 -36.85 9.42 -7.97
C PRO B 117 -36.86 10.65 -7.05
N HIS B 118 -38.03 11.02 -6.52
CA HIS B 118 -38.21 12.13 -5.54
C HIS B 118 -37.41 11.84 -4.27
N GLU B 119 -37.43 10.59 -3.80
CA GLU B 119 -36.76 10.16 -2.54
C GLU B 119 -35.25 10.18 -2.74
N THR B 120 -34.74 9.68 -3.87
CA THR B 120 -33.29 9.65 -4.19
C THR B 120 -32.76 11.08 -4.28
N GLN B 121 -33.49 11.99 -4.95
CA GLN B 121 -33.16 13.44 -4.98
C GLN B 121 -33.04 13.96 -3.55
N GLU B 122 -34.04 13.66 -2.72
CA GLU B 122 -34.18 14.17 -1.33
C GLU B 122 -33.07 13.61 -0.44
N SER B 123 -32.94 12.27 -0.37
CA SER B 123 -32.13 11.55 0.65
C SER B 123 -31.15 10.56 0.00
N GLY B 124 -30.94 10.65 -1.32
CA GLY B 124 -30.05 9.74 -2.06
C GLY B 124 -28.61 9.84 -1.57
N ALA B 125 -27.79 8.83 -1.89
CA ALA B 125 -26.35 8.78 -1.55
C ALA B 125 -25.51 8.97 -2.81
N VAL B 126 -24.43 9.76 -2.71
CA VAL B 126 -23.45 9.99 -3.82
C VAL B 126 -22.29 8.99 -3.63
N LEU B 127 -22.06 8.13 -4.63
CA LEU B 127 -20.92 7.17 -4.64
C LEU B 127 -19.86 7.67 -5.62
N THR B 128 -18.64 7.88 -5.13
CA THR B 128 -17.47 8.36 -5.93
C THR B 128 -16.47 7.21 -6.10
N ALA B 129 -16.13 6.88 -7.35
CA ALA B 129 -15.05 5.94 -7.70
C ALA B 129 -13.85 6.74 -8.22
N LYS B 130 -12.75 6.73 -7.46
CA LYS B 130 -11.52 7.53 -7.77
C LYS B 130 -10.37 6.61 -8.17
N LYS B 131 -9.49 7.11 -9.04
CA LYS B 131 -8.11 6.59 -9.22
C LYS B 131 -7.36 6.73 -7.89
N GLY B 132 -6.74 5.65 -7.41
CA GLY B 132 -6.02 5.61 -6.13
C GLY B 132 -6.92 5.14 -4.99
N ASP B 133 -8.19 4.86 -5.28
CA ASP B 133 -9.17 4.34 -4.30
C ASP B 133 -8.54 3.16 -3.54
N VAL B 134 -7.88 2.24 -4.26
CA VAL B 134 -7.26 1.03 -3.68
C VAL B 134 -6.05 1.44 -2.82
N GLN B 135 -5.22 2.36 -3.30
CA GLN B 135 -4.06 2.87 -2.52
C GLN B 135 -4.58 3.57 -1.25
N ALA B 136 -5.68 4.31 -1.38
CA ALA B 136 -6.22 5.23 -0.34
C ALA B 136 -7.16 4.46 0.61
N GLY B 137 -7.32 3.16 0.39
CA GLY B 137 -8.12 2.26 1.24
C GLY B 137 -9.61 2.56 1.16
N ARG B 138 -10.03 3.34 0.15
CA ARG B 138 -11.44 3.78 0.00
C ARG B 138 -12.29 2.62 -0.56
N SER B 139 -11.81 1.93 -1.58
CA SER B 139 -12.59 0.92 -2.36
C SER B 139 -11.71 -0.27 -2.72
N LEU B 140 -12.34 -1.40 -3.10
CA LEU B 140 -11.65 -2.64 -3.55
C LEU B 140 -11.61 -2.67 -5.08
N TYR B 141 -12.31 -1.73 -5.73
CA TYR B 141 -12.40 -1.58 -7.21
C TYR B 141 -11.87 -0.20 -7.59
N ASP B 142 -10.67 -0.15 -8.13
CA ASP B 142 -10.03 1.13 -8.50
C ASP B 142 -10.54 1.56 -9.87
N LEU B 143 -10.74 2.86 -10.05
CA LEU B 143 -11.20 3.40 -11.36
C LEU B 143 -10.16 3.13 -12.45
N GLU B 144 -8.87 3.10 -12.12
CA GLU B 144 -7.78 2.77 -13.06
C GLU B 144 -7.98 1.36 -13.59
N VAL B 145 -8.45 0.43 -12.76
CA VAL B 145 -8.68 -1.00 -13.12
C VAL B 145 -9.95 -1.08 -13.98
N ALA B 146 -11.03 -0.44 -13.53
CA ALA B 146 -12.34 -0.38 -14.23
C ALA B 146 -12.17 0.27 -15.61
N LEU B 147 -11.29 1.26 -15.74
CA LEU B 147 -11.08 2.05 -16.99
C LEU B 147 -10.19 1.26 -17.95
N ASN B 148 -9.43 0.29 -17.44
CA ASN B 148 -8.48 -0.50 -18.27
C ASN B 148 -9.15 -1.77 -18.79
N TYR B 149 -8.38 -2.66 -19.41
CA TYR B 149 -8.90 -3.93 -19.95
C TYR B 149 -9.26 -4.86 -18.78
N GLY B 150 -10.23 -5.73 -19.02
CA GLY B 150 -10.66 -6.70 -18.00
C GLY B 150 -10.58 -8.12 -18.53
N GLN B 151 -10.96 -9.09 -17.71
CA GLN B 151 -10.98 -10.51 -18.13
C GLN B 151 -12.36 -10.82 -18.71
N SER B 152 -12.51 -11.97 -19.38
CA SER B 152 -13.79 -12.32 -20.04
C SER B 152 -14.89 -12.72 -19.06
N THR B 153 -14.56 -12.99 -17.80
CA THR B 153 -15.58 -13.37 -16.79
C THR B 153 -16.10 -12.12 -16.09
N GLY B 154 -15.52 -10.95 -16.39
CA GLY B 154 -15.84 -9.69 -15.68
C GLY B 154 -14.96 -9.53 -14.45
N SER B 155 -15.09 -8.40 -13.75
CA SER B 155 -14.29 -8.05 -12.55
C SER B 155 -14.63 -8.99 -11.40
N PRO B 156 -13.64 -9.40 -10.56
CA PRO B 156 -13.92 -10.20 -9.37
C PRO B 156 -14.89 -9.47 -8.42
N GLN B 157 -14.80 -8.14 -8.40
CA GLN B 157 -15.64 -7.25 -7.56
C GLN B 157 -17.12 -7.54 -7.86
N LEU B 158 -17.49 -7.53 -9.13
CA LEU B 158 -18.90 -7.77 -9.57
C LEU B 158 -19.18 -9.26 -9.63
N LEU B 159 -18.19 -10.09 -9.98
CA LEU B 159 -18.45 -11.55 -10.10
C LEU B 159 -18.74 -12.16 -8.73
N ARG B 160 -18.14 -11.62 -7.67
CA ARG B 160 -18.37 -12.11 -6.29
C ARG B 160 -19.83 -11.86 -5.90
N PHE B 161 -20.33 -10.67 -6.18
CA PHE B 161 -21.73 -10.30 -5.86
C PHE B 161 -22.70 -11.20 -6.63
N VAL B 162 -22.45 -11.39 -7.93
CA VAL B 162 -23.31 -12.20 -8.84
C VAL B 162 -23.30 -13.66 -8.36
N THR B 163 -22.12 -14.19 -8.02
CA THR B 163 -21.93 -15.58 -7.53
C THR B 163 -22.66 -15.75 -6.19
N GLU B 164 -22.41 -14.86 -5.22
CA GLU B 164 -23.10 -14.87 -3.90
C GLU B 164 -24.61 -14.83 -4.14
N HIS B 165 -25.06 -13.90 -4.99
CA HIS B 165 -26.49 -13.70 -5.36
C HIS B 165 -27.07 -15.01 -5.88
N THR B 166 -26.37 -15.66 -6.80
CA THR B 166 -26.76 -16.96 -7.42
C THR B 166 -26.93 -18.02 -6.34
N GLU B 167 -26.00 -18.07 -5.38
CA GLU B 167 -26.01 -19.07 -4.27
C GLU B 167 -27.16 -18.76 -3.31
N LEU B 168 -27.36 -17.49 -2.95
CA LEU B 168 -28.39 -17.05 -1.98
C LEU B 168 -29.79 -17.37 -2.52
N ILE B 169 -30.01 -17.13 -3.81
CA ILE B 169 -31.36 -17.19 -4.44
C ILE B 169 -31.65 -18.60 -4.96
N HIS B 170 -30.71 -19.23 -5.67
CA HIS B 170 -30.99 -20.50 -6.39
C HIS B 170 -30.37 -21.72 -5.67
N ASN B 171 -29.18 -21.57 -5.09
CA ASN B 171 -28.50 -22.67 -4.34
C ASN B 171 -28.42 -23.92 -5.23
N PRO B 172 -27.63 -23.90 -6.33
CA PRO B 172 -27.62 -25.01 -7.28
C PRO B 172 -27.18 -26.33 -6.65
N PRO B 173 -27.84 -27.46 -7.02
CA PRO B 173 -27.62 -28.75 -6.35
C PRO B 173 -26.45 -29.58 -6.92
N TYR B 174 -25.53 -28.95 -7.65
CA TYR B 174 -24.31 -29.61 -8.21
C TYR B 174 -23.09 -28.73 -7.91
N ALA B 175 -21.92 -29.35 -7.81
CA ALA B 175 -20.70 -28.77 -7.20
C ALA B 175 -20.06 -27.72 -8.13
N ASP B 176 -19.88 -28.05 -9.40
CA ASP B 176 -19.04 -27.27 -10.35
C ASP B 176 -19.91 -26.35 -11.21
N TRP B 177 -20.84 -25.60 -10.59
CA TRP B 177 -21.55 -24.48 -11.25
C TRP B 177 -20.66 -23.23 -11.22
N GLN B 178 -20.91 -22.28 -12.13
CA GLN B 178 -20.07 -21.07 -12.33
C GLN B 178 -20.89 -19.96 -12.97
N CYS B 179 -20.58 -18.71 -12.63
CA CYS B 179 -21.11 -17.50 -13.29
C CYS B 179 -20.03 -16.93 -14.21
N CYS B 180 -20.47 -16.31 -15.32
CA CYS B 180 -19.61 -15.51 -16.23
C CYS B 180 -20.40 -14.26 -16.63
N LEU B 181 -19.88 -13.08 -16.33
CA LEU B 181 -20.52 -11.78 -16.67
C LEU B 181 -20.58 -11.64 -18.19
N ASN B 182 -21.48 -10.77 -18.66
CA ASN B 182 -21.98 -10.72 -20.05
C ASN B 182 -22.19 -9.27 -20.50
N ALA B 183 -22.32 -9.08 -21.81
CA ALA B 183 -22.82 -7.83 -22.44
C ALA B 183 -24.34 -7.90 -22.59
N GLY B 184 -24.99 -8.80 -21.83
CA GLY B 184 -26.46 -8.94 -21.77
C GLY B 184 -26.93 -10.30 -22.28
N SER B 185 -28.18 -10.65 -21.97
CA SER B 185 -28.83 -11.94 -22.34
C SER B 185 -28.86 -12.10 -23.87
N THR B 186 -28.98 -10.99 -24.61
CA THR B 186 -29.01 -11.02 -26.09
C THR B 186 -27.68 -11.60 -26.58
N TYR B 187 -26.57 -11.16 -26.01
CA TYR B 187 -25.21 -11.66 -26.35
C TYR B 187 -25.07 -13.07 -25.78
N GLY B 188 -25.53 -13.29 -24.55
CA GLY B 188 -25.55 -14.61 -23.90
C GLY B 188 -26.13 -15.66 -24.83
N TRP B 189 -27.34 -15.42 -25.33
CA TRP B 189 -28.14 -16.33 -26.19
C TRP B 189 -27.42 -16.56 -27.52
N ASP B 190 -26.92 -15.49 -28.16
CA ASP B 190 -26.16 -15.58 -29.44
C ASP B 190 -24.99 -16.55 -29.24
N THR B 191 -24.28 -16.49 -28.10
CA THR B 191 -23.02 -17.23 -27.88
C THR B 191 -23.29 -18.63 -27.31
N VAL B 192 -24.44 -18.90 -26.67
CA VAL B 192 -24.80 -20.31 -26.33
C VAL B 192 -25.33 -20.99 -27.61
N LEU B 193 -26.03 -20.25 -28.49
CA LEU B 193 -26.48 -20.77 -29.80
C LEU B 193 -25.25 -21.27 -30.58
N ARG B 194 -24.14 -20.52 -30.56
CA ARG B 194 -22.89 -20.86 -31.29
C ARG B 194 -22.19 -22.03 -30.62
N MET B 195 -22.38 -22.18 -29.30
CA MET B 195 -21.69 -23.16 -28.43
C MET B 195 -22.24 -24.57 -28.69
N LEU B 196 -23.57 -24.68 -28.88
CA LEU B 196 -24.32 -25.96 -28.86
C LEU B 196 -24.76 -26.36 -30.27
N CYS B 197 -25.10 -25.40 -31.13
CA CYS B 197 -25.77 -25.64 -32.43
C CYS B 197 -24.79 -25.55 -33.61
N THR B 198 -25.10 -26.24 -34.70
CA THR B 198 -24.43 -26.13 -36.02
C THR B 198 -25.50 -25.85 -37.09
N ARG B 199 -25.08 -25.38 -38.27
CA ARG B 199 -25.94 -25.13 -39.45
C ARG B 199 -26.71 -26.42 -39.77
N GLY B 200 -28.04 -26.37 -39.68
CA GLY B 200 -28.94 -27.50 -39.98
C GLY B 200 -29.30 -28.31 -38.74
N ASP B 201 -29.39 -27.64 -37.59
CA ASP B 201 -29.88 -28.24 -36.31
C ASP B 201 -31.23 -27.60 -35.95
N TYR B 202 -32.04 -28.33 -35.17
CA TYR B 202 -33.28 -27.82 -34.54
C TYR B 202 -32.99 -27.48 -33.07
N ILE B 203 -33.73 -26.51 -32.53
CA ILE B 203 -33.81 -26.23 -31.07
C ILE B 203 -35.30 -26.13 -30.71
N LEU B 204 -35.65 -26.36 -29.45
CA LEU B 204 -37.07 -26.39 -29.00
C LEU B 204 -37.41 -25.06 -28.33
N MET B 205 -38.49 -24.43 -28.79
CA MET B 205 -39.04 -23.17 -28.24
C MET B 205 -40.54 -23.34 -28.01
N GLU B 206 -41.12 -22.43 -27.22
CA GLU B 206 -42.58 -22.38 -26.93
C GLU B 206 -43.31 -21.88 -28.17
N GLU B 207 -44.56 -22.33 -28.37
CA GLU B 207 -45.45 -21.94 -29.49
C GLU B 207 -45.23 -20.46 -29.82
N TYR B 208 -45.46 -19.60 -28.83
CA TYR B 208 -45.24 -18.14 -28.89
C TYR B 208 -44.07 -17.79 -27.97
N THR B 209 -42.95 -17.38 -28.57
CA THR B 209 -41.70 -17.05 -27.83
C THR B 209 -41.29 -15.60 -28.07
N PHE B 210 -40.14 -15.26 -27.50
CA PHE B 210 -39.40 -13.99 -27.73
C PHE B 210 -38.94 -13.93 -29.18
N SER B 211 -39.29 -12.86 -29.90
CA SER B 211 -39.00 -12.66 -31.34
C SER B 211 -37.48 -12.58 -31.57
N SER B 212 -36.75 -11.88 -30.68
CA SER B 212 -35.28 -11.66 -30.81
C SER B 212 -34.54 -12.99 -30.65
N ALA B 213 -35.08 -13.91 -29.84
CA ALA B 213 -34.53 -15.26 -29.61
C ALA B 213 -34.56 -16.07 -30.92
N LYS B 214 -35.72 -16.09 -31.59
CA LYS B 214 -35.89 -16.73 -32.92
C LYS B 214 -35.04 -15.97 -33.94
N GLU B 215 -35.13 -14.64 -33.91
CA GLU B 215 -34.40 -13.71 -34.81
C GLU B 215 -32.90 -14.00 -34.73
N THR B 216 -32.39 -14.37 -33.55
CA THR B 216 -30.96 -14.69 -33.30
C THR B 216 -30.62 -16.05 -33.92
N ALA B 217 -31.57 -16.99 -33.91
CA ALA B 217 -31.34 -18.42 -34.24
C ALA B 217 -31.37 -18.64 -35.77
N LEU B 218 -32.32 -18.05 -36.49
CA LEU B 218 -32.60 -18.37 -37.92
C LEU B 218 -31.34 -18.16 -38.75
N PRO B 219 -30.80 -16.92 -38.86
CA PRO B 219 -29.61 -16.65 -39.68
C PRO B 219 -28.45 -17.67 -39.54
N LEU B 220 -28.44 -18.47 -38.47
CA LEU B 220 -27.35 -19.44 -38.19
C LEU B 220 -27.68 -20.80 -38.82
N GLY B 221 -28.89 -20.97 -39.35
CA GLY B 221 -29.36 -22.22 -39.98
C GLY B 221 -30.03 -23.13 -38.96
N VAL B 222 -30.29 -22.60 -37.76
CA VAL B 222 -31.00 -23.31 -36.66
C VAL B 222 -32.51 -23.19 -36.89
N LYS B 223 -33.18 -24.33 -37.10
CA LYS B 223 -34.66 -24.39 -37.25
C LYS B 223 -35.29 -24.52 -35.86
N VAL B 224 -36.59 -24.24 -35.76
CA VAL B 224 -37.35 -24.20 -34.47
C VAL B 224 -38.48 -25.23 -34.54
N ALA B 225 -38.43 -26.26 -33.69
CA ALA B 225 -39.54 -27.21 -33.43
C ALA B 225 -40.37 -26.69 -32.26
N SER B 226 -41.55 -26.13 -32.52
CA SER B 226 -42.44 -25.55 -31.48
C SER B 226 -43.04 -26.67 -30.62
N VAL B 227 -43.24 -26.38 -29.33
CA VAL B 227 -43.97 -27.28 -28.37
C VAL B 227 -45.07 -26.44 -27.71
N LYS B 228 -46.28 -27.00 -27.65
CA LYS B 228 -47.51 -26.26 -27.25
C LYS B 228 -47.42 -25.86 -25.78
N MET B 229 -48.27 -24.92 -25.35
CA MET B 229 -48.28 -24.34 -23.98
C MET B 229 -49.72 -24.03 -23.57
N ASP B 230 -49.95 -23.91 -22.26
CA ASP B 230 -51.24 -23.49 -21.67
C ASP B 230 -51.04 -22.13 -20.98
N ALA B 231 -52.06 -21.65 -20.27
CA ALA B 231 -52.05 -20.38 -19.51
C ALA B 231 -50.87 -20.38 -18.52
N GLU B 232 -50.36 -21.58 -18.19
CA GLU B 232 -49.24 -21.77 -17.23
C GLU B 232 -47.94 -22.06 -17.98
N GLY B 233 -47.98 -22.09 -19.31
CA GLY B 233 -46.77 -22.12 -20.18
C GLY B 233 -46.52 -23.48 -20.81
N LEU B 234 -45.26 -23.72 -21.20
CA LEU B 234 -44.73 -24.97 -21.82
C LEU B 234 -45.46 -26.19 -21.26
N LEU B 235 -45.96 -27.08 -22.12
CA LEU B 235 -46.61 -28.36 -21.72
C LEU B 235 -45.59 -29.50 -21.80
N PRO B 236 -45.34 -30.21 -20.68
CA PRO B 236 -44.39 -31.34 -20.69
C PRO B 236 -44.80 -32.45 -21.66
N GLU B 237 -46.11 -32.64 -21.84
CA GLU B 237 -46.67 -33.68 -22.74
C GLU B 237 -46.20 -33.41 -24.18
N SER B 238 -46.37 -32.17 -24.64
CA SER B 238 -45.99 -31.71 -26.00
C SER B 238 -44.49 -31.92 -26.20
N LEU B 239 -43.67 -31.47 -25.24
CA LEU B 239 -42.19 -31.60 -25.30
C LEU B 239 -41.84 -33.08 -25.48
N ASP B 240 -42.33 -33.94 -24.58
CA ASP B 240 -42.16 -35.42 -24.64
C ASP B 240 -42.59 -35.93 -26.03
N GLU B 241 -43.74 -35.46 -26.51
CA GLU B 241 -44.39 -35.93 -27.77
C GLU B 241 -43.52 -35.58 -28.97
N VAL B 242 -43.03 -34.34 -29.05
CA VAL B 242 -42.18 -33.85 -30.18
C VAL B 242 -40.89 -34.68 -30.22
N LEU B 243 -40.25 -34.88 -29.06
CA LEU B 243 -38.93 -35.57 -28.94
C LEU B 243 -39.10 -37.07 -29.17
N SER B 244 -40.18 -37.67 -28.66
CA SER B 244 -40.50 -39.11 -28.77
C SER B 244 -40.85 -39.45 -30.22
N ASN B 245 -41.53 -38.55 -30.93
CA ASN B 245 -42.07 -38.77 -32.29
C ASN B 245 -41.11 -38.22 -33.35
N TRP B 246 -39.89 -37.87 -32.95
CA TRP B 246 -38.89 -37.22 -33.85
C TRP B 246 -38.38 -38.23 -34.88
N ASP B 247 -38.50 -37.91 -36.16
CA ASP B 247 -37.86 -38.67 -37.27
C ASP B 247 -36.91 -37.75 -38.03
N GLU B 248 -35.63 -38.13 -38.05
CA GLU B 248 -34.52 -37.38 -38.71
C GLU B 248 -34.89 -37.09 -40.17
N ALA B 249 -35.46 -38.07 -40.86
CA ALA B 249 -35.75 -38.04 -42.31
C ALA B 249 -36.74 -36.90 -42.62
N SER B 250 -37.90 -36.92 -41.98
CA SER B 250 -39.01 -35.95 -42.22
C SER B 250 -38.55 -34.53 -41.90
N ARG B 251 -37.92 -34.34 -40.74
CA ARG B 251 -37.52 -33.01 -40.20
C ARG B 251 -36.28 -32.50 -40.94
N GLY B 252 -35.40 -33.43 -41.36
CA GLY B 252 -34.17 -33.12 -42.11
C GLY B 252 -32.97 -32.93 -41.20
N SER B 253 -33.14 -33.20 -39.90
CA SER B 253 -32.08 -33.02 -38.87
C SER B 253 -32.26 -34.02 -37.72
N ARG B 254 -31.27 -34.08 -36.82
CA ARG B 254 -31.23 -34.98 -35.64
C ARG B 254 -32.12 -34.41 -34.54
N LYS B 255 -32.62 -35.28 -33.65
CA LYS B 255 -33.38 -34.91 -32.43
C LYS B 255 -32.72 -33.68 -31.81
N PRO B 256 -33.48 -32.59 -31.56
CA PRO B 256 -32.93 -31.43 -30.86
C PRO B 256 -32.58 -31.80 -29.42
N PHE B 257 -31.57 -31.16 -28.84
CA PHE B 257 -31.11 -31.39 -27.45
C PHE B 257 -31.08 -30.06 -26.68
N VAL B 258 -31.50 -28.97 -27.32
CA VAL B 258 -31.55 -27.61 -26.70
C VAL B 258 -33.02 -27.18 -26.55
N LEU B 259 -33.38 -26.76 -25.34
CA LEU B 259 -34.71 -26.16 -25.03
C LEU B 259 -34.50 -24.71 -24.56
N TYR B 260 -35.06 -23.74 -25.30
CA TYR B 260 -35.14 -22.32 -24.89
C TYR B 260 -36.53 -22.07 -24.30
N THR B 261 -36.59 -21.57 -23.07
CA THR B 261 -37.85 -21.39 -22.31
C THR B 261 -37.72 -20.22 -21.34
N ILE B 262 -38.79 -19.42 -21.21
CA ILE B 262 -38.89 -18.29 -20.24
C ILE B 262 -39.88 -18.69 -19.13
N PRO B 263 -39.43 -19.46 -18.08
CA PRO B 263 -40.24 -20.01 -16.96
C PRO B 263 -41.16 -19.04 -16.21
N THR B 264 -40.72 -17.80 -16.02
CA THR B 264 -41.49 -16.75 -15.30
C THR B 264 -41.81 -15.61 -16.26
N GLY B 265 -43.04 -15.08 -16.20
CA GLY B 265 -43.50 -13.97 -17.06
C GLY B 265 -43.16 -14.23 -18.52
N GLN B 266 -43.56 -15.39 -19.04
CA GLN B 266 -43.25 -15.84 -20.42
C GLN B 266 -43.47 -14.69 -21.40
N ASN B 267 -42.49 -14.45 -22.27
CA ASN B 267 -42.53 -13.46 -23.36
C ASN B 267 -43.05 -14.16 -24.61
N PRO B 268 -44.24 -13.81 -25.13
CA PRO B 268 -45.04 -12.69 -24.64
C PRO B 268 -46.36 -12.98 -23.92
N THR B 269 -46.64 -14.27 -23.68
CA THR B 269 -47.90 -14.73 -23.05
C THR B 269 -48.02 -14.23 -21.61
N GLY B 270 -46.90 -14.22 -20.88
CA GLY B 270 -46.91 -13.81 -19.45
C GLY B 270 -47.19 -15.01 -18.56
N ALA B 271 -47.29 -16.19 -19.15
CA ALA B 271 -47.56 -17.45 -18.42
C ALA B 271 -46.36 -17.79 -17.55
N THR B 272 -46.60 -18.11 -16.28
CA THR B 272 -45.51 -18.47 -15.35
C THR B 272 -45.70 -19.92 -14.90
N GLN B 273 -44.68 -20.75 -15.07
CA GLN B 273 -44.75 -22.18 -14.68
C GLN B 273 -44.70 -22.29 -13.16
N GLN B 274 -45.59 -23.09 -12.58
CA GLN B 274 -45.57 -23.36 -11.12
C GLN B 274 -44.53 -24.47 -10.85
N LEU B 275 -44.14 -24.65 -9.60
CA LEU B 275 -43.07 -25.61 -9.24
C LEU B 275 -43.36 -26.98 -9.88
N GLU B 276 -44.63 -27.39 -9.89
CA GLU B 276 -45.07 -28.73 -10.36
C GLU B 276 -44.79 -28.88 -11.86
N ARG B 277 -45.04 -27.83 -12.66
CA ARG B 277 -44.80 -27.85 -14.13
C ARG B 277 -43.30 -27.97 -14.39
N ARG B 278 -42.48 -27.23 -13.64
CA ARG B 278 -41.00 -27.18 -13.82
C ARG B 278 -40.40 -28.55 -13.51
N LYS B 279 -40.80 -29.18 -12.40
CA LYS B 279 -40.35 -30.54 -12.01
C LYS B 279 -40.71 -31.52 -13.12
N ALA B 280 -41.93 -31.43 -13.66
CA ALA B 280 -42.42 -32.26 -14.78
C ALA B 280 -41.54 -32.03 -16.02
N VAL B 281 -41.31 -30.77 -16.36
CA VAL B 281 -40.47 -30.40 -17.55
C VAL B 281 -39.05 -30.96 -17.35
N TYR B 282 -38.50 -30.85 -16.14
CA TYR B 282 -37.12 -31.31 -15.85
C TYR B 282 -37.01 -32.83 -16.08
N LYS B 283 -38.04 -33.59 -15.72
CA LYS B 283 -38.12 -35.06 -15.92
C LYS B 283 -37.92 -35.38 -17.41
N VAL B 284 -38.68 -34.70 -18.28
CA VAL B 284 -38.66 -34.93 -19.75
C VAL B 284 -37.24 -34.63 -20.26
N ALA B 285 -36.65 -33.54 -19.78
CA ALA B 285 -35.30 -33.09 -20.18
C ALA B 285 -34.28 -34.15 -19.75
N GLN B 286 -34.55 -34.83 -18.64
CA GLN B 286 -33.69 -35.91 -18.11
C GLN B 286 -33.81 -37.12 -19.03
N LYS B 287 -35.03 -37.46 -19.41
CA LYS B 287 -35.33 -38.63 -20.27
C LYS B 287 -34.74 -38.47 -21.67
N HIS B 288 -34.87 -37.28 -22.26
CA HIS B 288 -34.41 -37.01 -23.66
C HIS B 288 -33.01 -36.39 -23.65
N ASP B 289 -32.45 -36.13 -22.46
CA ASP B 289 -31.08 -35.58 -22.28
C ASP B 289 -31.00 -34.20 -22.96
N LEU B 290 -31.86 -33.27 -22.56
CA LEU B 290 -31.92 -31.88 -23.07
C LEU B 290 -31.02 -30.97 -22.20
N ILE B 291 -30.44 -29.94 -22.81
CA ILE B 291 -29.87 -28.75 -22.11
C ILE B 291 -30.97 -27.69 -22.02
N ILE B 292 -31.31 -27.26 -20.79
CA ILE B 292 -32.36 -26.24 -20.53
C ILE B 292 -31.71 -24.85 -20.47
N VAL B 293 -31.97 -24.01 -21.47
CA VAL B 293 -31.60 -22.56 -21.46
C VAL B 293 -32.78 -21.79 -20.88
N GLU B 294 -32.73 -21.43 -19.59
CA GLU B 294 -33.78 -20.56 -18.99
C GLU B 294 -33.30 -19.10 -19.06
N ASP B 295 -33.94 -18.33 -19.94
CA ASP B 295 -33.80 -16.86 -20.08
C ASP B 295 -34.78 -16.22 -19.11
N GLU B 296 -34.31 -15.76 -17.95
CA GLU B 296 -35.21 -15.33 -16.84
C GLU B 296 -34.99 -13.86 -16.49
N PRO B 297 -35.43 -12.91 -17.36
CA PRO B 297 -35.28 -11.48 -17.05
C PRO B 297 -36.24 -10.96 -15.98
N TYR B 298 -37.43 -11.56 -15.85
CA TYR B 298 -38.50 -11.06 -14.95
C TYR B 298 -38.67 -11.97 -13.73
N TYR B 299 -37.66 -12.76 -13.41
CA TYR B 299 -37.71 -13.74 -12.31
C TYR B 299 -38.12 -13.04 -11.00
N PHE B 300 -37.64 -11.82 -10.75
CA PHE B 300 -37.92 -11.09 -9.48
C PHE B 300 -39.18 -10.24 -9.61
N LEU B 301 -39.91 -10.35 -10.73
CA LEU B 301 -41.19 -9.62 -10.93
C LEU B 301 -42.37 -10.53 -10.63
N GLN B 302 -42.23 -11.48 -9.69
CA GLN B 302 -43.35 -12.36 -9.28
C GLN B 302 -44.26 -11.58 -8.33
N MET B 303 -45.52 -11.39 -8.71
CA MET B 303 -46.50 -10.60 -7.92
C MET B 303 -47.60 -11.53 -7.41
N GLN B 304 -48.50 -11.00 -6.60
CA GLN B 304 -49.67 -11.74 -6.08
C GLN B 304 -50.68 -11.93 -7.21
N PRO B 305 -51.58 -12.93 -7.16
CA PRO B 305 -52.59 -13.12 -8.20
C PRO B 305 -53.53 -11.91 -8.22
N TYR B 306 -54.01 -11.54 -9.42
CA TYR B 306 -54.90 -10.37 -9.55
C TYR B 306 -56.20 -10.57 -8.75
N THR B 307 -56.65 -9.49 -8.12
CA THR B 307 -57.89 -9.43 -7.31
C THR B 307 -58.71 -8.19 -7.73
N GLY B 308 -59.92 -8.03 -7.21
CA GLY B 308 -60.77 -6.90 -7.64
C GLY B 308 -60.12 -5.55 -7.41
N PRO B 309 -59.46 -5.28 -6.26
CA PRO B 309 -58.82 -3.99 -6.02
C PRO B 309 -57.42 -3.87 -6.64
N PRO B 316 -44.56 -6.19 3.46
CA PRO B 316 -45.42 -7.37 3.42
C PRO B 316 -44.60 -8.65 3.47
N PRO B 317 -43.33 -8.64 3.02
CA PRO B 317 -42.46 -9.80 3.17
C PRO B 317 -41.70 -9.69 4.50
N ALA B 318 -42.00 -10.59 5.43
CA ALA B 318 -41.62 -10.51 6.87
C ALA B 318 -40.09 -10.42 7.01
N SER B 319 -39.35 -10.89 6.02
CA SER B 319 -37.86 -10.89 6.01
C SER B 319 -37.35 -11.15 4.60
N HIS B 320 -36.02 -11.03 4.41
CA HIS B 320 -35.36 -11.30 3.10
C HIS B 320 -35.41 -12.79 2.81
N ASP B 321 -35.37 -13.62 3.87
CA ASP B 321 -35.50 -15.09 3.75
C ASP B 321 -36.92 -15.40 3.28
N GLU B 322 -37.90 -14.65 3.79
CA GLU B 322 -39.34 -14.81 3.43
C GLU B 322 -39.51 -14.43 1.95
N PHE B 323 -38.92 -13.31 1.51
CA PHE B 323 -39.05 -12.83 0.12
C PHE B 323 -38.45 -13.87 -0.83
N ILE B 324 -37.28 -14.41 -0.50
CA ILE B 324 -36.58 -15.42 -1.33
C ILE B 324 -37.42 -16.70 -1.35
N LYS B 325 -38.01 -17.07 -0.21
CA LYS B 325 -38.85 -18.30 -0.12
C LYS B 325 -40.09 -18.15 -1.01
N SER B 326 -40.63 -16.94 -1.09
CA SER B 326 -41.88 -16.62 -1.83
C SER B 326 -41.69 -16.85 -3.33
N LEU B 327 -40.46 -16.73 -3.84
CA LEU B 327 -40.17 -16.88 -5.29
C LEU B 327 -40.28 -18.37 -5.68
N ILE B 328 -41.17 -18.69 -6.61
CA ILE B 328 -41.26 -20.03 -7.27
C ILE B 328 -39.85 -20.45 -7.71
N PRO B 329 -39.26 -21.57 -7.20
CA PRO B 329 -37.93 -22.05 -7.60
C PRO B 329 -37.65 -22.12 -9.11
N SER B 330 -36.39 -21.85 -9.51
CA SER B 330 -35.91 -21.86 -10.92
C SER B 330 -35.44 -23.27 -11.31
N TYR B 331 -35.16 -23.48 -12.60
CA TYR B 331 -34.65 -24.75 -13.17
C TYR B 331 -33.25 -25.04 -12.62
N LEU B 332 -32.45 -23.98 -12.46
CA LEU B 332 -31.07 -24.04 -11.88
C LEU B 332 -31.15 -24.65 -10.48
N SER B 333 -32.14 -24.25 -9.68
CA SER B 333 -32.43 -24.76 -8.31
C SER B 333 -32.64 -26.28 -8.34
N LEU B 334 -33.30 -26.79 -9.38
CA LEU B 334 -33.64 -28.24 -9.53
C LEU B 334 -32.54 -28.95 -10.32
N ASP B 335 -31.53 -28.21 -10.78
CA ASP B 335 -30.53 -28.72 -11.74
C ASP B 335 -29.59 -29.72 -11.05
N VAL B 336 -30.06 -30.96 -10.88
CA VAL B 336 -29.30 -32.08 -10.24
C VAL B 336 -28.24 -32.58 -11.22
N ASP B 337 -28.49 -32.46 -12.53
CA ASP B 337 -27.63 -33.05 -13.59
C ASP B 337 -26.64 -32.03 -14.14
N GLY B 338 -26.84 -30.73 -13.88
CA GLY B 338 -25.98 -29.67 -14.45
C GLY B 338 -26.26 -29.48 -15.93
N ARG B 339 -27.54 -29.61 -16.32
CA ARG B 339 -27.99 -29.52 -17.73
C ARG B 339 -28.64 -28.14 -17.98
N VAL B 340 -28.46 -27.18 -17.08
CA VAL B 340 -29.18 -25.87 -17.17
C VAL B 340 -28.19 -24.73 -17.40
N LEU B 341 -28.49 -23.89 -18.40
CA LEU B 341 -27.85 -22.56 -18.60
C LEU B 341 -28.88 -21.48 -18.27
N ARG B 342 -28.61 -20.68 -17.24
CA ARG B 342 -29.51 -19.61 -16.79
C ARG B 342 -28.96 -18.26 -17.27
N LEU B 343 -29.67 -17.60 -18.20
CA LEU B 343 -29.33 -16.24 -18.70
C LEU B 343 -29.97 -15.20 -17.77
N GLU B 344 -29.14 -14.47 -17.03
CA GLU B 344 -29.56 -13.37 -16.13
C GLU B 344 -29.07 -12.04 -16.71
N SER B 345 -29.82 -10.97 -16.48
CA SER B 345 -29.49 -9.59 -16.96
C SER B 345 -29.87 -8.57 -15.89
N PHE B 346 -29.31 -7.36 -16.00
CA PHE B 346 -29.61 -6.19 -15.14
C PHE B 346 -30.62 -5.29 -15.84
N SER B 347 -30.96 -5.61 -17.10
CA SER B 347 -31.82 -4.79 -17.98
C SER B 347 -33.16 -4.50 -17.31
N LYS B 348 -33.86 -5.54 -16.84
CA LYS B 348 -35.21 -5.35 -16.33
C LYS B 348 -35.20 -5.23 -14.81
N VAL B 349 -34.01 -5.04 -14.22
CA VAL B 349 -33.87 -4.98 -12.77
C VAL B 349 -33.28 -3.62 -12.36
N LEU B 350 -32.35 -3.07 -13.15
CA LEU B 350 -31.63 -1.81 -12.80
C LEU B 350 -31.53 -0.89 -14.02
N SER B 351 -31.09 -1.39 -15.18
CA SER B 351 -30.91 -0.58 -16.42
C SER B 351 -30.61 -1.47 -17.63
N PRO B 352 -31.44 -1.38 -18.70
CA PRO B 352 -31.11 -1.98 -19.99
C PRO B 352 -29.86 -1.32 -20.60
N GLY B 353 -29.64 -0.04 -20.27
CA GLY B 353 -28.53 0.78 -20.79
C GLY B 353 -27.18 0.19 -20.47
N SER B 354 -27.00 -0.29 -19.23
CA SER B 354 -25.71 -0.81 -18.69
C SER B 354 -25.18 -1.94 -19.57
N ARG B 355 -26.05 -2.62 -20.34
CA ARG B 355 -25.66 -3.77 -21.21
C ARG B 355 -24.81 -4.73 -20.39
N THR B 356 -25.30 -5.15 -19.22
CA THR B 356 -24.58 -6.04 -18.28
C THR B 356 -25.51 -7.15 -17.81
N GLY B 357 -25.06 -8.40 -17.94
CA GLY B 357 -25.76 -9.59 -17.44
C GLY B 357 -24.76 -10.67 -17.06
N TRP B 358 -25.22 -11.91 -16.92
CA TRP B 358 -24.33 -13.09 -16.69
C TRP B 358 -25.04 -14.37 -17.08
N ILE B 359 -24.24 -15.44 -17.23
CA ILE B 359 -24.72 -16.82 -17.50
C ILE B 359 -24.34 -17.70 -16.31
N VAL B 360 -25.25 -18.56 -15.89
CA VAL B 360 -25.01 -19.61 -14.84
C VAL B 360 -25.11 -20.98 -15.51
N GLY B 361 -24.09 -21.81 -15.36
CA GLY B 361 -24.01 -23.12 -16.01
C GLY B 361 -22.88 -23.98 -15.45
N PRO B 362 -22.79 -25.25 -15.85
CA PRO B 362 -21.67 -26.11 -15.47
C PRO B 362 -20.34 -25.57 -16.02
N GLU B 363 -19.28 -25.67 -15.21
CA GLU B 363 -17.92 -25.16 -15.50
C GLU B 363 -17.58 -25.35 -16.98
N GLN B 364 -17.77 -26.57 -17.50
CA GLN B 364 -17.30 -26.97 -18.85
C GLN B 364 -17.90 -26.10 -19.95
N LEU B 365 -19.19 -25.80 -19.85
CA LEU B 365 -19.94 -24.98 -20.84
C LEU B 365 -19.64 -23.49 -20.61
N VAL B 366 -19.60 -23.06 -19.35
CA VAL B 366 -19.26 -21.67 -18.93
C VAL B 366 -17.86 -21.33 -19.47
N GLU B 367 -16.92 -22.28 -19.38
CA GLU B 367 -15.52 -22.14 -19.86
C GLU B 367 -15.53 -21.92 -21.37
N ARG B 368 -16.38 -22.69 -22.08
CA ARG B 368 -16.54 -22.57 -23.55
C ARG B 368 -17.14 -21.20 -23.90
N PHE B 369 -18.11 -20.73 -23.12
CA PHE B 369 -18.77 -19.42 -23.34
C PHE B 369 -17.74 -18.28 -23.21
N MET B 370 -16.87 -18.40 -22.21
CA MET B 370 -15.83 -17.39 -21.87
C MET B 370 -14.87 -17.18 -23.05
N ARG B 371 -14.47 -18.25 -23.74
CA ARG B 371 -13.53 -18.17 -24.89
C ARG B 371 -14.17 -17.34 -26.01
N ASN B 372 -15.46 -17.56 -26.22
CA ASN B 372 -16.23 -16.82 -27.25
C ASN B 372 -16.24 -15.34 -26.85
N CYS B 373 -16.36 -15.04 -25.57
CA CYS B 373 -16.32 -13.63 -25.12
C CYS B 373 -14.94 -13.02 -25.43
N GLU B 374 -13.85 -13.77 -25.21
CA GLU B 374 -12.48 -13.25 -25.39
C GLU B 374 -12.26 -12.75 -26.83
N THR B 375 -12.80 -13.47 -27.82
CA THR B 375 -12.64 -13.06 -29.24
C THR B 375 -13.87 -12.27 -29.72
N GLY B 376 -14.79 -11.94 -28.80
CA GLY B 376 -16.02 -11.21 -29.15
C GLY B 376 -16.17 -9.91 -28.38
N ALA B 377 -17.18 -9.85 -27.52
CA ALA B 377 -17.54 -8.67 -26.68
C ALA B 377 -16.49 -8.35 -25.61
N GLN B 378 -15.65 -9.34 -25.25
CA GLN B 378 -14.55 -9.30 -24.23
C GLN B 378 -15.11 -9.32 -22.81
N HIS B 379 -15.91 -8.32 -22.49
CA HIS B 379 -16.55 -8.17 -21.15
C HIS B 379 -17.51 -6.99 -21.18
N PRO B 380 -18.49 -6.90 -20.25
CA PRO B 380 -19.33 -5.72 -20.20
C PRO B 380 -18.47 -4.51 -19.83
N SER B 381 -18.88 -3.30 -20.26
CA SER B 381 -18.17 -2.02 -20.05
C SER B 381 -17.69 -1.92 -18.60
N GLY B 382 -16.41 -1.55 -18.42
CA GLY B 382 -15.77 -1.36 -17.11
C GLY B 382 -16.48 -0.29 -16.28
N ILE B 383 -16.90 0.81 -16.91
CA ILE B 383 -17.63 1.89 -16.17
C ILE B 383 -18.97 1.33 -15.69
N SER B 384 -19.64 0.53 -16.53
CA SER B 384 -20.88 -0.18 -16.15
C SER B 384 -20.62 -1.02 -14.90
N GLN B 385 -19.54 -1.80 -14.91
CA GLN B 385 -19.18 -2.76 -13.82
C GLN B 385 -18.95 -2.01 -12.52
N ILE B 386 -18.18 -0.90 -12.54
CA ILE B 386 -17.76 -0.21 -11.29
C ILE B 386 -18.97 0.52 -10.68
N VAL B 387 -19.89 1.02 -11.50
CA VAL B 387 -21.13 1.71 -11.04
C VAL B 387 -22.06 0.69 -10.38
N LEU B 388 -22.21 -0.49 -10.99
CA LEU B 388 -23.06 -1.60 -10.46
C LEU B 388 -22.46 -2.11 -9.15
N PHE B 389 -21.14 -2.28 -9.09
CA PHE B 389 -20.41 -2.81 -7.90
C PHE B 389 -20.54 -1.81 -6.75
N LYS B 390 -20.39 -0.52 -7.03
CA LYS B 390 -20.53 0.49 -5.94
C LYS B 390 -21.96 0.44 -5.40
N LEU B 391 -22.96 0.38 -6.27
CA LEU B 391 -24.36 0.34 -5.78
C LEU B 391 -24.71 -0.98 -5.09
N LEU B 392 -24.42 -2.10 -5.74
CA LEU B 392 -24.78 -3.45 -5.21
C LEU B 392 -23.90 -3.93 -4.06
N ASP B 393 -22.59 -3.76 -4.15
CA ASP B 393 -21.66 -4.35 -3.14
C ASP B 393 -21.46 -3.37 -1.98
N GLU B 394 -21.00 -2.15 -2.25
CA GLU B 394 -20.56 -1.19 -1.20
C GLU B 394 -21.77 -0.54 -0.53
N HIS B 395 -22.71 0.02 -1.30
CA HIS B 395 -23.85 0.81 -0.76
C HIS B 395 -24.97 -0.13 -0.30
N TRP B 396 -25.76 -0.66 -1.24
CA TRP B 396 -26.96 -1.48 -0.95
C TRP B 396 -26.57 -2.73 -0.16
N GLY B 397 -25.67 -3.55 -0.71
CA GLY B 397 -25.40 -4.92 -0.22
C GLY B 397 -26.48 -5.86 -0.69
N HIS B 398 -26.47 -7.11 -0.24
CA HIS B 398 -27.49 -8.13 -0.60
C HIS B 398 -28.84 -7.72 0.00
N SER B 399 -28.85 -7.16 1.22
CA SER B 399 -30.07 -6.65 1.91
C SER B 399 -30.72 -5.55 1.08
N GLY B 400 -29.96 -4.48 0.77
CA GLY B 400 -30.44 -3.30 0.04
C GLY B 400 -30.93 -3.64 -1.34
N TYR B 401 -30.25 -4.57 -2.01
CA TYR B 401 -30.61 -5.04 -3.38
C TYR B 401 -31.95 -5.76 -3.33
N LEU B 402 -32.12 -6.67 -2.36
CA LEU B 402 -33.38 -7.42 -2.19
C LEU B 402 -34.50 -6.44 -1.81
N ASP B 403 -34.18 -5.45 -0.98
CA ASP B 403 -35.13 -4.37 -0.59
C ASP B 403 -35.62 -3.67 -1.87
N TRP B 404 -34.72 -3.43 -2.83
CA TRP B 404 -35.03 -2.73 -4.10
C TRP B 404 -35.92 -3.62 -4.99
N LEU B 405 -35.70 -4.93 -4.98
CA LEU B 405 -36.47 -5.90 -5.82
C LEU B 405 -37.89 -6.06 -5.25
N ILE B 406 -38.03 -6.07 -3.91
CA ILE B 406 -39.36 -6.04 -3.22
C ILE B 406 -40.12 -4.81 -3.73
N ASN B 407 -39.48 -3.63 -3.70
CA ASN B 407 -40.09 -2.35 -4.16
C ASN B 407 -40.51 -2.48 -5.63
N LEU B 408 -39.69 -3.16 -6.44
CA LEU B 408 -39.93 -3.38 -7.89
C LEU B 408 -41.13 -4.32 -8.06
N ARG B 409 -41.28 -5.28 -7.14
CA ARG B 409 -42.45 -6.21 -7.08
C ARG B 409 -43.70 -5.40 -6.72
N MET B 410 -43.62 -4.55 -5.69
CA MET B 410 -44.75 -3.68 -5.24
C MET B 410 -45.16 -2.74 -6.37
N GLN B 411 -44.18 -2.17 -7.10
CA GLN B 411 -44.42 -1.20 -8.20
C GLN B 411 -45.21 -1.88 -9.33
N TYR B 412 -44.66 -2.96 -9.88
CA TYR B 412 -45.17 -3.65 -11.10
C TYR B 412 -46.51 -4.34 -10.80
N THR B 413 -46.83 -4.51 -9.52
CA THR B 413 -48.12 -5.05 -9.02
C THR B 413 -49.22 -4.03 -9.29
N GLY B 414 -49.01 -2.77 -8.86
CA GLY B 414 -49.92 -1.64 -9.11
C GLY B 414 -50.22 -1.47 -10.59
N ARG B 415 -49.19 -1.63 -11.42
CA ARG B 415 -49.29 -1.48 -12.91
C ARG B 415 -50.04 -2.67 -13.48
N ARG B 416 -49.81 -3.87 -12.94
CA ARG B 416 -50.48 -5.12 -13.40
C ARG B 416 -51.99 -4.96 -13.20
N ASP B 417 -52.40 -4.42 -12.05
CA ASP B 417 -53.83 -4.21 -11.70
C ASP B 417 -54.45 -3.25 -12.72
N ALA B 418 -53.75 -2.14 -13.00
CA ALA B 418 -54.27 -1.04 -13.85
C ALA B 418 -54.56 -1.57 -15.26
N ILE B 419 -53.68 -2.38 -15.84
CA ILE B 419 -53.88 -2.87 -17.25
C ILE B 419 -55.06 -3.83 -17.27
N VAL B 420 -55.23 -4.69 -16.26
CA VAL B 420 -56.37 -5.66 -16.23
C VAL B 420 -57.67 -4.91 -15.90
N ASN B 421 -57.63 -3.95 -14.98
CA ASN B 421 -58.84 -3.14 -14.62
C ASN B 421 -59.32 -2.42 -15.87
N ALA B 422 -58.41 -1.79 -16.61
CA ALA B 422 -58.70 -1.02 -17.84
C ALA B 422 -59.23 -1.96 -18.92
N CYS B 423 -58.63 -3.15 -19.05
CA CYS B 423 -58.97 -4.15 -20.09
C CYS B 423 -60.45 -4.55 -19.98
N GLU B 424 -60.93 -4.83 -18.77
CA GLU B 424 -62.33 -5.32 -18.63
C GLU B 424 -63.34 -4.17 -18.48
N LYS B 425 -62.86 -2.95 -18.26
CA LYS B 425 -63.76 -1.78 -18.10
C LYS B 425 -63.92 -1.07 -19.45
N TYR B 426 -63.06 -1.38 -20.41
CA TYR B 426 -63.11 -0.70 -21.74
C TYR B 426 -63.18 -1.69 -22.91
N LEU B 427 -62.39 -2.75 -22.87
CA LEU B 427 -62.28 -3.72 -23.99
C LEU B 427 -63.59 -4.47 -24.26
N PRO B 428 -63.90 -4.81 -25.53
CA PRO B 428 -65.12 -5.55 -25.86
C PRO B 428 -64.88 -7.01 -25.46
N LYS B 429 -65.67 -7.47 -24.49
CA LYS B 429 -65.56 -8.83 -23.89
C LYS B 429 -66.09 -9.90 -24.86
N GLU B 430 -66.83 -9.49 -25.91
CA GLU B 430 -67.39 -10.41 -26.93
C GLU B 430 -66.30 -10.75 -27.95
N ILE B 431 -65.22 -9.97 -28.00
CA ILE B 431 -64.15 -10.08 -29.04
C ILE B 431 -62.79 -10.35 -28.38
N ALA B 432 -62.56 -9.79 -27.18
CA ALA B 432 -61.26 -9.87 -26.48
C ALA B 432 -61.36 -10.78 -25.26
N LYS B 433 -60.39 -11.68 -25.09
CA LYS B 433 -60.28 -12.60 -23.94
C LYS B 433 -58.83 -12.55 -23.45
N TRP B 434 -58.61 -12.67 -22.13
CA TRP B 434 -57.26 -12.55 -21.54
C TRP B 434 -57.22 -13.17 -20.14
N ASN B 435 -56.07 -13.73 -19.78
CA ASN B 435 -55.75 -14.20 -18.42
C ASN B 435 -54.91 -13.13 -17.74
N PRO B 436 -55.29 -12.64 -16.55
CA PRO B 436 -54.43 -11.72 -15.81
C PRO B 436 -53.15 -12.48 -15.42
N PRO B 437 -51.95 -11.88 -15.61
CA PRO B 437 -50.64 -12.51 -15.37
C PRO B 437 -50.19 -12.43 -13.91
N ALA B 438 -49.38 -13.39 -13.43
CA ALA B 438 -48.90 -13.47 -12.03
C ALA B 438 -47.54 -12.81 -11.90
N ALA B 439 -46.70 -12.91 -12.94
CA ALA B 439 -45.33 -12.36 -12.96
C ALA B 439 -45.02 -11.79 -14.34
N GLY B 440 -44.10 -10.82 -14.41
CA GLY B 440 -43.64 -10.22 -15.68
C GLY B 440 -44.17 -8.82 -15.88
N MET B 441 -44.12 -8.35 -17.13
CA MET B 441 -44.57 -6.99 -17.51
C MET B 441 -45.40 -7.06 -18.80
N PHE B 442 -45.84 -8.27 -19.17
CA PHE B 442 -46.60 -8.51 -20.43
C PHE B 442 -48.01 -9.02 -20.09
N HIS B 443 -48.95 -8.58 -20.92
CA HIS B 443 -50.40 -8.93 -20.88
C HIS B 443 -50.73 -9.55 -22.25
N TRP B 444 -51.33 -10.74 -22.25
CA TRP B 444 -51.67 -11.45 -23.51
C TRP B 444 -53.18 -11.38 -23.73
N ILE B 445 -53.58 -10.78 -24.86
CA ILE B 445 -55.02 -10.58 -25.20
C ILE B 445 -55.37 -11.39 -26.46
N GLU B 446 -56.36 -12.28 -26.35
CA GLU B 446 -56.83 -13.12 -27.49
C GLU B 446 -57.89 -12.35 -28.25
N ILE B 447 -57.87 -12.43 -29.59
CA ILE B 447 -58.91 -11.74 -30.40
C ILE B 447 -59.62 -12.76 -31.30
N ASP B 448 -60.95 -12.86 -31.18
CA ASP B 448 -61.77 -13.73 -32.05
C ASP B 448 -61.82 -13.12 -33.44
N TRP B 449 -60.77 -13.33 -34.25
CA TRP B 449 -60.59 -12.69 -35.58
C TRP B 449 -61.71 -13.11 -36.55
N GLN B 450 -62.44 -14.20 -36.23
CA GLN B 450 -63.45 -14.78 -37.15
C GLN B 450 -64.81 -14.13 -36.92
N LYS B 451 -64.94 -13.30 -35.89
CA LYS B 451 -66.19 -12.57 -35.55
C LYS B 451 -66.15 -11.17 -36.18
N HIS B 452 -65.47 -11.06 -37.31
CA HIS B 452 -65.36 -9.79 -38.08
C HIS B 452 -65.67 -10.14 -39.55
N PRO B 453 -66.27 -9.23 -40.36
CA PRO B 453 -66.61 -9.53 -41.76
C PRO B 453 -65.51 -10.10 -42.68
N ALA B 454 -65.16 -11.38 -42.48
CA ALA B 454 -64.14 -12.10 -43.27
C ALA B 454 -64.84 -12.98 -44.31
N VAL B 455 -66.17 -12.87 -44.39
CA VAL B 455 -66.98 -13.64 -45.36
C VAL B 455 -66.59 -13.24 -46.79
N ALA B 456 -66.31 -11.95 -47.01
CA ALA B 456 -65.99 -11.47 -48.36
C ALA B 456 -64.69 -10.66 -48.40
N SER B 457 -64.18 -10.44 -49.61
CA SER B 457 -62.95 -9.65 -49.92
C SER B 457 -61.70 -10.28 -49.32
N GLY B 458 -60.93 -9.50 -48.56
CA GLY B 458 -59.65 -9.98 -47.99
C GLY B 458 -59.84 -10.81 -46.74
N LYS B 459 -60.13 -12.10 -46.93
CA LYS B 459 -60.36 -13.07 -45.82
C LYS B 459 -59.03 -13.69 -45.36
N SER B 460 -58.07 -12.86 -44.97
CA SER B 460 -56.74 -13.35 -44.50
C SER B 460 -56.57 -12.95 -43.05
N ARG B 461 -56.30 -13.92 -42.17
CA ARG B 461 -56.18 -13.60 -40.72
C ARG B 461 -55.10 -12.54 -40.53
N GLU B 462 -54.02 -12.64 -41.32
CA GLU B 462 -52.86 -11.70 -41.27
C GLU B 462 -53.35 -10.28 -41.59
N ALA B 463 -54.29 -10.14 -42.53
CA ALA B 463 -54.85 -8.84 -42.99
C ALA B 463 -55.57 -8.15 -41.83
N ILE B 464 -56.39 -8.89 -41.07
CA ILE B 464 -57.12 -8.37 -39.87
C ILE B 464 -56.08 -7.93 -38.84
N GLU B 465 -54.96 -8.67 -38.75
CA GLU B 465 -53.87 -8.44 -37.77
C GLU B 465 -53.23 -7.06 -38.04
N GLU B 466 -52.67 -6.88 -39.25
CA GLU B 466 -52.05 -5.61 -39.70
C GLU B 466 -53.04 -4.46 -39.49
N ALA B 467 -54.30 -4.67 -39.87
CA ALA B 467 -55.42 -3.69 -39.75
C ALA B 467 -55.59 -3.30 -38.28
N VAL B 468 -55.69 -4.29 -37.39
CA VAL B 468 -55.95 -4.10 -35.93
C VAL B 468 -54.78 -3.32 -35.31
N PHE B 469 -53.53 -3.65 -35.69
CA PHE B 469 -52.30 -2.97 -35.22
C PHE B 469 -52.30 -1.53 -35.71
N HIS B 470 -52.35 -1.33 -37.03
CA HIS B 470 -52.29 0.00 -37.69
C HIS B 470 -53.43 0.90 -37.19
N ALA B 471 -54.59 0.32 -36.88
CA ALA B 471 -55.78 1.04 -36.36
C ALA B 471 -55.50 1.53 -34.93
N ALA B 472 -54.58 0.86 -34.22
CA ALA B 472 -54.23 1.15 -32.81
C ALA B 472 -53.30 2.37 -32.74
N VAL B 473 -52.26 2.42 -33.58
CA VAL B 473 -51.29 3.55 -33.63
C VAL B 473 -52.07 4.83 -33.94
N ASN B 474 -53.01 4.74 -34.89
CA ASN B 474 -53.81 5.89 -35.39
C ASN B 474 -54.71 6.45 -34.28
N ASN B 475 -55.16 5.60 -33.34
CA ASN B 475 -55.86 6.08 -32.11
C ASN B 475 -54.83 6.23 -30.99
N GLY B 476 -53.54 6.10 -31.33
CA GLY B 476 -52.40 6.53 -30.50
C GLY B 476 -52.02 5.51 -29.45
N VAL B 477 -51.90 4.24 -29.82
CA VAL B 477 -51.48 3.15 -28.90
C VAL B 477 -50.54 2.20 -29.66
N LEU B 478 -49.39 1.87 -29.07
CA LEU B 478 -48.43 0.89 -29.65
C LEU B 478 -48.62 -0.44 -28.95
N VAL B 479 -48.77 -1.52 -29.72
CA VAL B 479 -48.91 -2.91 -29.19
C VAL B 479 -48.04 -3.83 -30.06
N SER B 480 -47.73 -5.02 -29.57
CA SER B 480 -46.89 -6.01 -30.30
C SER B 480 -47.79 -7.03 -30.98
N ARG B 481 -47.54 -7.30 -32.26
CA ARG B 481 -48.32 -8.24 -33.10
C ARG B 481 -47.98 -9.69 -32.70
N GLY B 482 -48.99 -10.44 -32.22
CA GLY B 482 -48.85 -11.85 -31.84
C GLY B 482 -48.04 -12.64 -32.86
N SER B 483 -48.16 -12.30 -34.15
CA SER B 483 -47.54 -13.03 -35.28
C SER B 483 -46.01 -12.96 -35.23
N TRP B 484 -45.45 -11.89 -34.65
CA TRP B 484 -43.97 -11.71 -34.53
C TRP B 484 -43.40 -12.79 -33.59
N PHE B 485 -44.22 -13.30 -32.67
CA PHE B 485 -43.80 -14.18 -31.56
C PHE B 485 -44.00 -15.65 -31.92
N THR B 486 -44.63 -15.93 -33.07
CA THR B 486 -44.91 -17.33 -33.52
C THR B 486 -43.61 -17.99 -33.98
N ALA B 487 -43.29 -19.15 -33.41
CA ALA B 487 -42.15 -20.02 -33.78
C ALA B 487 -42.55 -20.89 -34.97
N ALA B 488 -43.83 -20.83 -35.35
CA ALA B 488 -44.46 -21.62 -36.43
C ALA B 488 -44.68 -23.05 -35.95
N ASN B 491 -49.39 -21.70 -38.09
CA ASN B 491 -50.80 -22.17 -37.99
C ASN B 491 -51.71 -20.96 -37.75
N GLU B 492 -52.75 -20.81 -38.56
CA GLU B 492 -53.67 -19.65 -38.39
C GLU B 492 -54.91 -20.07 -37.61
N GLY B 493 -55.00 -19.61 -36.35
CA GLY B 493 -56.13 -19.86 -35.45
C GLY B 493 -56.60 -18.55 -34.85
N ASN B 494 -56.55 -18.44 -33.52
CA ASN B 494 -56.93 -17.17 -32.86
C ASN B 494 -55.76 -16.17 -32.96
N LEU B 495 -56.04 -14.87 -32.83
CA LEU B 495 -54.97 -13.84 -32.92
C LEU B 495 -54.79 -13.17 -31.55
N PHE B 496 -53.54 -12.88 -31.19
CA PHE B 496 -53.24 -12.24 -29.88
C PHE B 496 -52.46 -10.95 -30.10
N PHE B 497 -52.47 -10.08 -29.09
CA PHE B 497 -51.72 -8.81 -29.04
C PHE B 497 -50.98 -8.73 -27.71
N ARG B 498 -49.71 -8.32 -27.73
CA ARG B 498 -48.91 -8.17 -26.50
C ARG B 498 -48.96 -6.71 -26.07
N ALA B 499 -49.28 -6.46 -24.80
CA ALA B 499 -49.39 -5.10 -24.22
C ALA B 499 -48.65 -5.05 -22.89
N THR B 500 -47.46 -4.45 -22.87
CA THR B 500 -46.63 -4.35 -21.64
C THR B 500 -47.23 -3.28 -20.73
N PHE B 501 -47.00 -3.39 -19.43
CA PHE B 501 -47.42 -2.36 -18.43
C PHE B 501 -46.18 -1.76 -17.79
N ALA B 502 -45.02 -1.94 -18.43
CA ALA B 502 -43.72 -1.39 -17.98
C ALA B 502 -43.42 -0.07 -18.69
N ALA B 503 -43.73 0.02 -19.99
CA ALA B 503 -43.24 1.06 -20.92
C ALA B 503 -43.86 2.43 -20.59
N ALA B 504 -45.17 2.48 -20.33
CA ALA B 504 -45.95 3.73 -20.20
C ALA B 504 -46.12 4.13 -18.74
N SER B 505 -46.19 5.44 -18.47
CA SER B 505 -46.48 6.02 -17.13
C SER B 505 -47.72 5.35 -16.55
N SER B 506 -47.76 5.14 -15.23
CA SER B 506 -48.86 4.42 -14.53
C SER B 506 -50.20 5.09 -14.86
N GLU B 507 -50.26 6.42 -14.83
CA GLU B 507 -51.49 7.21 -15.11
C GLU B 507 -52.00 6.88 -16.52
N ASN B 508 -51.08 6.65 -17.47
CA ASN B 508 -51.38 6.52 -18.93
C ASN B 508 -51.88 5.10 -19.26
N ILE B 509 -51.75 4.14 -18.33
CA ILE B 509 -52.09 2.71 -18.61
C ILE B 509 -53.57 2.63 -19.00
N ALA B 510 -54.46 3.25 -18.21
CA ALA B 510 -55.93 3.26 -18.43
C ALA B 510 -56.24 3.88 -19.80
N GLU B 511 -55.73 5.10 -20.06
CA GLU B 511 -55.99 5.86 -21.31
C GLU B 511 -55.59 5.01 -22.52
N ALA B 512 -54.47 4.29 -22.44
CA ALA B 512 -53.90 3.48 -23.54
C ALA B 512 -54.85 2.33 -23.90
N ILE B 513 -55.36 1.60 -22.91
CA ILE B 513 -56.26 0.42 -23.13
C ILE B 513 -57.58 0.91 -23.74
N ALA B 514 -58.14 1.99 -23.21
CA ALA B 514 -59.34 2.67 -23.76
C ALA B 514 -59.08 2.96 -25.25
N ARG B 515 -58.00 3.67 -25.57
CA ARG B 515 -57.59 4.02 -26.95
C ARG B 515 -57.59 2.75 -27.81
N PHE B 516 -57.06 1.64 -27.26
CA PHE B 516 -56.98 0.32 -27.95
C PHE B 516 -58.40 -0.27 -28.07
N ALA B 517 -59.20 -0.14 -27.01
CA ALA B 517 -60.61 -0.60 -26.96
C ALA B 517 -61.39 0.08 -28.10
N THR B 518 -61.21 1.39 -28.26
CA THR B 518 -61.82 2.22 -29.34
C THR B 518 -61.41 1.65 -30.70
N ALA B 519 -60.10 1.42 -30.89
CA ALA B 519 -59.52 0.85 -32.13
C ALA B 519 -60.25 -0.45 -32.47
N LEU B 520 -60.35 -1.37 -31.51
CA LEU B 520 -61.02 -2.68 -31.67
C LEU B 520 -62.44 -2.47 -32.20
N ARG B 521 -63.22 -1.64 -31.50
CA ARG B 521 -64.66 -1.38 -31.82
C ARG B 521 -64.77 -0.84 -33.24
N THR B 522 -63.97 0.17 -33.59
CA THR B 522 -63.97 0.79 -34.95
C THR B 522 -63.68 -0.29 -35.98
N GLU B 523 -62.53 -0.96 -35.86
CA GLU B 523 -62.05 -2.00 -36.81
C GLU B 523 -63.07 -3.14 -36.87
N PHE B 524 -63.60 -3.55 -35.72
CA PHE B 524 -64.65 -4.60 -35.64
C PHE B 524 -66.02 -3.92 -35.66
N SER B 525 -66.40 -3.37 -36.82
CA SER B 525 -67.65 -2.59 -37.01
C SER B 525 -68.08 -2.62 -38.48
N LEU B 526 -69.26 -2.05 -38.75
CA LEU B 526 -69.82 -1.82 -40.10
C LEU B 526 -68.68 -1.65 -41.10
N PRO C 16 15.10 -28.66 22.17
CA PRO C 16 14.82 -27.27 22.55
C PRO C 16 15.09 -27.03 24.05
N LEU C 17 15.54 -25.83 24.39
CA LEU C 17 15.90 -25.44 25.78
C LEU C 17 14.62 -25.09 26.55
N THR C 18 14.47 -25.68 27.74
CA THR C 18 13.36 -25.43 28.70
C THR C 18 13.96 -24.94 30.01
N ILE C 19 13.13 -24.52 30.97
CA ILE C 19 13.58 -23.94 32.27
C ILE C 19 14.50 -24.95 32.98
N ASP C 20 14.18 -26.24 32.89
CA ASP C 20 14.88 -27.32 33.64
C ASP C 20 16.21 -27.65 32.97
N GLY C 21 16.44 -27.14 31.75
CA GLY C 21 17.66 -27.39 30.96
C GLY C 21 18.71 -26.30 31.11
N ILE C 22 18.40 -25.25 31.89
CA ILE C 22 19.30 -24.06 32.05
C ILE C 22 20.44 -24.41 33.03
N ALA C 23 20.10 -24.90 34.22
CA ALA C 23 21.06 -25.23 35.30
C ALA C 23 22.23 -26.05 34.73
N ASP C 24 21.95 -26.94 33.78
CA ASP C 24 22.95 -27.85 33.17
C ASP C 24 23.64 -27.14 32.01
N LEU C 25 22.91 -26.30 31.28
CA LEU C 25 23.45 -25.45 30.19
C LEU C 25 24.57 -24.57 30.75
N ARG C 26 24.35 -24.00 31.93
CA ARG C 26 25.27 -23.05 32.61
C ARG C 26 26.50 -23.80 33.13
N ALA C 27 26.31 -25.02 33.64
CA ALA C 27 27.39 -25.86 34.21
C ALA C 27 28.36 -26.27 33.10
N LYS C 28 27.85 -26.55 31.89
CA LYS C 28 28.63 -27.05 30.73
C LYS C 28 29.09 -25.87 29.87
N SER C 29 28.83 -24.63 30.32
CA SER C 29 29.18 -23.38 29.60
C SER C 29 30.37 -22.69 30.27
N ALA C 30 31.26 -22.09 29.47
CA ALA C 30 32.43 -21.31 29.93
C ALA C 30 31.99 -20.34 31.02
N PRO C 31 32.83 -20.06 32.04
CA PRO C 31 32.42 -19.24 33.18
C PRO C 31 32.12 -17.79 32.78
N ILE C 32 31.33 -17.09 33.61
CA ILE C 32 31.07 -15.63 33.49
C ILE C 32 32.37 -14.87 33.79
N PRO C 33 32.76 -13.89 32.95
CA PRO C 33 33.93 -13.05 33.25
C PRO C 33 33.58 -11.97 34.28
N THR C 34 34.11 -12.09 35.49
CA THR C 34 33.82 -11.22 36.66
C THR C 34 34.54 -9.87 36.51
N GLY C 35 35.40 -9.75 35.49
CA GLY C 35 36.23 -8.55 35.24
C GLY C 35 35.38 -7.33 34.95
N VAL C 36 36.04 -6.16 34.77
CA VAL C 36 35.40 -4.86 34.45
C VAL C 36 35.24 -4.75 32.92
N ALA C 37 34.11 -4.22 32.47
CA ALA C 37 33.79 -4.01 31.04
C ALA C 37 34.22 -5.24 30.24
N PRO C 38 33.72 -6.45 30.61
CA PRO C 38 34.09 -7.68 29.91
C PRO C 38 33.41 -7.78 28.53
N GLY C 39 34.13 -8.28 27.53
CA GLY C 39 33.58 -8.57 26.19
C GLY C 39 32.76 -9.85 26.20
N THR C 40 31.58 -9.83 25.57
CA THR C 40 30.69 -11.02 25.42
C THR C 40 29.87 -10.93 24.14
N SER C 41 29.01 -11.94 23.95
CA SER C 41 27.91 -12.00 22.96
C SER C 41 26.95 -13.11 23.40
N SER C 42 25.84 -13.28 22.68
CA SER C 42 24.81 -14.32 22.96
C SER C 42 25.40 -15.72 22.74
N ASP C 43 26.42 -15.81 21.89
CA ASP C 43 27.05 -17.10 21.47
C ASP C 43 27.78 -17.75 22.66
N MET C 44 27.87 -17.04 23.78
CA MET C 44 28.48 -17.56 25.04
C MET C 44 27.39 -18.18 25.92
N PHE C 45 26.11 -17.94 25.58
CA PHE C 45 24.94 -18.32 26.42
C PHE C 45 23.94 -19.17 25.63
N LYS C 46 24.07 -19.28 24.31
CA LYS C 46 23.15 -20.08 23.45
C LYS C 46 23.44 -21.57 23.63
N SER C 47 22.39 -22.42 23.48
CA SER C 47 22.48 -23.90 23.55
C SER C 47 23.03 -24.43 22.23
N PRO C 48 23.64 -25.64 22.20
CA PRO C 48 24.22 -26.18 20.98
C PRO C 48 23.14 -26.50 19.94
N SER C 49 21.87 -26.56 20.38
CA SER C 49 20.67 -26.70 19.51
C SER C 49 20.71 -25.61 18.43
N CYS C 50 20.88 -24.36 18.84
CA CYS C 50 20.90 -23.15 17.98
C CYS C 50 21.77 -23.37 16.74
N TYR C 51 22.90 -24.07 16.89
CA TYR C 51 24.01 -24.09 15.89
C TYR C 51 23.77 -25.13 14.79
N THR C 52 22.80 -26.03 14.97
CA THR C 52 22.43 -27.05 13.96
C THR C 52 21.58 -26.40 12.85
N LYS C 53 20.98 -25.24 13.17
CA LYS C 53 20.03 -24.52 12.28
C LYS C 53 20.80 -23.70 11.25
N PRO C 54 20.22 -23.44 10.06
CA PRO C 54 20.88 -22.65 9.02
C PRO C 54 21.18 -21.21 9.46
N LYS C 55 22.21 -20.61 8.85
CA LYS C 55 22.61 -19.21 9.08
C LYS C 55 21.63 -18.28 8.38
N ALA C 56 21.56 -17.03 8.81
CA ALA C 56 20.64 -16.00 8.28
C ALA C 56 21.13 -15.53 6.91
N LYS C 57 20.26 -14.86 6.16
CA LYS C 57 20.57 -14.21 4.86
C LYS C 57 21.52 -13.05 5.14
N ARG C 58 22.31 -12.63 4.16
CA ARG C 58 23.16 -11.43 4.32
C ARG C 58 22.35 -10.20 3.87
N TRP C 59 22.61 -9.05 4.48
CA TRP C 59 21.84 -7.80 4.24
C TRP C 59 22.77 -6.63 3.96
N ASP C 60 23.82 -6.80 3.15
CA ASP C 60 24.79 -5.71 2.92
C ASP C 60 24.15 -4.63 2.05
N HIS C 61 23.19 -5.01 1.19
CA HIS C 61 22.53 -4.13 0.21
C HIS C 61 21.55 -3.18 0.91
N TYR C 62 21.25 -3.43 2.19
CA TYR C 62 20.18 -2.72 2.96
C TYR C 62 20.79 -1.78 3.99
N LEU C 63 22.02 -2.06 4.46
CA LEU C 63 22.77 -1.18 5.39
C LEU C 63 23.03 0.16 4.71
N SER C 64 22.81 1.27 5.43
CA SER C 64 23.05 2.66 4.95
C SER C 64 24.55 2.93 4.90
N GLU C 65 24.96 4.04 4.29
CA GLU C 65 26.39 4.44 4.16
C GLU C 65 26.97 4.66 5.56
N GLU C 66 26.18 5.29 6.43
CA GLU C 66 26.56 5.64 7.83
C GLU C 66 26.89 4.37 8.62
N SER C 67 26.05 3.35 8.51
CA SER C 67 26.20 2.05 9.23
C SER C 67 27.45 1.33 8.71
N LYS C 68 27.57 1.22 7.37
CA LYS C 68 28.72 0.58 6.68
C LYS C 68 30.03 1.14 7.23
N SER C 69 30.12 2.47 7.38
CA SER C 69 31.37 3.22 7.65
C SER C 69 31.73 3.20 9.13
N ARG C 70 30.89 2.59 9.98
CA ARG C 70 31.12 2.50 11.45
C ARG C 70 32.19 1.43 11.72
N GLN C 71 33.26 1.82 12.43
CA GLN C 71 34.40 0.94 12.81
C GLN C 71 34.33 0.66 14.31
N GLN C 72 35.06 -0.35 14.79
CA GLN C 72 35.08 -0.75 16.22
C GLN C 72 35.76 0.34 17.04
N SER C 73 35.20 0.67 18.21
CA SER C 73 35.79 1.61 19.20
C SER C 73 37.16 1.09 19.63
N THR C 74 38.22 1.86 19.39
CA THR C 74 39.63 1.45 19.66
C THR C 74 39.85 1.33 21.18
N LEU C 75 39.20 2.19 21.97
CA LEU C 75 39.33 2.18 23.46
C LEU C 75 38.52 1.01 24.04
N LYS C 76 37.27 0.85 23.60
CA LYS C 76 36.37 -0.24 24.08
C LYS C 76 36.95 -1.59 23.65
N GLY C 77 37.69 -1.61 22.54
CA GLY C 77 38.41 -2.80 22.05
C GLY C 77 39.66 -3.08 22.85
N ALA C 78 40.33 -2.01 23.31
CA ALA C 78 41.53 -2.07 24.16
C ALA C 78 41.19 -2.74 25.50
N ALA C 79 39.97 -2.50 25.99
CA ALA C 79 39.49 -2.90 27.33
C ALA C 79 39.33 -4.42 27.42
N ARG C 80 39.49 -5.13 26.30
CA ARG C 80 39.34 -6.60 26.22
C ARG C 80 40.70 -7.25 26.54
N TYR C 81 41.73 -6.44 26.79
CA TYR C 81 43.08 -6.89 27.25
C TYR C 81 43.10 -6.97 28.77
N LEU C 82 42.13 -6.35 29.44
CA LEU C 82 42.01 -6.36 30.93
C LEU C 82 41.54 -7.76 31.36
N LYS C 83 41.19 -8.60 30.40
CA LYS C 83 40.83 -10.02 30.61
C LYS C 83 42.05 -10.77 31.17
N THR C 84 43.22 -10.58 30.54
CA THR C 84 44.45 -11.37 30.81
C THR C 84 44.90 -11.18 32.26
N PRO C 85 45.52 -12.21 32.85
CA PRO C 85 45.77 -12.28 34.29
C PRO C 85 46.56 -11.12 34.90
N GLY C 86 47.81 -10.93 34.47
CA GLY C 86 48.80 -10.08 35.17
C GLY C 86 48.83 -8.64 34.66
N LEU C 87 48.14 -8.35 33.55
CA LEU C 87 48.15 -7.00 32.92
C LEU C 87 47.83 -5.93 33.96
N ILE C 88 48.55 -4.81 33.90
CA ILE C 88 48.23 -3.56 34.64
C ILE C 88 47.77 -2.54 33.59
N SER C 89 46.67 -1.83 33.82
CA SER C 89 46.08 -0.96 32.77
C SER C 89 46.49 0.50 32.98
N LEU C 90 47.10 1.07 31.93
CA LEU C 90 47.39 2.51 31.79
C LEU C 90 46.64 3.04 30.57
N GLY C 91 45.76 2.25 29.98
CA GLY C 91 45.12 2.57 28.69
C GLY C 91 43.73 3.15 28.88
N GLY C 92 42.72 2.29 28.99
CA GLY C 92 41.31 2.73 29.12
C GLY C 92 41.14 3.59 30.37
N GLY C 93 40.39 4.69 30.24
CA GLY C 93 40.19 5.65 31.35
C GLY C 93 38.98 5.28 32.20
N LEU C 94 38.87 4.01 32.58
CA LEU C 94 37.86 3.49 33.55
C LEU C 94 38.44 3.60 34.97
N PRO C 95 38.06 4.63 35.78
CA PRO C 95 38.65 4.91 37.10
C PRO C 95 38.53 3.79 38.16
N SER C 96 39.32 3.87 39.24
CA SER C 96 39.35 2.90 40.37
C SER C 96 38.05 2.99 41.17
N PRO C 97 37.45 1.83 41.57
CA PRO C 97 36.19 1.83 42.31
C PRO C 97 36.13 2.82 43.48
N GLU C 98 37.26 3.07 44.13
CA GLU C 98 37.36 3.94 45.34
C GLU C 98 36.86 5.35 45.01
N TYR C 99 36.71 5.68 43.72
CA TYR C 99 36.30 7.02 43.24
C TYR C 99 34.81 7.00 42.85
N PHE C 100 34.16 5.84 43.01
CA PHE C 100 32.68 5.72 42.99
C PHE C 100 32.17 5.65 44.43
N PRO C 101 31.49 6.70 44.93
CA PRO C 101 31.01 6.73 46.31
C PRO C 101 29.69 5.97 46.55
N PHE C 102 29.65 4.69 46.17
CA PHE C 102 28.53 3.75 46.46
C PHE C 102 29.11 2.39 46.84
N GLU C 103 29.12 2.07 48.13
CA GLU C 103 29.68 0.80 48.68
C GLU C 103 28.64 -0.31 48.60
N GLU C 104 27.35 0.05 48.74
CA GLU C 104 26.22 -0.91 48.75
C GLU C 104 24.97 -0.25 48.18
N ILE C 105 24.26 -0.97 47.30
CA ILE C 105 22.92 -0.59 46.78
C ILE C 105 21.94 -1.72 47.10
N SER C 106 20.79 -1.38 47.70
CA SER C 106 19.78 -2.34 48.22
C SER C 106 18.42 -2.05 47.60
N VAL C 107 17.69 -3.09 47.19
CA VAL C 107 16.33 -3.01 46.58
C VAL C 107 15.40 -3.99 47.31
N LYS C 108 14.23 -3.53 47.75
CA LYS C 108 13.17 -4.41 48.31
C LYS C 108 12.19 -4.77 47.18
N VAL C 109 11.88 -6.07 47.03
CA VAL C 109 11.28 -6.63 45.79
C VAL C 109 10.22 -7.68 46.15
N PRO C 110 9.20 -7.89 45.28
CA PRO C 110 8.24 -8.98 45.46
C PRO C 110 8.90 -10.35 45.61
N THR C 111 8.25 -11.26 46.35
CA THR C 111 8.74 -12.62 46.70
C THR C 111 8.13 -13.62 45.73
N PRO C 112 8.11 -14.94 46.02
CA PRO C 112 7.55 -15.92 45.09
C PRO C 112 6.15 -15.53 44.59
N PRO C 113 5.12 -15.45 45.46
CA PRO C 113 3.76 -15.17 44.99
C PRO C 113 3.15 -13.77 45.26
N GLY C 114 3.72 -13.00 46.19
CA GLY C 114 3.12 -11.73 46.66
C GLY C 114 3.54 -10.54 45.80
N PHE C 115 2.96 -10.41 44.60
CA PHE C 115 3.36 -9.42 43.57
C PHE C 115 2.70 -8.06 43.84
N SER C 116 1.54 -8.04 44.49
CA SER C 116 0.86 -6.80 44.95
C SER C 116 1.74 -6.11 45.99
N PRO C 117 1.93 -4.77 45.91
CA PRO C 117 2.90 -4.09 46.76
C PRO C 117 2.74 -4.46 48.24
N HIS C 118 1.50 -4.42 48.74
CA HIS C 118 1.13 -4.76 50.15
C HIS C 118 1.83 -6.06 50.55
N GLU C 119 1.90 -7.03 49.64
CA GLU C 119 2.47 -8.38 49.88
C GLU C 119 4.01 -8.29 49.93
N THR C 120 4.62 -7.40 49.17
CA THR C 120 6.09 -7.17 49.19
C THR C 120 6.45 -6.27 50.38
N GLN C 121 5.54 -5.37 50.77
CA GLN C 121 5.70 -4.54 52.00
C GLN C 121 5.81 -5.48 53.21
N GLU C 122 5.13 -6.62 53.16
CA GLU C 122 5.08 -7.62 54.27
C GLU C 122 6.11 -8.73 54.03
N SER C 123 5.96 -9.47 52.91
CA SER C 123 6.75 -10.69 52.59
C SER C 123 7.89 -10.36 51.61
N GLY C 124 8.12 -9.08 51.33
CA GLY C 124 9.11 -8.61 50.35
C GLY C 124 10.53 -8.94 50.77
N ALA C 125 11.39 -9.29 49.80
CA ALA C 125 12.81 -9.65 50.01
C ALA C 125 13.70 -8.41 49.83
N VAL C 126 14.85 -8.39 50.51
CA VAL C 126 15.91 -7.34 50.38
C VAL C 126 17.09 -7.92 49.60
N LEU C 127 17.31 -7.47 48.37
CA LEU C 127 18.50 -7.80 47.54
C LEU C 127 19.52 -6.67 47.69
N THR C 128 20.77 -7.01 48.04
CA THR C 128 21.86 -6.04 48.31
C THR C 128 23.04 -6.32 47.38
N ALA C 129 23.49 -5.29 46.66
CA ALA C 129 24.72 -5.29 45.83
C ALA C 129 25.82 -4.49 46.57
N LYS C 130 26.97 -5.10 46.77
CA LYS C 130 28.14 -4.47 47.47
C LYS C 130 29.41 -4.75 46.67
N LYS C 131 30.41 -3.87 46.80
CA LYS C 131 31.74 -4.04 46.15
C LYS C 131 32.39 -5.31 46.71
N GLY C 132 32.92 -6.16 45.84
CA GLY C 132 33.49 -7.47 46.23
C GLY C 132 32.51 -8.58 45.94
N ASP C 133 33.01 -9.78 45.62
CA ASP C 133 32.17 -10.96 45.25
C ASP C 133 33.03 -12.22 45.30
N ARG C 138 29.02 -13.06 47.81
CA ARG C 138 29.32 -13.54 46.45
C ARG C 138 28.04 -13.51 45.61
N SER C 139 28.04 -12.69 44.55
CA SER C 139 26.81 -12.50 43.74
C SER C 139 27.01 -12.88 42.27
N LEU C 140 28.26 -12.73 41.81
CA LEU C 140 28.81 -12.95 40.44
C LEU C 140 28.64 -11.68 39.59
N TYR C 141 28.24 -10.58 40.23
CA TYR C 141 28.09 -9.27 39.57
C TYR C 141 28.41 -8.18 40.59
N ASP C 142 29.69 -7.87 40.71
CA ASP C 142 30.18 -6.89 41.69
C ASP C 142 29.69 -5.51 41.32
N LEU C 143 29.51 -4.66 42.33
CA LEU C 143 29.03 -3.26 42.23
C LEU C 143 30.15 -2.30 41.79
N GLU C 144 31.37 -2.80 41.62
CA GLU C 144 32.55 -2.05 41.14
C GLU C 144 32.61 -2.27 39.62
N VAL C 145 31.96 -3.30 39.13
CA VAL C 145 31.91 -3.53 37.65
C VAL C 145 30.70 -2.79 37.08
N ALA C 146 29.58 -2.78 37.83
CA ALA C 146 28.31 -2.12 37.43
C ALA C 146 28.44 -0.60 37.53
N LEU C 147 29.31 -0.11 38.43
CA LEU C 147 29.51 1.34 38.67
C LEU C 147 30.52 1.89 37.66
N ASN C 148 31.29 1.00 37.01
CA ASN C 148 32.31 1.39 36.01
C ASN C 148 31.71 1.33 34.61
N TYR C 149 32.53 1.60 33.59
CA TYR C 149 32.10 1.55 32.18
C TYR C 149 31.87 0.09 31.78
N GLY C 150 30.93 -0.13 30.84
CA GLY C 150 30.62 -1.48 30.35
C GLY C 150 30.74 -1.53 28.84
N GLN C 151 30.62 -2.73 28.26
CA GLN C 151 30.68 -2.87 26.79
C GLN C 151 29.29 -2.59 26.21
N SER C 152 29.22 -2.27 24.93
CA SER C 152 27.95 -1.88 24.24
C SER C 152 26.88 -2.97 24.29
N THR C 153 27.26 -4.26 24.31
CA THR C 153 26.28 -5.37 24.31
C THR C 153 25.60 -5.52 25.68
N GLY C 154 26.11 -4.82 26.70
CA GLY C 154 25.59 -4.91 28.07
C GLY C 154 26.42 -5.87 28.91
N SER C 155 26.28 -5.82 30.24
CA SER C 155 26.96 -6.73 31.21
C SER C 155 26.60 -8.18 30.86
N PRO C 156 27.56 -9.12 30.86
CA PRO C 156 27.27 -10.52 30.49
C PRO C 156 26.28 -11.17 31.46
N GLN C 157 26.29 -10.71 32.71
CA GLN C 157 25.41 -11.19 33.81
C GLN C 157 23.95 -11.10 33.38
N LEU C 158 23.54 -9.94 32.87
CA LEU C 158 22.13 -9.68 32.46
C LEU C 158 21.89 -10.14 31.03
N LEU C 159 22.91 -10.10 30.18
CA LEU C 159 22.75 -10.51 28.77
C LEU C 159 22.44 -12.01 28.69
N ARG C 160 23.02 -12.80 29.59
CA ARG C 160 22.79 -14.26 29.61
C ARG C 160 21.31 -14.55 29.89
N PHE C 161 20.78 -13.97 30.96
CA PHE C 161 19.35 -14.12 31.36
C PHE C 161 18.46 -13.74 30.18
N VAL C 162 18.72 -12.58 29.58
CA VAL C 162 17.94 -12.02 28.43
C VAL C 162 18.07 -12.96 27.23
N THR C 163 19.25 -13.56 27.04
CA THR C 163 19.53 -14.52 25.94
C THR C 163 18.82 -15.86 26.24
N GLU C 164 18.88 -16.32 27.49
CA GLU C 164 18.15 -17.53 27.97
C GLU C 164 16.66 -17.32 27.79
N HIS C 165 16.13 -16.21 28.32
CA HIS C 165 14.70 -15.79 28.21
C HIS C 165 14.26 -15.87 26.74
N THR C 166 15.07 -15.32 25.84
CA THR C 166 14.79 -15.21 24.38
C THR C 166 14.75 -16.61 23.75
N GLU C 167 15.68 -17.49 24.11
CA GLU C 167 15.74 -18.89 23.59
C GLU C 167 14.51 -19.66 24.09
N LEU C 168 14.12 -19.43 25.36
CA LEU C 168 13.03 -20.14 26.06
C LEU C 168 11.69 -19.85 25.39
N ILE C 169 11.38 -18.57 25.14
CA ILE C 169 10.07 -18.12 24.59
C ILE C 169 10.08 -18.28 23.06
N HIS C 170 10.88 -17.46 22.36
CA HIS C 170 10.88 -17.34 20.87
C HIS C 170 11.63 -18.53 20.22
N ASN C 171 12.75 -18.96 20.78
CA ASN C 171 13.48 -20.10 20.18
C ASN C 171 13.69 -19.82 18.68
N PRO C 172 14.31 -18.68 18.30
CA PRO C 172 14.46 -18.33 16.88
C PRO C 172 15.16 -19.47 16.11
N PRO C 173 14.62 -19.85 14.93
CA PRO C 173 15.15 -20.96 14.12
C PRO C 173 16.56 -20.84 13.54
N TYR C 174 16.95 -19.65 13.05
CA TYR C 174 18.28 -19.56 12.38
C TYR C 174 19.37 -19.78 13.43
N ALA C 175 20.64 -19.86 13.02
CA ALA C 175 21.71 -20.20 13.98
C ALA C 175 22.47 -18.98 14.54
N ASP C 176 22.57 -17.89 13.78
CA ASP C 176 23.41 -16.74 14.20
C ASP C 176 22.51 -15.58 14.68
N TRP C 177 21.50 -15.85 15.50
CA TRP C 177 20.72 -14.81 16.22
C TRP C 177 21.51 -14.37 17.45
N GLN C 178 21.44 -13.08 17.79
CA GLN C 178 22.15 -12.51 18.97
C GLN C 178 21.31 -11.40 19.59
N CYS C 179 21.41 -11.26 20.92
CA CYS C 179 20.80 -10.19 21.73
C CYS C 179 21.85 -9.10 22.01
N CYS C 180 21.40 -7.87 22.20
CA CYS C 180 22.26 -6.70 22.56
C CYS C 180 21.42 -5.70 23.36
N LEU C 181 21.81 -5.42 24.60
CA LEU C 181 21.03 -4.59 25.55
C LEU C 181 21.00 -3.12 25.08
N ASN C 182 19.93 -2.40 25.33
CA ASN C 182 19.93 -0.99 24.87
C ASN C 182 19.32 -0.09 25.95
N ALA C 183 19.16 1.19 25.65
CA ALA C 183 18.59 2.18 26.59
C ALA C 183 17.10 2.36 26.29
N GLY C 184 16.42 1.25 26.00
CA GLY C 184 14.98 1.23 25.68
C GLY C 184 14.73 1.03 24.19
N SER C 185 13.50 0.60 23.87
CA SER C 185 13.04 0.35 22.48
C SER C 185 13.06 1.65 21.69
N THR C 186 12.81 2.77 22.36
CA THR C 186 12.79 4.09 21.68
C THR C 186 14.19 4.35 21.09
N TYR C 187 15.24 4.05 21.85
CA TYR C 187 16.64 4.24 21.38
C TYR C 187 16.96 3.17 20.33
N GLY C 188 16.39 1.98 20.48
CA GLY C 188 16.62 0.89 19.51
C GLY C 188 16.09 1.27 18.14
N TRP C 189 14.88 1.85 18.09
CA TRP C 189 14.23 2.25 16.82
C TRP C 189 15.06 3.33 16.12
N ASP C 190 15.55 4.32 16.89
CA ASP C 190 16.39 5.43 16.35
C ASP C 190 17.68 4.84 15.76
N THR C 191 18.21 3.78 16.37
CA THR C 191 19.48 3.13 15.96
C THR C 191 19.24 2.30 14.69
N VAL C 192 18.18 1.47 14.64
CA VAL C 192 17.91 0.63 13.43
C VAL C 192 17.54 1.58 12.28
N LEU C 193 16.70 2.59 12.52
CA LEU C 193 16.34 3.62 11.49
C LEU C 193 17.62 4.11 10.82
N ARG C 194 18.60 4.55 11.62
CA ARG C 194 19.89 5.10 11.13
C ARG C 194 20.68 4.00 10.41
N MET C 195 20.55 2.76 10.89
CA MET C 195 21.31 1.58 10.39
C MET C 195 20.79 1.15 9.02
N LEU C 196 19.49 1.39 8.74
CA LEU C 196 18.79 0.74 7.60
C LEU C 196 18.26 1.76 6.58
N CYS C 197 18.06 3.03 6.98
CA CYS C 197 17.43 4.05 6.09
C CYS C 197 18.39 5.22 5.83
N THR C 198 18.24 5.86 4.67
CA THR C 198 18.95 7.09 4.25
C THR C 198 17.90 8.18 3.95
N ARG C 199 18.33 9.43 3.79
CA ARG C 199 17.42 10.60 3.59
C ARG C 199 16.66 10.41 2.26
N GLY C 200 15.33 10.34 2.32
CA GLY C 200 14.44 10.32 1.15
C GLY C 200 13.81 8.95 0.91
N ASP C 201 14.13 7.96 1.75
CA ASP C 201 13.63 6.57 1.61
C ASP C 201 12.26 6.44 2.29
N TYR C 202 11.56 5.34 2.03
CA TYR C 202 10.25 5.00 2.64
C TYR C 202 10.42 3.82 3.59
N ILE C 203 9.56 3.77 4.62
CA ILE C 203 9.41 2.64 5.58
C ILE C 203 7.92 2.32 5.68
N LEU C 204 7.55 1.05 5.79
CA LEU C 204 6.14 0.58 5.82
C LEU C 204 5.68 0.48 7.27
N MET C 205 4.57 1.16 7.59
CA MET C 205 3.97 1.15 8.95
C MET C 205 2.46 0.93 8.82
N GLU C 206 1.80 0.53 9.90
CA GLU C 206 0.32 0.32 9.89
C GLU C 206 -0.40 1.66 9.74
N GLU C 207 -1.59 1.64 9.14
CA GLU C 207 -2.50 2.80 8.88
C GLU C 207 -2.43 3.79 10.05
N TYR C 208 -2.60 3.27 11.27
CA TYR C 208 -2.49 4.06 12.53
C TYR C 208 -1.38 3.43 13.38
N THR C 209 -0.34 4.19 13.71
CA THR C 209 0.80 3.65 14.49
C THR C 209 1.19 4.54 15.66
N PHE C 210 2.07 4.00 16.50
CA PHE C 210 2.80 4.68 17.59
C PHE C 210 3.39 6.00 17.07
N SER C 211 2.88 7.13 17.56
CA SER C 211 3.27 8.49 17.11
C SER C 211 4.80 8.65 17.17
N SER C 212 5.43 8.19 18.25
CA SER C 212 6.90 8.32 18.50
C SER C 212 7.68 7.64 17.37
N ALA C 213 7.20 6.51 16.86
CA ALA C 213 7.79 5.75 15.74
C ALA C 213 7.84 6.65 14.50
N LYS C 214 6.71 7.27 14.14
CA LYS C 214 6.61 8.28 13.06
C LYS C 214 7.59 9.42 13.34
N GLU C 215 7.51 10.00 14.54
CA GLU C 215 8.27 11.20 14.97
C GLU C 215 9.77 10.94 14.84
N THR C 216 10.22 9.70 15.12
CA THR C 216 11.63 9.27 15.01
C THR C 216 12.06 9.31 13.54
N ALA C 217 11.18 8.87 12.64
CA ALA C 217 11.46 8.62 11.20
C ALA C 217 11.55 9.93 10.41
N LEU C 218 10.56 10.83 10.59
CA LEU C 218 10.32 12.00 9.69
C LEU C 218 11.52 12.93 9.67
N PRO C 219 12.18 13.23 10.81
CA PRO C 219 13.29 14.18 10.83
C PRO C 219 14.49 13.70 9.99
N LEU C 220 14.60 12.39 9.76
CA LEU C 220 15.74 11.77 9.03
C LEU C 220 15.50 11.84 7.53
N GLY C 221 14.43 12.54 7.11
CA GLY C 221 13.96 12.57 5.71
C GLY C 221 13.47 11.20 5.27
N VAL C 222 12.93 10.41 6.21
CA VAL C 222 12.26 9.11 5.92
C VAL C 222 10.75 9.36 5.84
N LYS C 223 10.16 9.14 4.66
CA LYS C 223 8.70 9.28 4.41
C LYS C 223 8.03 7.95 4.82
N VAL C 224 6.73 7.98 5.08
CA VAL C 224 5.95 6.79 5.54
C VAL C 224 4.97 6.38 4.45
N ALA C 225 4.91 5.07 4.17
CA ALA C 225 3.91 4.42 3.28
C ALA C 225 2.97 3.58 4.15
N SER C 226 1.77 4.10 4.43
CA SER C 226 0.78 3.41 5.29
C SER C 226 0.21 2.19 4.57
N VAL C 227 -0.05 1.11 5.32
CA VAL C 227 -0.66 -0.12 4.74
C VAL C 227 -1.89 -0.46 5.58
N LYS C 228 -3.02 -0.73 4.91
CA LYS C 228 -4.33 -1.01 5.54
C LYS C 228 -4.26 -2.14 6.58
N MET C 229 -5.09 -2.02 7.62
CA MET C 229 -5.18 -3.04 8.68
C MET C 229 -6.65 -3.39 8.95
N ASP C 230 -6.89 -4.39 9.77
CA ASP C 230 -8.27 -4.77 10.17
C ASP C 230 -8.31 -4.89 11.69
N ALA C 231 -9.24 -5.67 12.24
CA ALA C 231 -9.38 -5.85 13.71
C ALA C 231 -8.24 -6.72 14.25
N GLU C 232 -7.66 -7.57 13.39
CA GLU C 232 -6.53 -8.46 13.76
C GLU C 232 -5.22 -7.77 13.39
N GLY C 233 -5.28 -6.56 12.86
CA GLY C 233 -4.06 -5.81 12.51
C GLY C 233 -3.75 -5.82 11.02
N LEU C 234 -2.52 -5.46 10.68
CA LEU C 234 -1.98 -5.36 9.30
C LEU C 234 -2.51 -6.49 8.39
N LEU C 235 -3.03 -6.13 7.22
CA LEU C 235 -3.52 -7.15 6.26
C LEU C 235 -2.39 -7.51 5.29
N PRO C 236 -2.06 -8.80 5.08
CA PRO C 236 -1.01 -9.19 4.15
C PRO C 236 -1.28 -8.64 2.74
N GLU C 237 -2.53 -8.74 2.29
CA GLU C 237 -2.96 -8.27 0.94
C GLU C 237 -2.57 -6.80 0.74
N SER C 238 -2.81 -5.95 1.75
CA SER C 238 -2.49 -4.50 1.65
C SER C 238 -0.99 -4.30 1.51
N LEU C 239 -0.19 -5.13 2.19
CA LEU C 239 1.29 -5.04 2.12
C LEU C 239 1.73 -5.37 0.70
N ASP C 240 1.18 -6.45 0.14
CA ASP C 240 1.54 -6.92 -1.22
C ASP C 240 1.10 -5.87 -2.25
N GLU C 241 -0.08 -5.26 -2.05
CA GLU C 241 -0.60 -4.24 -3.00
C GLU C 241 0.39 -3.08 -3.09
N VAL C 242 0.75 -2.49 -1.95
CA VAL C 242 1.63 -1.28 -1.85
C VAL C 242 2.99 -1.59 -2.47
N LEU C 243 3.50 -2.82 -2.27
CA LEU C 243 4.88 -3.23 -2.67
C LEU C 243 4.88 -3.71 -4.13
N SER C 244 3.94 -4.59 -4.49
CA SER C 244 3.79 -5.15 -5.87
C SER C 244 3.54 -4.00 -6.87
N ASN C 245 2.79 -2.99 -6.45
CA ASN C 245 2.39 -1.82 -7.29
C ASN C 245 3.23 -0.60 -6.91
N TRP C 246 4.44 -0.80 -6.34
CA TRP C 246 5.33 0.34 -5.98
C TRP C 246 5.79 1.04 -7.26
N ASP C 247 5.64 2.37 -7.31
CA ASP C 247 5.96 3.20 -8.49
C ASP C 247 7.07 4.19 -8.12
N GLU C 248 8.27 3.99 -8.66
CA GLU C 248 9.50 4.75 -8.35
C GLU C 248 9.25 6.25 -8.56
N ALA C 249 8.44 6.62 -9.55
CA ALA C 249 8.16 8.01 -9.95
C ALA C 249 7.10 8.61 -8.99
N SER C 250 5.93 7.99 -8.92
CA SER C 250 4.77 8.43 -8.13
C SER C 250 5.21 8.82 -6.71
N ARG C 251 6.00 7.96 -6.06
CA ARG C 251 6.48 8.15 -4.67
C ARG C 251 7.76 9.00 -4.67
N GLY C 252 8.55 8.92 -5.76
CA GLY C 252 9.79 9.69 -5.94
C GLY C 252 10.95 9.13 -5.15
N SER C 253 10.85 7.87 -4.72
CA SER C 253 11.88 7.13 -3.93
C SER C 253 11.80 5.63 -4.20
N ARG C 254 12.91 4.90 -4.02
CA ARG C 254 13.02 3.45 -4.33
C ARG C 254 12.12 2.66 -3.38
N LYS C 255 11.80 1.41 -3.75
CA LYS C 255 10.89 0.51 -3.00
C LYS C 255 11.37 0.39 -1.55
N PRO C 256 10.48 0.59 -0.55
CA PRO C 256 10.86 0.39 0.86
C PRO C 256 11.08 -1.10 1.18
N PHE C 257 12.03 -1.41 2.07
CA PHE C 257 12.35 -2.79 2.50
C PHE C 257 12.10 -2.97 4.00
N VAL C 258 12.03 -1.87 4.77
CA VAL C 258 11.80 -1.93 6.25
C VAL C 258 10.30 -1.82 6.54
N LEU C 259 9.77 -2.75 7.34
CA LEU C 259 8.36 -2.74 7.82
C LEU C 259 8.35 -2.59 9.34
N TYR C 260 7.67 -1.57 9.85
CA TYR C 260 7.50 -1.32 11.30
C TYR C 260 6.11 -1.82 11.73
N THR C 261 6.07 -2.82 12.61
CA THR C 261 4.84 -3.50 13.06
C THR C 261 4.86 -3.72 14.57
N ILE C 262 3.70 -3.54 15.20
CA ILE C 262 3.50 -3.88 16.64
C ILE C 262 2.49 -5.02 16.63
N PRO C 263 2.93 -6.29 16.50
CA PRO C 263 2.05 -7.45 16.40
C PRO C 263 1.09 -7.73 17.56
N THR C 264 1.51 -7.53 18.81
CA THR C 264 0.62 -7.80 19.97
C THR C 264 0.24 -6.47 20.62
N GLY C 265 -1.05 -6.27 20.90
CA GLY C 265 -1.51 -5.02 21.52
C GLY C 265 -1.00 -3.82 20.76
N GLN C 266 -1.43 -3.67 19.50
CA GLN C 266 -1.05 -2.57 18.57
C GLN C 266 -1.34 -1.23 19.27
N ASN C 267 -0.43 -0.27 19.12
CA ASN C 267 -0.62 1.12 19.58
C ASN C 267 -0.84 1.96 18.32
N PRO C 268 -2.05 2.52 18.10
CA PRO C 268 -3.08 2.64 19.14
C PRO C 268 -4.35 1.77 19.09
N THR C 269 -4.51 0.93 18.05
CA THR C 269 -5.78 0.20 17.76
C THR C 269 -6.03 -0.95 18.75
N GLY C 270 -4.98 -1.49 19.39
CA GLY C 270 -5.12 -2.64 20.31
C GLY C 270 -5.31 -3.94 19.55
N ALA C 271 -5.12 -3.90 18.22
CA ALA C 271 -5.28 -5.05 17.30
C ALA C 271 -4.15 -6.05 17.54
N THR C 272 -4.48 -7.34 17.69
CA THR C 272 -3.50 -8.42 17.91
C THR C 272 -3.48 -9.33 16.68
N GLN C 273 -2.29 -9.63 16.14
CA GLN C 273 -2.17 -10.51 14.95
C GLN C 273 -2.27 -11.98 15.38
N GLN C 274 -3.02 -12.78 14.63
CA GLN C 274 -3.16 -14.23 14.93
C GLN C 274 -1.99 -14.98 14.30
N LEU C 275 -1.87 -16.27 14.61
CA LEU C 275 -0.74 -17.12 14.14
C LEU C 275 -0.71 -17.16 12.61
N GLU C 276 -1.89 -17.29 11.98
CA GLU C 276 -2.01 -17.37 10.51
C GLU C 276 -1.78 -16.00 9.87
N ARG C 277 -2.07 -14.91 10.59
CA ARG C 277 -1.86 -13.55 10.04
C ARG C 277 -0.36 -13.29 9.94
N ARG C 278 0.40 -13.63 10.98
CA ARG C 278 1.87 -13.44 10.98
C ARG C 278 2.54 -14.33 9.92
N LYS C 279 2.10 -15.58 9.80
CA LYS C 279 2.70 -16.55 8.84
C LYS C 279 2.55 -16.00 7.41
N ALA C 280 1.40 -15.40 7.13
CA ALA C 280 1.03 -14.83 5.82
C ALA C 280 1.83 -13.54 5.58
N VAL C 281 1.98 -12.73 6.63
CA VAL C 281 2.74 -11.46 6.54
C VAL C 281 4.21 -11.82 6.29
N TYR C 282 4.70 -12.88 6.93
CA TYR C 282 6.11 -13.31 6.74
C TYR C 282 6.32 -13.68 5.27
N LYS C 283 5.35 -14.40 4.69
CA LYS C 283 5.43 -14.83 3.27
C LYS C 283 5.59 -13.58 2.39
N VAL C 284 4.72 -12.60 2.58
CA VAL C 284 4.72 -11.32 1.82
C VAL C 284 6.10 -10.67 1.93
N ALA C 285 6.71 -10.71 3.12
CA ALA C 285 8.03 -10.11 3.40
C ALA C 285 9.13 -10.97 2.75
N GLN C 286 8.93 -12.29 2.68
CA GLN C 286 9.84 -13.20 1.96
C GLN C 286 9.86 -12.86 0.48
N LYS C 287 8.68 -12.52 -0.06
CA LYS C 287 8.47 -12.22 -1.50
C LYS C 287 9.04 -10.84 -1.84
N HIS C 288 9.04 -9.91 -0.88
CA HIS C 288 9.46 -8.51 -1.08
C HIS C 288 10.75 -8.22 -0.30
N ASP C 289 11.47 -9.28 0.08
CA ASP C 289 12.79 -9.21 0.77
C ASP C 289 12.78 -8.03 1.74
N LEU C 290 11.85 -8.01 2.69
CA LEU C 290 11.71 -6.93 3.72
C LEU C 290 12.43 -7.36 5.00
N ILE C 291 12.92 -6.37 5.74
CA ILE C 291 13.31 -6.49 7.19
C ILE C 291 12.08 -6.14 8.03
N ILE C 292 11.61 -7.09 8.83
CA ILE C 292 10.48 -6.91 9.80
C ILE C 292 11.05 -6.47 11.14
N VAL C 293 10.85 -5.18 11.46
CA VAL C 293 11.25 -4.61 12.78
C VAL C 293 10.02 -4.76 13.67
N GLU C 294 9.98 -5.79 14.52
CA GLU C 294 8.77 -5.97 15.34
C GLU C 294 9.00 -5.37 16.73
N ASP C 295 8.20 -4.36 17.07
CA ASP C 295 8.27 -3.71 18.41
C ASP C 295 7.21 -4.41 19.24
N GLU C 296 7.62 -5.18 20.25
CA GLU C 296 6.63 -5.95 21.04
C GLU C 296 6.80 -5.69 22.53
N PRO C 297 6.51 -4.47 23.03
CA PRO C 297 6.63 -4.19 24.46
C PRO C 297 5.45 -4.80 25.24
N TYR C 298 4.34 -5.08 24.55
CA TYR C 298 3.12 -5.65 25.18
C TYR C 298 2.96 -7.13 24.85
N TYR C 299 4.03 -7.79 24.43
CA TYR C 299 3.92 -9.21 24.04
C TYR C 299 3.41 -10.06 25.21
N PHE C 300 3.90 -9.80 26.43
CA PHE C 300 3.46 -10.60 27.60
C PHE C 300 2.16 -10.03 28.20
N LEU C 301 1.71 -8.89 27.66
CA LEU C 301 0.46 -8.21 28.10
C LEU C 301 -0.74 -8.80 27.36
N GLN C 302 -0.54 -9.95 26.70
CA GLN C 302 -1.62 -10.71 26.03
C GLN C 302 -2.62 -11.19 27.09
N MET C 303 -3.90 -10.93 26.86
CA MET C 303 -4.98 -11.30 27.81
C MET C 303 -5.86 -12.40 27.20
N GLN C 304 -6.71 -13.01 28.03
CA GLN C 304 -7.64 -14.09 27.62
C GLN C 304 -8.85 -13.50 26.88
N PRO C 305 -9.65 -14.31 26.17
CA PRO C 305 -10.79 -13.80 25.42
C PRO C 305 -11.78 -13.09 26.36
N TYR C 306 -12.31 -11.96 25.92
CA TYR C 306 -13.24 -11.15 26.78
C TYR C 306 -14.50 -11.95 27.07
N THR C 307 -14.96 -11.89 28.32
CA THR C 307 -16.23 -12.54 28.75
C THR C 307 -17.09 -11.49 29.43
N GLY C 308 -18.37 -11.39 29.06
CA GLY C 308 -19.27 -10.40 29.67
C GLY C 308 -19.25 -10.47 31.18
N PRO C 317 -4.16 -22.67 33.77
CA PRO C 317 -3.05 -23.63 33.70
C PRO C 317 -1.74 -23.05 34.23
N ALA C 318 -1.24 -23.61 35.32
CA ALA C 318 -0.10 -23.11 36.11
C ALA C 318 1.22 -23.42 35.39
N SER C 319 1.34 -24.60 34.79
CA SER C 319 2.56 -25.07 34.08
C SER C 319 3.13 -23.94 33.21
N HIS C 320 4.40 -23.58 33.45
CA HIS C 320 5.15 -22.55 32.68
C HIS C 320 5.08 -22.88 31.18
N ASP C 321 5.32 -24.15 30.83
CA ASP C 321 5.25 -24.67 29.44
C ASP C 321 3.86 -24.41 28.88
N GLU C 322 2.82 -24.77 29.64
CA GLU C 322 1.39 -24.56 29.29
C GLU C 322 1.16 -23.07 29.07
N PHE C 323 1.74 -22.22 29.93
CA PHE C 323 1.60 -20.74 29.84
C PHE C 323 2.31 -20.23 28.59
N ILE C 324 3.47 -20.82 28.25
CA ILE C 324 4.29 -20.40 27.08
C ILE C 324 3.60 -20.88 25.80
N LYS C 325 2.87 -21.99 25.87
CA LYS C 325 2.10 -22.54 24.72
C LYS C 325 0.97 -21.58 24.37
N SER C 326 0.34 -20.99 25.40
CA SER C 326 -0.80 -20.06 25.22
C SER C 326 -0.37 -18.83 24.45
N LEU C 327 0.83 -18.33 24.71
CA LEU C 327 1.34 -17.10 24.05
C LEU C 327 1.43 -17.31 22.53
N ILE C 328 1.05 -16.30 21.77
CA ILE C 328 1.15 -16.33 20.28
C ILE C 328 2.65 -16.43 19.97
N PRO C 329 3.08 -17.21 18.96
CA PRO C 329 4.52 -17.45 18.70
C PRO C 329 5.47 -16.28 18.43
N SER C 330 5.04 -15.30 17.62
CA SER C 330 5.74 -14.07 17.16
C SER C 330 6.61 -14.31 15.91
N TYR C 331 7.02 -13.23 15.24
CA TYR C 331 7.81 -13.28 14.00
C TYR C 331 9.16 -13.96 14.23
N LEU C 332 9.79 -13.67 15.37
CA LEU C 332 11.09 -14.28 15.70
C LEU C 332 10.92 -15.81 15.68
N SER C 333 9.80 -16.32 16.18
CA SER C 333 9.56 -17.78 16.19
C SER C 333 9.54 -18.36 14.78
N LEU C 334 9.10 -17.59 13.80
CA LEU C 334 9.00 -18.05 12.39
C LEU C 334 10.10 -17.43 11.51
N ASP C 335 11.11 -16.80 12.11
CA ASP C 335 12.15 -16.07 11.32
C ASP C 335 13.18 -17.05 10.74
N VAL C 336 12.79 -17.72 9.67
CA VAL C 336 13.64 -18.69 8.92
C VAL C 336 14.82 -17.99 8.24
N ASP C 337 14.59 -16.81 7.66
CA ASP C 337 15.64 -16.09 6.89
C ASP C 337 16.42 -15.13 7.79
N GLY C 338 16.15 -15.10 9.09
CA GLY C 338 16.86 -14.15 9.96
C GLY C 338 16.67 -12.73 9.47
N ARG C 339 15.42 -12.36 9.14
CA ARG C 339 15.08 -11.00 8.65
C ARG C 339 14.28 -10.22 9.71
N VAL C 340 14.21 -10.72 10.95
CA VAL C 340 13.37 -10.10 12.00
C VAL C 340 14.23 -9.31 13.00
N LEU C 341 13.89 -8.03 13.18
CA LEU C 341 14.55 -7.18 14.20
C LEU C 341 13.53 -7.05 15.33
N ARG C 342 13.81 -7.61 16.50
CA ARG C 342 12.81 -7.53 17.59
C ARG C 342 13.26 -6.55 18.66
N LEU C 343 12.43 -5.54 18.93
CA LEU C 343 12.75 -4.54 19.97
C LEU C 343 12.04 -4.98 21.26
N GLU C 344 12.81 -5.20 22.32
CA GLU C 344 12.23 -5.65 23.61
C GLU C 344 12.55 -4.60 24.68
N SER C 345 11.61 -4.41 25.59
CA SER C 345 11.71 -3.41 26.68
C SER C 345 11.34 -4.06 28.01
N PHE C 346 11.77 -3.47 29.13
CA PHE C 346 11.31 -3.82 30.49
C PHE C 346 10.28 -2.78 30.96
N SER C 347 10.08 -1.73 30.14
CA SER C 347 9.23 -0.55 30.48
C SER C 347 7.82 -1.01 30.86
N LYS C 348 7.23 -1.87 30.02
CA LYS C 348 5.84 -2.26 30.20
C LYS C 348 5.75 -3.55 31.02
N VAL C 349 6.89 -4.06 31.51
CA VAL C 349 6.87 -5.31 32.26
C VAL C 349 7.51 -5.12 33.64
N LEU C 350 8.36 -4.11 33.84
CA LEU C 350 9.05 -3.88 35.13
C LEU C 350 9.09 -2.39 35.47
N SER C 351 9.90 -1.60 34.75
CA SER C 351 10.12 -0.15 35.02
C SER C 351 10.48 0.58 33.73
N PRO C 352 9.61 1.51 33.27
CA PRO C 352 9.98 2.44 32.21
C PRO C 352 11.17 3.30 32.65
N GLY C 353 11.22 3.60 33.95
CA GLY C 353 12.27 4.44 34.57
C GLY C 353 13.65 3.88 34.33
N SER C 354 13.81 2.57 34.47
CA SER C 354 15.12 1.89 34.31
C SER C 354 15.74 2.15 32.94
N ARG C 355 14.94 2.54 31.94
CA ARG C 355 15.47 2.85 30.58
C ARG C 355 16.33 1.69 30.06
N THR C 356 15.85 0.46 30.18
CA THR C 356 16.64 -0.70 29.70
C THR C 356 15.80 -1.63 28.82
N GLY C 357 16.27 -1.89 27.60
CA GLY C 357 15.62 -2.84 26.67
C GLY C 357 16.67 -3.69 25.98
N TRP C 358 16.35 -4.25 24.81
CA TRP C 358 17.31 -4.99 23.97
C TRP C 358 16.70 -5.32 22.61
N ILE C 359 17.56 -5.57 21.62
CA ILE C 359 17.19 -6.04 20.26
C ILE C 359 17.63 -7.51 20.13
N VAL C 360 16.80 -8.33 19.48
CA VAL C 360 17.18 -9.68 18.98
C VAL C 360 17.21 -9.62 17.46
N GLY C 361 18.21 -10.24 16.82
CA GLY C 361 18.36 -10.22 15.36
C GLY C 361 19.61 -10.96 14.89
N PRO C 362 19.81 -11.06 13.56
CA PRO C 362 20.97 -11.73 12.98
C PRO C 362 22.27 -10.99 13.31
N GLU C 363 23.30 -11.74 13.69
CA GLU C 363 24.62 -11.22 14.16
C GLU C 363 25.01 -9.97 13.35
N GLN C 364 24.92 -10.03 12.02
CA GLN C 364 25.42 -8.96 11.11
C GLN C 364 24.82 -7.61 11.51
N LEU C 365 23.53 -7.58 11.86
CA LEU C 365 22.77 -6.33 12.08
C LEU C 365 22.91 -5.87 13.54
N VAL C 366 22.91 -6.82 14.49
CA VAL C 366 23.14 -6.56 15.94
C VAL C 366 24.55 -5.97 16.11
N GLU C 367 25.51 -6.45 15.32
CA GLU C 367 26.94 -6.02 15.36
C GLU C 367 27.02 -4.54 14.93
N ARG C 368 26.34 -4.18 13.84
CA ARG C 368 26.24 -2.78 13.34
C ARG C 368 25.50 -1.93 14.38
N PHE C 369 24.46 -2.49 15.02
CA PHE C 369 23.65 -1.85 16.09
C PHE C 369 24.56 -1.50 17.27
N MET C 370 25.18 -2.53 17.85
CA MET C 370 26.22 -2.46 18.91
C MET C 370 27.19 -1.31 18.61
N ARG C 371 27.69 -1.24 17.38
CA ARG C 371 28.70 -0.23 16.98
C ARG C 371 28.13 1.18 17.14
N ASN C 372 26.87 1.40 16.75
CA ASN C 372 26.25 2.74 16.90
C ASN C 372 26.10 3.07 18.39
N CYS C 373 25.78 2.06 19.21
CA CYS C 373 25.65 2.28 20.67
C CYS C 373 27.00 2.77 21.23
N GLU C 374 28.09 2.16 20.78
CA GLU C 374 29.47 2.51 21.23
C GLU C 374 29.71 4.03 21.12
N THR C 375 29.31 4.66 20.01
CA THR C 375 29.49 6.12 19.84
C THR C 375 28.17 6.83 20.15
N GLY C 376 27.26 6.14 20.85
CA GLY C 376 25.95 6.72 21.22
C GLY C 376 25.70 6.63 22.71
N ALA C 377 24.73 5.82 23.11
CA ALA C 377 24.34 5.68 24.53
C ALA C 377 25.21 4.66 25.27
N GLN C 378 26.17 4.03 24.58
CA GLN C 378 27.10 3.00 25.13
C GLN C 378 26.36 1.74 25.57
N HIS C 379 25.67 1.81 26.71
CA HIS C 379 24.89 0.66 27.24
C HIS C 379 23.88 1.18 28.26
N PRO C 380 22.89 0.36 28.69
CA PRO C 380 21.92 0.78 29.72
C PRO C 380 22.63 0.95 31.07
N SER C 381 22.09 1.83 31.92
CA SER C 381 22.66 2.22 33.24
C SER C 381 23.12 0.97 34.00
N GLY C 382 24.39 0.95 34.43
CA GLY C 382 24.98 -0.14 35.25
C GLY C 382 24.18 -0.36 36.53
N ILE C 383 23.73 0.73 37.16
CA ILE C 383 22.87 0.70 38.36
C ILE C 383 21.55 -0.01 38.00
N SER C 384 20.98 0.32 36.85
CA SER C 384 19.74 -0.30 36.32
C SER C 384 19.99 -1.79 36.04
N GLN C 385 21.18 -2.12 35.49
CA GLN C 385 21.54 -3.50 35.09
C GLN C 385 21.69 -4.38 36.33
N ILE C 386 22.31 -3.86 37.39
CA ILE C 386 22.57 -4.61 38.66
C ILE C 386 21.22 -4.90 39.35
N VAL C 387 20.34 -3.89 39.42
CA VAL C 387 19.00 -4.00 40.06
C VAL C 387 18.20 -5.10 39.34
N LEU C 388 18.25 -5.13 38.00
CA LEU C 388 17.50 -6.10 37.17
C LEU C 388 18.13 -7.49 37.30
N PHE C 389 19.46 -7.57 37.17
CA PHE C 389 20.19 -8.87 37.18
C PHE C 389 19.93 -9.59 38.51
N LYS C 390 19.95 -8.86 39.62
CA LYS C 390 19.72 -9.43 40.98
C LYS C 390 18.25 -9.84 41.11
N LEU C 391 17.34 -9.00 40.60
CA LEU C 391 15.87 -9.24 40.66
C LEU C 391 15.54 -10.53 39.90
N LEU C 392 15.91 -10.61 38.61
CA LEU C 392 15.48 -11.71 37.71
C LEU C 392 16.35 -12.96 37.93
N ASP C 393 17.66 -12.86 37.65
CA ASP C 393 18.60 -14.02 37.66
C ASP C 393 18.75 -14.56 39.09
N GLU C 394 19.29 -13.74 40.01
CA GLU C 394 19.69 -14.17 41.38
C GLU C 394 18.46 -14.62 42.19
N HIS C 395 17.34 -13.87 42.14
CA HIS C 395 16.16 -14.13 43.00
C HIS C 395 15.12 -14.96 42.26
N TRP C 396 14.26 -14.32 41.46
CA TRP C 396 13.11 -14.96 40.77
C TRP C 396 13.60 -16.19 39.98
N GLY C 397 14.75 -16.06 39.30
CA GLY C 397 15.15 -16.99 38.23
C GLY C 397 14.18 -16.86 37.07
N HIS C 398 14.25 -17.75 36.07
CA HIS C 398 13.33 -17.72 34.91
C HIS C 398 11.89 -17.99 35.38
N SER C 399 11.71 -18.92 36.33
CA SER C 399 10.40 -19.30 36.91
C SER C 399 9.71 -18.07 37.51
N GLY C 400 10.38 -17.39 38.44
CA GLY C 400 9.87 -16.19 39.12
C GLY C 400 9.36 -15.15 38.13
N TYR C 401 10.11 -14.92 37.04
CA TYR C 401 9.76 -13.96 35.97
C TYR C 401 8.47 -14.40 35.28
N LEU C 402 8.32 -15.70 35.03
CA LEU C 402 7.07 -16.31 34.51
C LEU C 402 5.94 -16.02 35.50
N ASP C 403 6.19 -16.31 36.79
CA ASP C 403 5.22 -16.10 37.89
C ASP C 403 4.85 -14.62 37.95
N TRP C 404 5.82 -13.73 37.73
CA TRP C 404 5.57 -12.26 37.67
C TRP C 404 4.72 -11.92 36.44
N LEU C 405 5.04 -12.50 35.28
CA LEU C 405 4.39 -12.19 33.98
C LEU C 405 2.95 -12.68 34.00
N ILE C 406 2.70 -13.92 34.43
CA ILE C 406 1.32 -14.49 34.56
C ILE C 406 0.49 -13.54 35.41
N ASN C 407 1.02 -13.12 36.57
CA ASN C 407 0.36 -12.17 37.51
C ASN C 407 -0.03 -10.90 36.74
N LEU C 408 0.88 -10.37 35.92
CA LEU C 408 0.70 -9.11 35.16
C LEU C 408 -0.50 -9.26 34.22
N ARG C 409 -0.65 -10.46 33.62
CA ARG C 409 -1.71 -10.80 32.65
C ARG C 409 -3.06 -10.79 33.36
N MET C 410 -3.13 -11.33 34.58
CA MET C 410 -4.40 -11.40 35.36
C MET C 410 -4.89 -9.99 35.72
N GLN C 411 -3.97 -9.10 36.11
CA GLN C 411 -4.30 -7.72 36.54
C GLN C 411 -4.69 -6.88 35.32
N TYR C 412 -4.03 -7.09 34.19
CA TYR C 412 -4.33 -6.37 32.91
C TYR C 412 -5.64 -6.90 32.34
N THR C 413 -5.96 -8.17 32.60
CA THR C 413 -7.27 -8.80 32.28
C THR C 413 -8.40 -8.03 32.97
N GLY C 414 -8.26 -7.81 34.28
CA GLY C 414 -9.22 -7.07 35.12
C GLY C 414 -9.50 -5.69 34.53
N ARG C 415 -8.44 -4.93 34.23
CA ARG C 415 -8.52 -3.53 33.73
C ARG C 415 -9.20 -3.51 32.37
N ARG C 416 -8.85 -4.44 31.47
CA ARG C 416 -9.48 -4.60 30.13
C ARG C 416 -10.99 -4.73 30.30
N ASP C 417 -11.43 -5.61 31.21
CA ASP C 417 -12.86 -5.93 31.47
C ASP C 417 -13.58 -4.65 31.93
N ALA C 418 -12.96 -3.88 32.84
CA ALA C 418 -13.53 -2.65 33.43
C ALA C 418 -13.84 -1.63 32.33
N ILE C 419 -13.00 -1.55 31.29
CA ILE C 419 -13.08 -0.54 30.20
C ILE C 419 -14.18 -0.95 29.21
N VAL C 420 -14.28 -2.25 28.90
CA VAL C 420 -15.22 -2.80 27.88
C VAL C 420 -16.62 -2.88 28.50
N ASN C 421 -16.72 -3.34 29.75
CA ASN C 421 -17.98 -3.33 30.54
C ASN C 421 -18.58 -1.92 30.48
N ALA C 422 -17.77 -0.91 30.81
CA ALA C 422 -18.15 0.52 30.86
C ALA C 422 -18.78 0.94 29.53
N CYS C 423 -18.03 0.81 28.43
CA CYS C 423 -18.48 1.13 27.05
C CYS C 423 -19.86 0.53 26.80
N GLU C 424 -20.00 -0.79 27.02
CA GLU C 424 -21.26 -1.55 26.78
C GLU C 424 -22.38 -0.98 27.65
N LYS C 425 -22.04 -0.23 28.70
CA LYS C 425 -23.00 0.25 29.73
C LYS C 425 -23.40 1.71 29.46
N TYR C 426 -22.47 2.56 29.02
CA TYR C 426 -22.66 4.03 28.93
C TYR C 426 -22.71 4.50 27.47
N LEU C 427 -22.04 3.79 26.55
CA LEU C 427 -21.85 4.23 25.14
C LEU C 427 -23.15 4.13 24.36
N PRO C 428 -23.48 5.15 23.54
CA PRO C 428 -24.59 5.06 22.58
C PRO C 428 -24.15 4.43 21.25
N LYS C 429 -24.78 3.31 20.85
CA LYS C 429 -24.39 2.51 19.65
C LYS C 429 -25.20 2.96 18.42
N TRP C 434 -15.06 -0.02 20.43
CA TRP C 434 -15.96 -0.81 19.56
C TRP C 434 -15.62 -2.30 19.66
N ASN C 435 -14.35 -2.66 19.51
CA ASN C 435 -13.86 -4.07 19.65
C ASN C 435 -13.12 -4.21 20.98
N PRO C 436 -13.46 -5.23 21.79
CA PRO C 436 -12.76 -5.47 23.05
C PRO C 436 -11.38 -6.06 22.75
N PRO C 437 -10.29 -5.54 23.37
CA PRO C 437 -8.90 -5.95 23.11
C PRO C 437 -8.50 -7.34 23.65
N ALA C 438 -7.58 -8.03 22.95
CA ALA C 438 -7.06 -9.38 23.32
C ALA C 438 -5.65 -9.25 23.90
N ALA C 439 -5.04 -8.08 23.74
CA ALA C 439 -3.68 -7.81 24.25
C ALA C 439 -3.46 -6.31 24.40
N GLY C 440 -2.41 -5.91 25.13
CA GLY C 440 -2.06 -4.48 25.27
C GLY C 440 -2.79 -3.77 26.39
N MET C 441 -2.63 -2.45 26.42
CA MET C 441 -3.24 -1.55 27.44
C MET C 441 -4.14 -0.49 26.77
N PHE C 442 -4.52 -0.69 25.50
CA PHE C 442 -5.32 0.35 24.78
C PHE C 442 -6.65 -0.17 24.24
N HIS C 443 -7.70 0.63 24.44
CA HIS C 443 -9.06 0.37 23.92
C HIS C 443 -9.36 1.36 22.79
N TRP C 444 -9.84 0.90 21.64
CA TRP C 444 -10.05 1.72 20.42
C TRP C 444 -11.55 1.87 20.10
N ILE C 445 -12.06 3.11 20.11
CA ILE C 445 -13.49 3.46 19.86
C ILE C 445 -13.59 4.33 18.59
N GLU C 446 -14.43 3.94 17.63
CA GLU C 446 -14.60 4.67 16.34
C GLU C 446 -15.59 5.83 16.53
N ILE C 464 -14.62 18.18 13.54
CA ILE C 464 -15.58 17.24 14.17
C ILE C 464 -14.86 16.46 15.28
N GLU C 465 -13.91 15.59 14.90
CA GLU C 465 -13.07 14.80 15.83
C GLU C 465 -12.46 15.74 16.87
N GLU C 466 -11.73 16.76 16.43
CA GLU C 466 -10.97 17.71 17.27
C GLU C 466 -11.94 18.59 18.08
N ALA C 467 -13.24 18.55 17.77
CA ALA C 467 -14.32 19.14 18.59
C ALA C 467 -14.73 18.12 19.66
N VAL C 468 -15.04 16.89 19.23
CA VAL C 468 -15.48 15.75 20.10
C VAL C 468 -14.46 15.58 21.23
N PHE C 469 -13.21 16.00 21.01
CA PHE C 469 -12.10 15.95 22.00
C PHE C 469 -12.36 16.97 23.11
N HIS C 470 -12.76 18.19 22.72
CA HIS C 470 -13.03 19.33 23.64
C HIS C 470 -14.41 19.16 24.28
N ALA C 471 -15.34 18.53 23.56
CA ALA C 471 -16.67 18.11 24.09
C ALA C 471 -16.46 17.16 25.27
N ALA C 472 -15.50 16.25 25.15
CA ALA C 472 -15.13 15.23 26.16
C ALA C 472 -14.40 15.88 27.33
N VAL C 473 -13.47 16.80 27.03
CA VAL C 473 -12.70 17.59 28.06
C VAL C 473 -13.68 18.45 28.84
N ASN C 474 -14.68 19.04 28.16
CA ASN C 474 -15.75 19.85 28.78
C ASN C 474 -16.40 19.03 29.89
N ASN C 475 -16.72 17.76 29.62
CA ASN C 475 -17.41 16.83 30.55
C ASN C 475 -16.38 16.20 31.50
N GLY C 476 -15.10 16.52 31.32
CA GLY C 476 -14.04 16.29 32.33
C GLY C 476 -13.21 15.05 32.07
N VAL C 477 -13.34 14.43 30.89
CA VAL C 477 -12.57 13.20 30.52
C VAL C 477 -11.59 13.53 29.39
N LEU C 478 -10.47 12.81 29.31
CA LEU C 478 -9.38 13.04 28.33
C LEU C 478 -9.03 11.72 27.62
N VAL C 479 -9.45 11.56 26.37
CA VAL C 479 -9.07 10.42 25.48
C VAL C 479 -8.30 10.98 24.28
N SER C 480 -7.18 10.34 23.91
CA SER C 480 -6.29 10.74 22.80
C SER C 480 -6.99 10.52 21.45
N ARG C 481 -6.81 11.46 20.52
CA ARG C 481 -7.52 11.50 19.21
C ARG C 481 -6.80 10.61 18.18
N GLY C 482 -7.55 10.01 17.26
CA GLY C 482 -7.05 9.09 16.23
C GLY C 482 -6.09 9.78 15.28
N SER C 483 -6.32 11.06 14.99
CA SER C 483 -5.60 11.86 13.97
C SER C 483 -4.09 11.91 14.28
N TRP C 484 -3.71 11.77 15.56
CA TRP C 484 -2.28 11.85 16.00
C TRP C 484 -1.53 10.56 15.65
N PHE C 485 -2.25 9.49 15.32
CA PHE C 485 -1.68 8.14 15.07
C PHE C 485 -1.73 7.77 13.58
N THR C 486 -2.24 8.68 12.74
CA THR C 486 -2.31 8.48 11.27
C THR C 486 -0.87 8.46 10.71
N ALA C 487 -0.51 7.38 10.01
CA ALA C 487 0.84 7.14 9.47
C ALA C 487 1.26 8.34 8.60
N GLY C 493 -11.88 7.69 6.44
CA GLY C 493 -12.85 6.79 7.10
C GLY C 493 -13.43 7.42 8.36
N ASN C 494 -13.80 6.59 9.34
CA ASN C 494 -14.34 7.03 10.66
C ASN C 494 -13.25 7.75 11.44
N LEU C 495 -13.63 8.51 12.47
CA LEU C 495 -12.70 9.11 13.45
C LEU C 495 -12.63 8.19 14.66
N PHE C 496 -11.43 7.98 15.22
CA PHE C 496 -11.24 7.03 16.35
C PHE C 496 -10.63 7.76 17.55
N PHE C 497 -10.83 7.17 18.74
CA PHE C 497 -10.29 7.68 20.02
C PHE C 497 -9.63 6.52 20.76
N ARG C 498 -8.40 6.74 21.23
CA ARG C 498 -7.62 5.73 21.98
C ARG C 498 -7.79 6.00 23.48
N ALA C 499 -8.23 4.98 24.23
CA ALA C 499 -8.47 5.09 25.68
C ALA C 499 -7.65 4.03 26.41
N THR C 500 -6.61 4.46 27.13
CA THR C 500 -5.73 3.59 27.96
C THR C 500 -6.52 3.13 29.18
N PHE C 501 -6.32 1.87 29.59
CA PHE C 501 -6.88 1.27 30.83
C PHE C 501 -5.74 0.70 31.68
N ALA C 502 -4.53 1.24 31.49
CA ALA C 502 -3.28 0.77 32.14
C ALA C 502 -3.15 1.36 33.54
N ALA C 503 -3.41 2.65 33.69
CA ALA C 503 -3.06 3.46 34.89
C ALA C 503 -4.25 3.54 35.87
N ALA C 504 -5.39 4.03 35.40
CA ALA C 504 -6.55 4.44 36.24
C ALA C 504 -7.06 3.26 37.08
N SER C 505 -7.77 3.55 38.17
CA SER C 505 -8.53 2.57 38.99
C SER C 505 -9.77 2.12 38.21
N SER C 506 -10.40 1.03 38.64
CA SER C 506 -11.70 0.54 38.11
C SER C 506 -12.74 1.66 38.22
N GLU C 507 -12.90 2.23 39.42
CA GLU C 507 -13.86 3.32 39.72
C GLU C 507 -13.68 4.46 38.72
N ASN C 508 -12.45 4.99 38.61
CA ASN C 508 -12.10 6.15 37.75
C ASN C 508 -12.19 5.74 36.28
N ILE C 509 -11.96 4.46 35.97
CA ILE C 509 -12.14 3.88 34.62
C ILE C 509 -13.61 4.04 34.20
N ALA C 510 -14.53 3.53 35.03
CA ALA C 510 -16.00 3.55 34.80
C ALA C 510 -16.49 5.00 34.68
N GLU C 511 -16.14 5.85 35.65
CA GLU C 511 -16.62 7.26 35.74
C GLU C 511 -16.11 8.05 34.52
N ALA C 512 -14.99 7.64 33.94
CA ALA C 512 -14.34 8.32 32.77
C ALA C 512 -15.10 7.97 31.49
N ILE C 513 -15.48 6.70 31.32
CA ILE C 513 -16.22 6.19 30.13
C ILE C 513 -17.63 6.81 30.11
N ALA C 514 -18.25 6.94 31.29
CA ALA C 514 -19.58 7.56 31.48
C ALA C 514 -19.54 8.99 30.97
N ARG C 515 -18.55 9.78 31.40
CA ARG C 515 -18.36 11.21 31.02
C ARG C 515 -18.25 11.34 29.50
N PHE C 516 -17.48 10.44 28.86
CA PHE C 516 -17.28 10.37 27.40
C PHE C 516 -18.62 10.06 26.73
N ALA C 517 -19.36 9.09 27.29
CA ALA C 517 -20.63 8.57 26.75
C ALA C 517 -21.69 9.67 26.72
N THR C 518 -21.86 10.41 27.82
CA THR C 518 -22.88 11.49 27.97
C THR C 518 -22.53 12.65 27.03
N ALA C 519 -21.24 13.01 26.93
CA ALA C 519 -20.73 14.08 26.06
C ALA C 519 -21.05 13.78 24.60
N LEU C 520 -20.85 12.53 24.17
CA LEU C 520 -21.16 12.05 22.79
C LEU C 520 -22.69 12.09 22.59
N ARG C 521 -23.46 11.63 23.59
CA ARG C 521 -24.95 11.63 23.57
C ARG C 521 -25.45 13.04 23.22
N THR C 522 -24.88 14.06 23.85
CA THR C 522 -25.30 15.48 23.73
C THR C 522 -24.97 16.00 22.32
N GLU C 523 -23.71 15.84 21.89
CA GLU C 523 -23.21 16.30 20.57
C GLU C 523 -24.01 15.61 19.46
N PRO D 16 25.35 38.13 41.41
CA PRO D 16 25.76 36.73 41.26
C PRO D 16 25.18 35.79 42.34
N LEU D 17 24.94 34.53 41.97
CA LEU D 17 24.39 33.46 42.85
C LEU D 17 25.55 32.84 43.64
N THR D 18 25.34 32.57 44.94
CA THR D 18 26.30 31.88 45.84
C THR D 18 25.57 30.81 46.65
N ILE D 19 26.32 30.03 47.44
CA ILE D 19 25.80 28.82 48.17
C ILE D 19 24.84 29.27 49.28
N ASP D 20 25.12 30.39 49.94
CA ASP D 20 24.33 30.89 51.10
C ASP D 20 23.18 31.77 50.57
N GLY D 21 23.26 32.18 49.30
CA GLY D 21 22.19 32.92 48.61
C GLY D 21 21.29 31.99 47.81
N ILE D 22 21.36 30.69 48.06
CA ILE D 22 20.65 29.63 47.29
C ILE D 22 19.37 29.21 48.04
N ALA D 23 19.35 29.32 49.36
CA ALA D 23 18.15 29.07 50.21
C ALA D 23 17.08 30.10 49.82
N ASP D 24 17.48 31.37 49.71
CA ASP D 24 16.67 32.50 49.20
C ASP D 24 15.88 32.04 47.96
N LEU D 25 16.57 31.48 46.97
CA LEU D 25 16.00 31.12 45.64
C LEU D 25 14.91 30.05 45.81
N ARG D 26 15.25 28.90 46.41
CA ARG D 26 14.34 27.73 46.56
C ARG D 26 13.13 28.11 47.42
N ALA D 27 13.27 29.13 48.27
CA ALA D 27 12.18 29.67 49.12
C ALA D 27 11.30 30.62 48.29
N LYS D 28 11.93 31.55 47.57
CA LYS D 28 11.25 32.64 46.80
C LYS D 28 10.75 32.11 45.46
N SER D 29 11.01 30.83 45.14
CA SER D 29 10.71 30.22 43.83
C SER D 29 9.46 29.33 43.92
N ALA D 30 9.00 28.83 42.77
CA ALA D 30 7.81 27.98 42.60
C ALA D 30 8.01 26.65 43.32
N PRO D 31 6.93 25.89 43.60
CA PRO D 31 7.06 24.56 44.18
C PRO D 31 7.57 23.62 43.09
N ILE D 32 8.40 22.65 43.41
CA ILE D 32 8.81 21.61 42.42
C ILE D 32 7.57 20.78 42.11
N PRO D 33 7.28 20.50 40.82
CA PRO D 33 6.16 19.63 40.46
C PRO D 33 6.49 18.18 40.80
N THR D 34 5.67 17.53 41.63
CA THR D 34 5.93 16.19 42.22
C THR D 34 5.21 15.12 41.38
N GLY D 35 4.83 15.44 40.15
CA GLY D 35 4.06 14.56 39.25
C GLY D 35 4.90 13.41 38.71
N VAL D 36 4.29 12.54 37.91
CA VAL D 36 4.91 11.29 37.36
C VAL D 36 5.94 11.68 36.29
N ALA D 37 5.60 12.61 35.40
CA ALA D 37 6.51 13.14 34.36
C ALA D 37 6.20 14.62 34.13
N PRO D 38 6.59 15.51 35.06
CA PRO D 38 6.23 16.92 34.97
C PRO D 38 7.16 17.72 34.05
N GLY D 39 6.60 18.73 33.38
CA GLY D 39 7.36 19.71 32.58
C GLY D 39 8.14 20.65 33.47
N THR D 40 9.38 20.99 33.09
CA THR D 40 10.22 22.01 33.75
C THR D 40 11.21 22.59 32.74
N SER D 41 12.03 23.55 33.18
CA SER D 41 13.20 24.09 32.47
C SER D 41 14.20 24.60 33.50
N SER D 42 15.39 25.02 33.07
CA SER D 42 16.39 25.72 33.92
C SER D 42 15.76 27.01 34.45
N ASP D 43 14.91 27.66 33.65
CA ASP D 43 14.26 28.95 33.97
C ASP D 43 13.52 28.86 35.30
N MET D 44 12.97 27.68 35.63
CA MET D 44 12.21 27.44 36.89
C MET D 44 13.18 27.49 38.07
N PHE D 45 14.48 27.30 37.83
CA PHE D 45 15.52 27.14 38.88
C PHE D 45 16.65 28.15 38.71
N LYS D 46 16.56 29.05 37.73
CA LYS D 46 17.57 30.11 37.51
C LYS D 46 17.28 31.28 38.46
N SER D 47 18.34 31.94 38.93
CA SER D 47 18.27 33.18 39.75
C SER D 47 17.70 34.30 38.90
N PRO D 48 16.99 35.28 39.49
CA PRO D 48 16.44 36.41 38.73
C PRO D 48 17.54 37.19 37.98
N SER D 49 18.73 37.29 38.59
CA SER D 49 19.90 38.06 38.10
C SER D 49 20.14 37.78 36.60
N CYS D 50 19.92 36.53 36.17
CA CYS D 50 20.27 36.00 34.83
C CYS D 50 19.48 36.75 33.74
N TYR D 51 18.19 37.03 34.00
CA TYR D 51 17.20 37.52 33.00
C TYR D 51 17.63 38.89 32.44
N THR D 52 18.27 39.74 33.25
CA THR D 52 18.62 41.14 32.88
C THR D 52 19.87 41.18 31.98
N LYS D 53 20.57 40.06 31.81
CA LYS D 53 21.73 39.96 30.89
C LYS D 53 21.22 40.06 29.45
N PRO D 54 22.09 40.39 28.47
CA PRO D 54 21.69 40.42 27.07
C PRO D 54 21.38 39.00 26.60
N LYS D 55 20.31 38.82 25.81
CA LYS D 55 19.90 37.48 25.30
C LYS D 55 20.93 37.04 24.27
N ALA D 56 21.18 35.73 24.19
CA ALA D 56 22.20 35.11 23.31
C ALA D 56 21.81 35.26 21.84
N LYS D 57 22.76 35.08 20.94
CA LYS D 57 22.59 35.23 19.47
C LYS D 57 21.73 34.08 18.94
N ARG D 58 21.32 34.19 17.67
CA ARG D 58 20.50 33.14 17.01
C ARG D 58 21.43 32.34 16.10
N TRP D 59 21.18 31.03 15.96
CA TRP D 59 22.03 30.08 15.21
C TRP D 59 21.21 29.36 14.14
N ASP D 60 20.01 29.87 13.86
CA ASP D 60 19.06 29.28 12.89
C ASP D 60 19.84 28.87 11.63
N HIS D 61 20.81 29.69 11.20
CA HIS D 61 21.59 29.50 9.94
C HIS D 61 22.49 28.27 10.05
N TYR D 62 22.70 27.75 11.26
CA TYR D 62 23.65 26.62 11.52
C TYR D 62 22.91 25.28 11.61
N LEU D 63 21.68 25.28 12.14
CA LEU D 63 20.91 24.03 12.41
C LEU D 63 20.90 23.16 11.16
N SER D 64 20.99 21.83 11.35
CA SER D 64 20.88 20.81 10.27
C SER D 64 19.42 20.70 9.83
N GLU D 65 19.18 20.29 8.58
CA GLU D 65 17.83 20.01 8.03
C GLU D 65 17.11 19.04 8.97
N GLU D 66 17.86 18.07 9.53
CA GLU D 66 17.36 17.04 10.48
C GLU D 66 16.82 17.73 11.73
N SER D 67 17.58 18.66 12.31
CA SER D 67 17.28 19.34 13.60
C SER D 67 16.10 20.32 13.41
N LYS D 68 16.05 21.02 12.28
CA LYS D 68 14.96 21.98 11.94
C LYS D 68 13.64 21.24 11.85
N SER D 69 13.65 20.05 11.23
CA SER D 69 12.44 19.21 10.95
C SER D 69 11.91 18.55 12.23
N ARG D 70 12.68 18.57 13.32
CA ARG D 70 12.31 17.89 14.60
C ARG D 70 11.18 18.68 15.28
N GLN D 71 10.04 18.04 15.52
CA GLN D 71 8.82 18.66 16.08
C GLN D 71 8.45 17.98 17.41
N GLN D 72 7.78 18.72 18.29
CA GLN D 72 7.37 18.29 19.66
C GLN D 72 6.52 17.02 19.59
N SER D 73 6.74 16.08 20.51
CA SER D 73 5.90 14.87 20.73
C SER D 73 4.51 15.30 21.21
N THR D 74 3.45 14.72 20.65
CA THR D 74 2.02 15.13 20.85
C THR D 74 1.50 14.60 22.20
N LEU D 75 2.06 13.48 22.67
CA LEU D 75 1.73 12.88 23.99
C LEU D 75 2.51 13.63 25.08
N LYS D 76 3.73 14.07 24.76
CA LYS D 76 4.52 15.01 25.60
C LYS D 76 3.84 16.37 25.55
N GLY D 77 2.98 16.58 24.54
CA GLY D 77 2.07 17.73 24.43
C GLY D 77 0.73 17.44 25.09
N ALA D 78 0.70 16.53 26.07
CA ALA D 78 -0.51 16.06 26.79
C ALA D 78 -0.13 15.63 28.22
N SER D 89 -7.72 11.09 33.17
CA SER D 89 -6.75 10.94 32.06
C SER D 89 -6.81 9.52 31.50
N LEU D 90 -7.19 9.38 30.23
CA LEU D 90 -7.16 8.12 29.45
C LEU D 90 -6.22 8.31 28.26
N GLY D 91 -5.36 9.33 28.32
CA GLY D 91 -4.57 9.83 27.18
C GLY D 91 -3.25 9.10 27.04
N GLY D 92 -2.26 9.44 27.87
CA GLY D 92 -0.91 8.86 27.84
C GLY D 92 -0.93 7.36 27.99
N GLY D 93 0.23 6.70 27.83
CA GLY D 93 0.39 5.24 27.96
C GLY D 93 1.25 4.88 29.16
N LEU D 94 1.10 5.63 30.26
CA LEU D 94 1.89 5.49 31.52
C LEU D 94 1.29 4.38 32.38
N PRO D 95 2.01 3.26 32.64
CA PRO D 95 1.50 2.22 33.53
C PRO D 95 1.49 2.68 35.01
N SER D 96 0.62 2.05 35.82
CA SER D 96 0.42 2.37 37.25
C SER D 96 1.60 1.88 38.07
N PRO D 97 2.15 2.72 38.98
CA PRO D 97 3.34 2.36 39.74
C PRO D 97 3.21 1.02 40.50
N GLU D 98 1.98 0.58 40.78
CA GLU D 98 1.68 -0.69 41.51
C GLU D 98 2.28 -1.87 40.75
N TYR D 99 2.54 -1.71 39.45
CA TYR D 99 2.97 -2.79 38.53
C TYR D 99 4.49 -2.75 38.34
N PHE D 100 5.18 -1.91 39.13
CA PHE D 100 6.66 -1.93 39.30
C PHE D 100 7.00 -2.68 40.58
N PRO D 101 7.81 -3.76 40.53
CA PRO D 101 8.15 -4.52 41.73
C PRO D 101 9.41 -4.03 42.45
N PHE D 102 9.48 -2.73 42.75
CA PHE D 102 10.57 -2.09 43.52
C PHE D 102 9.97 -1.19 44.62
N GLU D 103 9.76 -1.77 45.80
CA GLU D 103 9.15 -1.10 46.98
C GLU D 103 10.09 -0.02 47.50
N GLU D 104 11.38 -0.34 47.66
CA GLU D 104 12.41 0.55 48.25
C GLU D 104 13.76 0.33 47.57
N ILE D 105 14.49 1.41 47.32
CA ILE D 105 15.92 1.42 46.86
C ILE D 105 16.75 2.20 47.89
N SER D 106 17.78 1.55 48.44
CA SER D 106 18.70 2.11 49.46
C SER D 106 20.15 2.02 48.95
N VAL D 107 20.95 3.07 49.20
CA VAL D 107 22.36 3.17 48.73
C VAL D 107 23.25 3.62 49.91
N LYS D 108 24.36 2.92 50.12
CA LYS D 108 25.38 3.25 51.17
C LYS D 108 26.34 4.30 50.60
N VAL D 109 26.19 5.55 51.06
CA VAL D 109 27.02 6.68 50.57
C VAL D 109 27.87 7.23 51.73
N PRO D 110 29.01 7.91 51.45
CA PRO D 110 29.86 8.45 52.51
C PRO D 110 29.36 9.84 52.92
N THR D 111 29.73 10.30 54.12
CA THR D 111 29.32 11.64 54.58
C THR D 111 30.46 12.63 54.32
N PRO D 112 30.18 13.94 54.16
CA PRO D 112 31.18 14.98 53.86
C PRO D 112 32.64 14.78 54.32
N PRO D 113 32.92 14.48 55.60
CA PRO D 113 34.30 14.23 56.04
C PRO D 113 34.92 12.97 55.39
N GLY D 114 34.49 11.78 55.80
CA GLY D 114 35.04 10.51 55.27
C GLY D 114 34.66 10.26 53.83
N PHE D 115 35.61 10.36 52.91
CA PHE D 115 35.34 10.21 51.46
C PHE D 115 35.85 8.89 50.88
N SER D 116 36.84 8.26 51.49
CA SER D 116 37.32 6.99 50.91
C SER D 116 36.41 5.81 51.27
N PRO D 117 36.57 4.65 50.62
CA PRO D 117 35.72 3.48 50.84
C PRO D 117 35.53 3.06 52.31
N HIS D 118 36.61 2.73 53.00
CA HIS D 118 36.48 2.25 54.41
C HIS D 118 35.81 3.30 55.30
N GLU D 119 36.10 4.57 55.10
CA GLU D 119 35.38 5.63 55.87
C GLU D 119 33.89 5.44 55.63
N THR D 120 33.48 5.32 54.37
CA THR D 120 32.07 5.13 54.01
C THR D 120 31.49 3.96 54.82
N GLN D 121 32.15 2.81 54.87
CA GLN D 121 31.51 1.68 55.60
C GLN D 121 31.41 1.96 57.10
N GLU D 122 32.39 2.67 57.65
CA GLU D 122 32.36 2.89 59.11
C GLU D 122 31.41 4.04 59.49
N SER D 123 31.19 5.04 58.64
CA SER D 123 30.32 6.17 59.07
C SER D 123 29.47 6.77 57.94
N GLY D 124 29.31 6.10 56.80
CA GLY D 124 28.54 6.70 55.70
C GLY D 124 27.04 6.62 55.87
N ALA D 125 26.34 7.54 55.22
CA ALA D 125 24.86 7.65 55.29
C ALA D 125 24.19 6.52 54.51
N VAL D 126 22.93 6.22 54.85
CA VAL D 126 22.12 5.20 54.12
C VAL D 126 20.85 5.89 53.62
N LEU D 127 20.93 6.46 52.41
CA LEU D 127 19.77 7.17 51.80
C LEU D 127 18.72 6.15 51.36
N THR D 128 17.46 6.56 51.30
CA THR D 128 16.38 5.63 50.91
C THR D 128 15.26 6.35 50.17
N ALA D 129 14.79 5.74 49.08
CA ALA D 129 13.63 6.20 48.29
C ALA D 129 12.58 5.07 48.24
N LYS D 130 11.41 5.31 48.84
CA LYS D 130 10.28 4.34 48.92
C LYS D 130 9.12 4.87 48.07
N LYS D 131 8.24 3.97 47.61
CA LYS D 131 6.99 4.35 46.90
C LYS D 131 6.02 4.95 47.94
N GLY D 132 5.93 6.28 47.98
CA GLY D 132 5.02 7.01 48.89
C GLY D 132 5.73 8.13 49.63
N ASP D 133 7.05 8.21 49.52
CA ASP D 133 7.90 9.23 50.20
C ASP D 133 7.23 10.61 50.08
N VAL D 134 6.84 10.98 48.86
CA VAL D 134 6.24 12.31 48.54
C VAL D 134 5.03 12.53 49.47
N GLN D 135 4.18 11.52 49.60
CA GLN D 135 2.95 11.67 50.43
C GLN D 135 3.35 11.95 51.88
N ALA D 136 4.34 11.21 52.38
CA ALA D 136 4.78 11.28 53.80
C ALA D 136 5.64 12.52 54.02
N GLY D 137 6.12 13.16 52.95
CA GLY D 137 6.92 14.40 53.01
C GLY D 137 8.40 14.11 53.13
N ARG D 138 8.76 12.84 53.31
CA ARG D 138 10.16 12.37 53.48
C ARG D 138 11.03 12.95 52.36
N SER D 139 10.78 12.56 51.10
CA SER D 139 11.53 13.04 49.92
C SER D 139 10.57 13.52 48.82
N LEU D 140 10.95 14.61 48.14
CA LEU D 140 10.24 15.20 46.99
C LEU D 140 10.20 14.20 45.83
N TYR D 141 11.25 13.38 45.71
CA TYR D 141 11.43 12.39 44.62
C TYR D 141 10.90 11.03 45.07
N ASP D 142 9.65 10.75 44.71
CA ASP D 142 8.99 9.46 45.03
C ASP D 142 9.56 8.39 44.10
N LEU D 143 9.68 7.15 44.58
CA LEU D 143 10.20 6.03 43.78
C LEU D 143 9.26 5.77 42.59
N GLU D 144 7.95 5.89 42.79
CA GLU D 144 6.96 5.65 41.71
C GLU D 144 7.23 6.60 40.54
N VAL D 145 7.50 7.88 40.83
CA VAL D 145 7.85 8.88 39.76
C VAL D 145 9.14 8.43 39.06
N ALA D 146 10.11 7.92 39.82
CA ALA D 146 11.48 7.57 39.34
C ALA D 146 11.41 6.36 38.40
N LEU D 147 10.50 5.42 38.68
CA LEU D 147 10.35 4.16 37.90
C LEU D 147 9.39 4.38 36.73
N ASN D 148 8.78 5.55 36.65
CA ASN D 148 7.82 5.84 35.57
C ASN D 148 8.51 6.61 34.45
N TYR D 149 7.79 6.87 33.37
CA TYR D 149 8.36 7.63 32.23
C TYR D 149 8.69 9.05 32.70
N GLY D 150 9.78 9.60 32.17
CA GLY D 150 10.22 10.95 32.56
C GLY D 150 10.32 11.85 31.35
N GLN D 151 10.36 13.16 31.59
CA GLN D 151 10.49 14.15 30.49
C GLN D 151 11.94 14.12 29.95
N SER D 152 12.11 14.61 28.73
CA SER D 152 13.42 14.60 28.02
C SER D 152 14.50 15.37 28.78
N THR D 153 14.13 16.45 29.47
CA THR D 153 15.12 17.28 30.22
C THR D 153 15.61 16.57 31.48
N GLY D 154 14.98 15.45 31.89
CA GLY D 154 15.30 14.77 33.15
C GLY D 154 14.43 15.31 34.28
N SER D 155 14.49 14.69 35.47
CA SER D 155 13.75 15.12 36.67
C SER D 155 14.04 16.59 36.97
N PRO D 156 13.05 17.38 37.41
CA PRO D 156 13.29 18.75 37.88
C PRO D 156 14.14 18.70 39.15
N GLN D 157 13.90 17.68 39.98
CA GLN D 157 14.75 17.34 41.15
C GLN D 157 16.22 17.51 40.75
N LEU D 158 16.69 16.71 39.79
CA LEU D 158 18.11 16.65 39.36
C LEU D 158 18.45 17.87 38.50
N LEU D 159 17.50 18.36 37.71
CA LEU D 159 17.73 19.52 36.82
C LEU D 159 17.94 20.78 37.64
N ARG D 160 17.12 20.96 38.67
CA ARG D 160 17.24 22.10 39.62
C ARG D 160 18.69 22.14 40.14
N PHE D 161 19.18 21.03 40.70
CA PHE D 161 20.56 20.90 41.25
C PHE D 161 21.57 21.22 40.14
N VAL D 162 21.51 20.48 39.03
CA VAL D 162 22.44 20.59 37.88
C VAL D 162 22.39 22.03 37.33
N THR D 163 21.21 22.65 37.36
CA THR D 163 20.98 24.05 36.89
C THR D 163 21.66 25.03 37.85
N GLU D 164 21.47 24.84 39.16
CA GLU D 164 22.03 25.69 40.24
C GLU D 164 23.56 25.61 40.21
N HIS D 165 24.11 24.40 40.29
CA HIS D 165 25.56 24.11 40.20
C HIS D 165 26.17 24.89 39.03
N THR D 166 25.49 24.88 37.88
CA THR D 166 25.96 25.49 36.61
C THR D 166 26.13 27.00 36.78
N GLU D 167 25.21 27.69 37.47
CA GLU D 167 25.35 29.15 37.68
C GLU D 167 26.31 29.40 38.84
N LEU D 168 26.35 28.49 39.82
CA LEU D 168 27.25 28.62 41.00
C LEU D 168 28.70 28.48 40.56
N ILE D 169 28.98 27.63 39.57
CA ILE D 169 30.37 27.34 39.14
C ILE D 169 30.72 28.21 37.93
N HIS D 170 29.83 28.30 36.93
CA HIS D 170 30.15 28.95 35.63
C HIS D 170 29.57 30.36 35.58
N ASN D 171 28.36 30.58 36.10
CA ASN D 171 27.68 31.91 36.09
C ASN D 171 27.66 32.44 34.66
N PRO D 172 26.95 31.79 33.73
CA PRO D 172 26.94 32.18 32.31
C PRO D 172 26.52 33.63 32.05
N PRO D 173 27.28 34.34 31.21
CA PRO D 173 27.11 35.78 31.02
C PRO D 173 25.96 36.21 30.08
N TYR D 174 25.07 35.29 29.70
CA TYR D 174 23.85 35.59 28.91
C TYR D 174 22.62 35.04 29.63
N ALA D 175 21.43 35.40 29.16
CA ALA D 175 20.14 35.27 29.87
C ALA D 175 19.47 33.93 29.56
N ASP D 176 19.34 33.58 28.28
CA ASP D 176 18.57 32.39 27.82
C ASP D 176 19.49 31.17 27.77
N TRP D 177 20.22 30.91 28.86
CA TRP D 177 21.07 29.70 29.04
C TRP D 177 20.28 28.65 29.84
N GLN D 178 20.31 27.39 29.39
CA GLN D 178 19.50 26.29 29.97
C GLN D 178 20.30 24.98 29.98
N CYS D 179 19.96 24.10 30.91
CA CYS D 179 20.52 22.73 31.04
C CYS D 179 19.54 21.70 30.44
N CYS D 180 20.03 20.47 30.23
CA CYS D 180 19.25 19.29 29.81
C CYS D 180 20.05 18.03 30.16
N LEU D 181 19.40 17.05 30.81
CA LEU D 181 20.05 15.80 31.27
C LEU D 181 20.32 14.89 30.06
N ASN D 182 21.40 14.12 30.11
CA ASN D 182 21.79 13.21 29.00
C ASN D 182 21.93 11.79 29.54
N ALA D 183 22.24 10.85 28.65
CA ALA D 183 22.54 9.45 29.03
C ALA D 183 24.05 9.27 28.88
N GLY D 184 24.79 10.36 29.09
CA GLY D 184 26.26 10.40 28.98
C GLY D 184 26.69 11.43 27.96
N SER D 185 27.93 11.91 28.09
CA SER D 185 28.59 12.89 27.21
C SER D 185 28.76 12.30 25.81
N THR D 186 28.96 10.98 25.73
CA THR D 186 29.10 10.31 24.42
C THR D 186 27.80 10.53 23.65
N TYR D 187 26.66 10.29 24.30
CA TYR D 187 25.33 10.46 23.69
C TYR D 187 25.11 11.94 23.34
N GLY D 188 25.55 12.84 24.21
CA GLY D 188 25.41 14.29 23.98
C GLY D 188 26.18 14.73 22.75
N TRP D 189 27.38 14.21 22.56
CA TRP D 189 28.26 14.58 21.42
C TRP D 189 27.63 14.09 20.11
N ASP D 190 27.06 12.89 20.11
CA ASP D 190 26.43 12.28 18.90
C ASP D 190 25.28 13.18 18.45
N THR D 191 24.51 13.74 19.39
CA THR D 191 23.28 14.53 19.12
C THR D 191 23.64 15.95 18.65
N VAL D 192 24.62 16.63 19.26
CA VAL D 192 25.00 18.00 18.81
C VAL D 192 25.61 17.89 17.40
N LEU D 193 26.22 16.74 17.06
CA LEU D 193 26.74 16.44 15.70
C LEU D 193 25.56 16.37 14.72
N ARG D 194 24.54 15.57 15.05
CA ARG D 194 23.30 15.42 14.24
C ARG D 194 22.59 16.76 14.15
N MET D 195 22.74 17.61 15.16
CA MET D 195 22.00 18.88 15.32
C MET D 195 22.71 20.02 14.57
N LEU D 196 24.03 19.89 14.32
CA LEU D 196 24.80 20.98 13.67
C LEU D 196 25.47 20.53 12.38
N CYS D 197 25.51 19.23 12.08
CA CYS D 197 26.35 18.75 10.96
C CYS D 197 25.52 18.04 9.89
N THR D 198 25.84 18.36 8.64
CA THR D 198 25.29 17.74 7.40
C THR D 198 26.37 16.83 6.84
N ARG D 199 25.97 15.74 6.17
CA ARG D 199 26.93 14.80 5.54
C ARG D 199 27.83 15.61 4.60
N GLY D 200 29.15 15.49 4.75
CA GLY D 200 30.15 16.19 3.92
C GLY D 200 30.64 17.47 4.58
N ASP D 201 30.18 17.78 5.80
CA ASP D 201 30.62 18.98 6.55
C ASP D 201 31.98 18.71 7.21
N TYR D 202 32.67 19.77 7.61
CA TYR D 202 33.97 19.73 8.32
C TYR D 202 33.76 20.18 9.77
N ILE D 203 34.67 19.77 10.65
CA ILE D 203 34.62 20.09 12.10
C ILE D 203 36.03 20.45 12.57
N LEU D 204 36.17 21.49 13.39
CA LEU D 204 37.47 21.91 13.97
C LEU D 204 37.78 21.01 15.16
N MET D 205 39.07 20.69 15.37
CA MET D 205 39.50 19.73 16.41
C MET D 205 41.00 19.89 16.70
N GLU D 206 41.36 19.76 17.97
CA GLU D 206 42.75 19.59 18.46
C GLU D 206 43.42 18.47 17.65
N GLU D 207 44.60 18.75 17.09
CA GLU D 207 45.37 17.84 16.19
C GLU D 207 45.37 16.43 16.78
N TYR D 208 45.41 16.33 18.11
CA TYR D 208 45.33 15.05 18.84
C TYR D 208 44.11 15.12 19.76
N THR D 209 43.04 14.40 19.42
CA THR D 209 41.75 14.49 20.15
C THR D 209 41.37 13.15 20.75
N PHE D 210 40.20 13.13 21.41
CA PHE D 210 39.56 11.94 22.00
C PHE D 210 39.09 11.03 20.87
N SER D 211 39.71 9.85 20.75
CA SER D 211 39.51 8.87 19.66
C SER D 211 38.01 8.63 19.43
N SER D 212 37.24 8.50 20.51
CA SER D 212 35.80 8.16 20.50
C SER D 212 34.98 9.32 19.93
N ALA D 213 35.44 10.57 20.14
CA ALA D 213 34.83 11.80 19.59
C ALA D 213 34.89 11.73 18.06
N LYS D 214 36.08 11.46 17.51
CA LYS D 214 36.33 11.28 16.06
C LYS D 214 35.43 10.17 15.51
N GLU D 215 35.36 9.03 16.21
CA GLU D 215 34.73 7.78 15.71
C GLU D 215 33.21 7.93 15.69
N THR D 216 32.66 8.95 16.36
CA THR D 216 31.22 9.32 16.31
C THR D 216 30.97 10.20 15.07
N ALA D 217 31.94 11.05 14.70
CA ALA D 217 31.82 12.06 13.63
C ALA D 217 31.90 11.41 12.24
N LEU D 218 32.95 10.61 12.02
CA LEU D 218 33.34 10.09 10.67
C LEU D 218 32.25 9.24 10.04
N PRO D 219 31.53 8.37 10.78
CA PRO D 219 30.44 7.58 10.20
C PRO D 219 29.29 8.43 9.63
N LEU D 220 29.11 9.64 10.17
CA LEU D 220 28.03 10.59 9.77
C LEU D 220 28.42 11.30 8.47
N GLY D 221 29.67 11.16 8.02
CA GLY D 221 30.17 11.76 6.77
C GLY D 221 30.89 13.07 7.01
N VAL D 222 31.16 13.39 8.28
CA VAL D 222 31.83 14.67 8.68
C VAL D 222 33.34 14.49 8.60
N LYS D 223 34.02 15.41 7.89
CA LYS D 223 35.50 15.49 7.81
C LYS D 223 36.01 16.23 9.05
N VAL D 224 37.32 16.18 9.31
CA VAL D 224 37.98 16.81 10.49
C VAL D 224 39.19 17.62 10.03
N ALA D 225 39.16 18.93 10.23
CA ALA D 225 40.29 19.87 9.95
C ALA D 225 41.02 20.15 11.26
N SER D 226 42.15 19.48 11.48
CA SER D 226 42.97 19.57 12.72
C SER D 226 43.50 21.00 12.89
N VAL D 227 43.81 21.39 14.14
CA VAL D 227 44.41 22.70 14.50
C VAL D 227 45.59 22.44 15.43
N LYS D 228 46.80 22.87 15.02
CA LYS D 228 48.08 22.63 15.71
C LYS D 228 47.96 23.05 17.18
N MET D 229 48.57 22.27 18.08
CA MET D 229 48.49 22.54 19.54
C MET D 229 49.88 22.51 20.17
N ASP D 230 50.01 23.18 21.32
CA ASP D 230 51.29 23.27 22.08
C ASP D 230 51.04 22.84 23.53
N ALA D 231 51.94 23.21 24.44
CA ALA D 231 51.85 22.86 25.88
C ALA D 231 50.55 23.42 26.49
N GLU D 232 50.12 24.61 26.07
CA GLU D 232 48.84 25.21 26.57
C GLU D 232 47.62 24.61 25.87
N GLY D 233 47.83 23.84 24.80
CA GLY D 233 46.70 23.22 24.08
C GLY D 233 46.45 23.88 22.74
N LEU D 234 45.17 24.09 22.42
CA LEU D 234 44.74 24.70 21.14
C LEU D 234 45.45 26.04 20.92
N LEU D 235 45.97 26.26 19.73
CA LEU D 235 46.67 27.54 19.42
C LEU D 235 45.71 28.41 18.62
N PRO D 236 45.32 29.60 19.12
CA PRO D 236 44.40 30.48 18.40
C PRO D 236 44.99 30.97 17.08
N GLU D 237 46.31 31.16 17.04
CA GLU D 237 47.04 31.67 15.84
C GLU D 237 46.86 30.67 14.69
N SER D 238 46.91 29.37 14.99
CA SER D 238 46.75 28.26 14.00
C SER D 238 45.27 28.04 13.71
N LEU D 239 44.44 28.03 14.76
CA LEU D 239 42.95 27.99 14.68
C LEU D 239 42.49 29.08 13.71
N ASP D 240 42.94 30.32 13.93
CA ASP D 240 42.64 31.50 13.08
C ASP D 240 43.18 31.25 11.67
N GLU D 241 44.42 30.75 11.56
CA GLU D 241 45.14 30.50 10.29
C GLU D 241 44.33 29.51 9.42
N VAL D 242 43.71 28.51 10.06
CA VAL D 242 42.96 27.41 9.38
C VAL D 242 41.65 27.99 8.81
N LEU D 243 40.98 28.86 9.56
CA LEU D 243 39.67 29.46 9.18
C LEU D 243 39.89 30.65 8.25
N SER D 244 40.91 31.47 8.55
CA SER D 244 41.28 32.70 7.78
C SER D 244 41.62 32.33 6.33
N ASN D 245 42.24 31.16 6.13
CA ASN D 245 42.82 30.72 4.84
C ASN D 245 42.00 29.57 4.24
N TRP D 246 40.80 29.33 4.79
CA TRP D 246 39.91 28.23 4.32
C TRP D 246 39.66 28.39 2.82
N ASP D 247 40.06 27.39 2.03
CA ASP D 247 39.80 27.31 0.58
C ASP D 247 38.80 26.19 0.32
N GLU D 248 37.54 26.56 0.06
CA GLU D 248 36.42 25.61 -0.17
C GLU D 248 36.87 24.53 -1.15
N ALA D 249 37.18 24.92 -2.40
CA ALA D 249 37.42 24.01 -3.54
C ALA D 249 38.42 22.91 -3.13
N SER D 250 39.56 23.29 -2.55
CA SER D 250 40.63 22.34 -2.10
C SER D 250 40.07 21.44 -0.99
N ARG D 251 39.36 22.04 -0.05
CA ARG D 251 38.76 21.34 1.13
C ARG D 251 37.65 20.41 0.66
N GLY D 252 36.83 20.86 -0.29
CA GLY D 252 35.71 20.06 -0.86
C GLY D 252 34.37 20.43 -0.25
N SER D 253 34.34 21.41 0.66
CA SER D 253 33.10 21.87 1.35
C SER D 253 33.26 23.30 1.87
N ARG D 254 32.25 23.77 2.62
CA ARG D 254 32.15 25.16 3.14
C ARG D 254 32.97 25.29 4.42
N LYS D 255 33.20 26.52 4.87
CA LYS D 255 33.98 26.83 6.10
C LYS D 255 33.30 26.15 7.29
N PRO D 256 34.07 25.50 8.18
CA PRO D 256 33.51 24.85 9.36
C PRO D 256 33.07 25.90 10.39
N PHE D 257 32.10 25.58 11.25
CA PHE D 257 31.59 26.52 12.27
C PHE D 257 31.49 25.83 13.64
N VAL D 258 31.91 24.58 13.75
CA VAL D 258 31.83 23.82 15.03
C VAL D 258 33.25 23.49 15.48
N LEU D 259 33.62 23.92 16.69
CA LEU D 259 34.94 23.61 17.29
C LEU D 259 34.75 22.69 18.50
N TYR D 260 35.17 21.43 18.37
CA TYR D 260 35.19 20.46 19.49
C TYR D 260 36.51 20.63 20.24
N THR D 261 36.45 20.93 21.54
CA THR D 261 37.66 21.18 22.34
C THR D 261 37.52 20.60 23.75
N ILE D 262 38.62 20.09 24.28
CA ILE D 262 38.75 19.60 25.68
C ILE D 262 39.72 20.51 26.42
N PRO D 263 39.23 21.64 26.97
CA PRO D 263 40.09 22.66 27.56
C PRO D 263 40.94 22.18 28.75
N THR D 264 40.32 21.55 29.75
CA THR D 264 41.00 21.05 30.98
C THR D 264 41.37 19.58 30.80
N GLY D 265 42.56 19.18 31.27
CA GLY D 265 43.10 17.81 31.11
C GLY D 265 42.75 17.25 29.75
N GLN D 266 43.26 17.88 28.69
CA GLN D 266 42.94 17.50 27.30
C GLN D 266 43.30 16.03 27.07
N ASN D 267 42.41 15.33 26.37
CA ASN D 267 42.57 13.90 26.03
C ASN D 267 43.14 13.84 24.62
N PRO D 268 44.31 13.21 24.37
CA PRO D 268 45.10 12.53 25.40
C PRO D 268 46.38 13.23 25.88
N THR D 269 46.64 14.45 25.41
CA THR D 269 47.89 15.19 25.74
C THR D 269 47.98 15.55 27.22
N GLY D 270 46.85 15.78 27.90
CA GLY D 270 46.83 16.21 29.30
C GLY D 270 47.04 17.72 29.42
N ALA D 271 47.11 18.41 28.30
CA ALA D 271 47.32 19.88 28.26
C ALA D 271 46.07 20.58 28.79
N THR D 272 46.25 21.71 29.48
CA THR D 272 45.15 22.54 30.04
C THR D 272 45.30 23.98 29.55
N GLN D 273 44.27 24.50 28.90
CA GLN D 273 44.24 25.91 28.42
C GLN D 273 44.17 26.83 29.64
N GLN D 274 44.81 28.01 29.56
CA GLN D 274 44.74 29.05 30.62
C GLN D 274 43.84 30.19 30.13
N LEU D 275 43.55 31.14 31.03
CA LEU D 275 42.53 32.21 30.84
C LEU D 275 42.80 32.95 29.53
N GLU D 276 44.02 33.45 29.33
CA GLU D 276 44.41 34.25 28.14
C GLU D 276 44.18 33.42 26.87
N ARG D 277 44.58 32.16 26.88
CA ARG D 277 44.43 31.25 25.71
C ARG D 277 42.94 31.06 25.38
N ARG D 278 42.11 30.87 26.40
CA ARG D 278 40.64 30.67 26.22
C ARG D 278 40.03 31.97 25.71
N LYS D 279 40.43 33.12 26.27
CA LYS D 279 39.93 34.45 25.84
C LYS D 279 40.33 34.69 24.39
N ALA D 280 41.55 34.31 24.00
CA ALA D 280 42.09 34.46 22.64
C ALA D 280 41.27 33.59 21.68
N VAL D 281 41.07 32.33 22.06
CA VAL D 281 40.30 31.34 21.25
C VAL D 281 38.87 31.87 21.08
N TYR D 282 38.28 32.43 22.14
CA TYR D 282 36.89 32.97 22.09
C TYR D 282 36.83 34.05 21.01
N LYS D 283 37.71 35.06 21.08
CA LYS D 283 37.80 36.15 20.08
C LYS D 283 37.88 35.54 18.68
N VAL D 284 38.67 34.47 18.52
CA VAL D 284 38.88 33.75 17.23
C VAL D 284 37.54 33.17 16.77
N ALA D 285 36.74 32.65 17.70
CA ALA D 285 35.42 32.03 17.43
C ALA D 285 34.43 33.13 17.03
N GLN D 286 34.53 34.29 17.67
CA GLN D 286 33.70 35.47 17.36
C GLN D 286 34.03 35.98 15.96
N LYS D 287 35.33 36.05 15.62
CA LYS D 287 35.78 36.56 14.30
C LYS D 287 35.15 35.71 13.20
N HIS D 288 35.35 34.38 13.26
CA HIS D 288 34.96 33.42 12.19
C HIS D 288 33.56 32.87 12.49
N ASP D 289 32.92 33.36 13.55
CA ASP D 289 31.56 32.98 13.98
C ASP D 289 31.53 31.47 14.20
N LEU D 290 32.11 30.98 15.29
CA LEU D 290 32.21 29.52 15.59
C LEU D 290 31.32 29.18 16.78
N ILE D 291 30.80 27.95 16.79
CA ILE D 291 30.09 27.34 17.95
C ILE D 291 31.13 26.55 18.75
N ILE D 292 31.27 26.83 20.04
CA ILE D 292 32.28 26.13 20.89
C ILE D 292 31.60 24.98 21.64
N VAL D 293 32.04 23.75 21.38
CA VAL D 293 31.58 22.54 22.12
C VAL D 293 32.67 22.15 23.12
N GLU D 294 32.50 22.59 24.37
CA GLU D 294 33.46 22.33 25.46
C GLU D 294 33.12 21.00 26.12
N ASP D 295 33.94 19.98 25.86
CA ASP D 295 33.77 18.62 26.44
C ASP D 295 34.67 18.52 27.68
N GLU D 296 34.12 18.76 28.87
CA GLU D 296 34.89 18.96 30.13
C GLU D 296 34.49 17.93 31.17
N PRO D 297 34.92 16.64 31.02
CA PRO D 297 34.72 15.63 32.05
C PRO D 297 35.63 15.81 33.26
N TYR D 298 36.68 16.63 33.13
CA TYR D 298 37.80 16.74 34.09
C TYR D 298 37.98 18.18 34.57
N TYR D 299 36.95 19.02 34.43
CA TYR D 299 37.03 20.46 34.78
C TYR D 299 37.58 20.64 36.20
N PHE D 300 37.06 19.89 37.17
CA PHE D 300 37.36 20.04 38.61
C PHE D 300 38.68 19.36 38.96
N LEU D 301 39.22 18.53 38.07
CA LEU D 301 40.52 17.83 38.28
C LEU D 301 41.67 18.80 37.98
N GLN D 302 41.42 20.11 38.05
CA GLN D 302 42.46 21.16 37.98
C GLN D 302 43.38 20.98 39.19
N MET D 303 44.68 20.77 38.95
CA MET D 303 45.67 20.48 40.01
C MET D 303 46.77 21.54 40.00
N GLN D 304 47.48 21.70 41.12
CA GLN D 304 48.76 22.45 41.21
C GLN D 304 49.77 21.75 40.30
N PRO D 305 50.41 22.47 39.36
CA PRO D 305 51.34 21.85 38.40
C PRO D 305 52.48 21.09 39.08
N TYR D 306 53.19 20.26 38.30
CA TYR D 306 54.31 19.39 38.75
C TYR D 306 55.63 20.15 38.57
N PRO D 316 42.41 23.44 52.17
CA PRO D 316 43.19 24.45 51.47
C PRO D 316 42.41 25.73 51.13
N PRO D 317 41.27 25.67 50.41
CA PRO D 317 40.36 26.82 50.33
C PRO D 317 39.68 27.12 51.66
N ALA D 318 39.80 28.36 52.14
CA ALA D 318 39.19 28.86 53.40
C ALA D 318 37.68 28.64 53.35
N SER D 319 37.03 29.15 52.30
CA SER D 319 35.58 28.98 52.04
C SER D 319 35.39 28.35 50.67
N HIS D 320 34.25 27.70 50.42
CA HIS D 320 33.95 27.06 49.12
C HIS D 320 33.95 28.15 48.03
N ASP D 321 33.39 29.32 48.34
CA ASP D 321 33.31 30.48 47.41
C ASP D 321 34.69 30.74 46.80
N GLU D 322 35.75 30.78 47.62
CA GLU D 322 37.14 31.07 47.17
C GLU D 322 37.63 29.98 46.22
N PHE D 323 37.28 28.71 46.47
CA PHE D 323 37.72 27.56 45.64
C PHE D 323 37.33 27.82 44.18
N ILE D 324 36.08 28.23 43.96
CA ILE D 324 35.51 28.47 42.59
C ILE D 324 36.33 29.56 41.89
N LYS D 325 36.76 30.59 42.63
CA LYS D 325 37.59 31.71 42.11
C LYS D 325 38.93 31.16 41.63
N SER D 326 39.48 30.18 42.35
CA SER D 326 40.81 29.58 42.07
C SER D 326 40.78 28.79 40.77
N LEU D 327 39.63 28.23 40.42
CA LEU D 327 39.47 27.38 39.20
C LEU D 327 39.62 28.25 37.95
N ILE D 328 40.59 27.92 37.09
CA ILE D 328 40.73 28.53 35.73
C ILE D 328 39.35 28.43 35.03
N PRO D 329 38.67 29.57 34.74
CA PRO D 329 37.33 29.63 34.13
C PRO D 329 37.08 28.82 32.85
N SER D 330 35.82 28.43 32.58
CA SER D 330 35.38 27.69 31.38
C SER D 330 34.98 28.67 30.27
N TYR D 331 34.86 28.19 29.03
CA TYR D 331 34.43 28.98 27.85
C TYR D 331 32.98 29.41 28.02
N LEU D 332 32.22 28.68 28.85
CA LEU D 332 30.81 29.01 29.18
C LEU D 332 30.78 30.33 29.95
N SER D 333 31.77 30.55 30.81
CA SER D 333 31.92 31.79 31.63
C SER D 333 32.11 33.01 30.71
N LEU D 334 32.82 32.83 29.61
CA LEU D 334 33.11 33.90 28.62
C LEU D 334 32.06 33.89 27.51
N ASP D 335 31.02 33.05 27.61
CA ASP D 335 30.06 32.93 26.48
C ASP D 335 29.05 34.08 26.49
N VAL D 336 29.51 35.27 26.08
CA VAL D 336 28.66 36.50 26.00
C VAL D 336 27.79 36.44 24.74
N ASP D 337 28.19 35.64 23.75
CA ASP D 337 27.46 35.51 22.46
C ASP D 337 26.49 34.34 22.53
N GLY D 338 26.52 33.56 23.62
CA GLY D 338 25.68 32.35 23.77
C GLY D 338 25.99 31.35 22.69
N ARG D 339 27.29 31.18 22.39
CA ARG D 339 27.80 30.32 21.29
C ARG D 339 28.55 29.11 21.83
N VAL D 340 28.31 28.73 23.08
CA VAL D 340 29.07 27.63 23.74
C VAL D 340 28.09 26.56 24.25
N LEU D 341 28.32 25.32 23.85
CA LEU D 341 27.67 24.12 24.45
C LEU D 341 28.71 23.37 25.28
N ARG D 342 28.42 23.22 26.58
CA ARG D 342 29.36 22.50 27.48
C ARG D 342 28.79 21.13 27.80
N LEU D 343 29.54 20.09 27.47
CA LEU D 343 29.21 18.69 27.80
C LEU D 343 29.85 18.32 29.14
N GLU D 344 29.02 18.08 30.15
CA GLU D 344 29.42 17.58 31.49
C GLU D 344 28.75 16.22 31.71
N SER D 345 29.44 15.31 32.40
CA SER D 345 28.94 13.95 32.75
C SER D 345 29.32 13.64 34.21
N PHE D 346 28.64 12.66 34.82
CA PHE D 346 28.94 12.16 36.19
C PHE D 346 29.90 10.98 36.12
N SER D 347 30.28 10.60 34.90
CA SER D 347 31.16 9.44 34.64
C SER D 347 32.53 9.61 35.29
N LYS D 348 33.14 10.78 35.18
CA LYS D 348 34.51 10.95 35.74
C LYS D 348 34.48 11.73 37.07
N VAL D 349 33.32 11.82 37.72
CA VAL D 349 33.24 12.53 39.03
C VAL D 349 32.51 11.62 40.03
N LEU D 350 31.67 10.71 39.54
CA LEU D 350 30.89 9.81 40.43
C LEU D 350 30.91 8.37 39.88
N SER D 351 30.33 8.10 38.70
CA SER D 351 30.23 6.72 38.15
C SER D 351 30.01 6.71 36.64
N PRO D 352 30.91 6.06 35.87
CA PRO D 352 30.68 5.76 34.46
C PRO D 352 29.37 4.99 34.23
N GLY D 353 29.07 4.06 35.15
CA GLY D 353 27.97 3.09 35.05
C GLY D 353 26.59 3.74 35.17
N SER D 354 26.52 4.94 35.73
CA SER D 354 25.23 5.63 35.95
C SER D 354 24.70 6.20 34.62
N ARG D 355 25.57 6.27 33.62
CA ARG D 355 25.25 6.78 32.25
C ARG D 355 24.38 8.04 32.35
N THR D 356 24.89 9.06 33.03
CA THR D 356 24.11 10.32 33.22
C THR D 356 25.03 11.53 33.04
N GLY D 357 24.58 12.51 32.25
CA GLY D 357 25.31 13.77 32.03
C GLY D 357 24.35 14.92 31.79
N TRP D 358 24.82 16.02 31.20
CA TRP D 358 23.99 17.20 30.86
C TRP D 358 24.73 18.11 29.89
N ILE D 359 23.96 18.88 29.11
CA ILE D 359 24.46 19.96 28.21
C ILE D 359 23.95 21.30 28.74
N VAL D 360 24.85 22.29 28.90
CA VAL D 360 24.49 23.71 29.12
C VAL D 360 24.66 24.44 27.79
N GLY D 361 23.69 25.28 27.40
CA GLY D 361 23.75 26.03 26.14
C GLY D 361 22.59 27.00 25.95
N PRO D 362 22.60 27.78 24.86
CA PRO D 362 21.51 28.69 24.53
C PRO D 362 20.20 27.94 24.25
N GLU D 363 19.10 28.41 24.85
CA GLU D 363 17.75 27.80 24.76
C GLU D 363 17.58 27.13 23.38
N GLN D 364 17.60 27.91 22.30
CA GLN D 364 17.19 27.46 20.94
C GLN D 364 17.92 26.15 20.58
N LEU D 365 19.21 26.02 20.95
CA LEU D 365 20.01 24.79 20.68
C LEU D 365 19.58 23.68 21.64
N VAL D 366 19.48 23.99 22.94
CA VAL D 366 19.11 23.01 24.01
C VAL D 366 17.74 22.41 23.68
N GLU D 367 16.82 23.21 23.14
CA GLU D 367 15.46 22.76 22.72
C GLU D 367 15.60 21.71 21.60
N ARG D 368 16.47 21.99 20.63
CA ARG D 368 16.73 21.04 19.51
C ARG D 368 17.35 19.75 20.05
N PHE D 369 18.30 19.89 20.98
CA PHE D 369 18.96 18.76 21.68
C PHE D 369 17.88 17.92 22.39
N MET D 370 17.09 18.60 23.22
CA MET D 370 15.94 18.03 23.98
C MET D 370 15.06 17.21 23.03
N ARG D 371 14.85 17.74 21.82
CA ARG D 371 13.92 17.18 20.80
C ARG D 371 14.47 15.85 20.27
N ASN D 372 15.79 15.75 20.14
CA ASN D 372 16.47 14.51 19.64
C ASN D 372 16.40 13.44 20.75
N CYS D 373 16.58 13.85 22.00
CA CYS D 373 16.52 12.92 23.16
C CYS D 373 15.12 12.31 23.26
N GLU D 374 14.09 13.07 22.93
CA GLU D 374 12.69 12.60 23.03
C GLU D 374 12.48 11.37 22.15
N THR D 375 13.05 11.38 20.95
CA THR D 375 12.91 10.24 20.00
C THR D 375 14.19 9.40 20.01
N GLY D 376 15.08 9.64 20.98
CA GLY D 376 16.33 8.88 21.09
C GLY D 376 16.44 8.14 22.40
N ALA D 377 17.44 8.51 23.21
CA ALA D 377 17.72 7.91 24.53
C ALA D 377 16.56 8.15 25.50
N GLN D 378 15.91 9.33 25.39
CA GLN D 378 14.81 9.89 26.22
C GLN D 378 15.43 10.59 27.44
N HIS D 379 15.54 9.87 28.55
CA HIS D 379 16.13 10.45 29.79
C HIS D 379 17.09 9.44 30.41
N PRO D 380 18.07 9.87 31.23
CA PRO D 380 18.97 8.94 31.92
C PRO D 380 18.19 8.07 32.92
N SER D 381 18.63 6.83 33.07
CA SER D 381 17.96 5.82 33.96
C SER D 381 17.30 6.48 35.18
N GLY D 382 15.99 6.31 35.31
CA GLY D 382 15.21 6.90 36.40
C GLY D 382 15.76 6.49 37.76
N ILE D 383 16.28 5.26 37.85
CA ILE D 383 16.92 4.69 39.07
C ILE D 383 18.20 5.46 39.37
N SER D 384 18.96 5.82 38.33
CA SER D 384 20.21 6.61 38.41
C SER D 384 19.91 8.01 38.94
N GLN D 385 18.87 8.65 38.41
CA GLN D 385 18.52 10.07 38.70
C GLN D 385 18.10 10.24 40.16
N ILE D 386 17.45 9.23 40.76
CA ILE D 386 16.95 9.33 42.17
C ILE D 386 18.11 9.05 43.12
N VAL D 387 18.96 8.07 42.80
CA VAL D 387 20.22 7.79 43.55
C VAL D 387 21.06 9.06 43.55
N LEU D 388 21.26 9.67 42.38
CA LEU D 388 22.10 10.88 42.18
C LEU D 388 21.47 12.08 42.90
N PHE D 389 20.17 12.28 42.74
CA PHE D 389 19.44 13.39 43.40
C PHE D 389 19.50 13.21 44.91
N LYS D 390 19.30 11.98 45.38
CA LYS D 390 19.35 11.69 46.83
C LYS D 390 20.78 11.96 47.33
N LEU D 391 21.78 11.52 46.58
CA LEU D 391 23.19 11.74 47.00
C LEU D 391 23.55 13.23 46.94
N LEU D 392 23.13 13.95 45.90
CA LEU D 392 23.58 15.37 45.79
C LEU D 392 22.65 16.36 46.49
N ASP D 393 21.39 16.47 46.07
CA ASP D 393 20.46 17.46 46.69
C ASP D 393 20.06 17.06 48.11
N GLU D 394 19.68 15.79 48.30
CA GLU D 394 19.20 15.30 49.62
C GLU D 394 20.32 15.18 50.67
N HIS D 395 21.54 14.82 50.28
CA HIS D 395 22.58 14.58 51.31
C HIS D 395 23.74 15.60 51.32
N TRP D 396 24.72 15.45 50.42
CA TRP D 396 25.92 16.33 50.47
C TRP D 396 25.55 17.79 50.29
N GLY D 397 24.71 18.08 49.31
CA GLY D 397 24.31 19.46 49.01
C GLY D 397 25.34 20.11 48.11
N HIS D 398 25.08 21.32 47.62
CA HIS D 398 26.08 21.97 46.73
C HIS D 398 27.41 22.10 47.47
N SER D 399 27.44 21.81 48.78
CA SER D 399 28.64 21.96 49.62
C SER D 399 29.38 20.62 49.73
N GLY D 400 28.67 19.57 50.16
CA GLY D 400 29.22 18.20 50.30
C GLY D 400 29.68 17.65 48.96
N TYR D 401 29.19 18.20 47.86
CA TYR D 401 29.57 17.79 46.48
C TYR D 401 30.84 18.54 46.04
N LEU D 402 31.00 19.79 46.50
CA LEU D 402 32.25 20.57 46.29
C LEU D 402 33.36 19.95 47.15
N ASP D 403 33.01 19.54 48.38
CA ASP D 403 33.93 18.86 49.32
C ASP D 403 34.42 17.56 48.68
N TRP D 404 33.52 16.86 47.98
CA TRP D 404 33.82 15.58 47.28
C TRP D 404 34.79 15.84 46.12
N LEU D 405 34.52 16.87 45.31
CA LEU D 405 35.31 17.20 44.09
C LEU D 405 36.74 17.56 44.49
N ILE D 406 36.90 18.40 45.53
CA ILE D 406 38.22 18.83 46.05
C ILE D 406 38.99 17.62 46.60
N ASN D 407 38.29 16.67 47.24
CA ASN D 407 38.90 15.41 47.75
C ASN D 407 39.46 14.61 46.56
N LEU D 408 38.65 14.47 45.51
CA LEU D 408 38.99 13.69 44.30
C LEU D 408 40.19 14.32 43.58
N ARG D 409 40.21 15.66 43.50
CA ARG D 409 41.29 16.41 42.83
C ARG D 409 42.62 16.14 43.56
N MET D 410 42.58 16.08 44.89
CA MET D 410 43.79 15.77 45.69
C MET D 410 44.29 14.35 45.40
N GLN D 411 43.39 13.39 45.28
CA GLN D 411 43.80 11.96 45.12
C GLN D 411 44.33 11.74 43.70
N TYR D 412 43.87 12.55 42.72
CA TYR D 412 44.31 12.49 41.30
C TYR D 412 45.62 13.26 41.14
N THR D 413 45.82 14.30 41.95
CA THR D 413 47.11 15.05 42.06
C THR D 413 48.18 14.07 42.52
N GLY D 414 47.85 13.23 43.50
CA GLY D 414 48.81 12.22 44.01
C GLY D 414 49.17 11.24 42.92
N ARG D 415 48.17 10.74 42.21
CA ARG D 415 48.37 9.79 41.09
C ARG D 415 49.18 10.46 39.99
N ARG D 416 48.86 11.73 39.71
CA ARG D 416 49.58 12.52 38.67
C ARG D 416 51.06 12.55 39.05
N ASP D 417 51.34 12.97 40.29
CA ASP D 417 52.71 13.04 40.85
C ASP D 417 53.39 11.67 40.71
N ALA D 418 52.65 10.59 40.99
CA ALA D 418 53.17 9.21 41.04
C ALA D 418 53.68 8.77 39.65
N ILE D 419 52.89 9.01 38.59
CA ILE D 419 53.19 8.48 37.22
C ILE D 419 54.38 9.24 36.63
N VAL D 420 54.48 10.54 36.90
CA VAL D 420 55.56 11.44 36.38
C VAL D 420 56.89 11.03 37.04
N ASN D 421 56.84 10.63 38.31
CA ASN D 421 58.03 10.19 39.09
C ASN D 421 58.54 8.85 38.55
N ALA D 422 57.62 7.93 38.24
CA ALA D 422 57.92 6.61 37.63
C ALA D 422 58.61 6.84 36.28
N CYS D 423 58.00 7.63 35.40
CA CYS D 423 58.55 8.03 34.08
C CYS D 423 59.95 8.63 34.28
N GLU D 424 60.07 9.58 35.21
CA GLU D 424 61.34 10.26 35.58
C GLU D 424 62.43 9.22 35.84
N LYS D 425 62.12 8.14 36.56
CA LYS D 425 63.11 7.17 37.10
C LYS D 425 63.32 6.01 36.12
N TYR D 426 62.25 5.53 35.48
CA TYR D 426 62.33 4.29 34.67
C TYR D 426 62.41 4.49 33.15
N LEU D 427 61.76 5.50 32.61
CA LEU D 427 61.74 5.64 31.13
C LEU D 427 63.11 6.07 30.59
N PRO D 428 63.59 5.48 29.46
CA PRO D 428 64.88 5.86 28.91
C PRO D 428 64.70 7.19 28.16
N LYS D 429 65.34 8.25 28.68
CA LYS D 429 65.24 9.61 28.12
C LYS D 429 65.84 9.69 26.71
N GLU D 430 66.86 8.89 26.42
CA GLU D 430 67.50 8.98 25.09
C GLU D 430 66.42 9.04 24.01
N ILE D 431 65.34 8.27 24.20
CA ILE D 431 64.29 8.02 23.16
C ILE D 431 62.95 8.64 23.58
N ALA D 432 62.73 8.84 24.89
CA ALA D 432 61.43 9.25 25.46
C ALA D 432 61.54 10.62 26.15
N LYS D 433 60.57 11.50 25.87
CA LYS D 433 60.41 12.81 26.54
C LYS D 433 58.93 12.99 26.87
N TRP D 434 58.58 13.95 27.74
CA TRP D 434 57.18 14.21 28.15
C TRP D 434 57.08 15.55 28.87
N ASN D 435 55.86 15.85 29.32
CA ASN D 435 55.52 17.01 30.19
C ASN D 435 54.56 16.50 31.25
N PRO D 436 54.84 16.70 32.55
CA PRO D 436 53.88 16.32 33.59
C PRO D 436 52.63 17.18 33.41
N PRO D 437 51.40 16.61 33.49
CA PRO D 437 50.13 17.30 33.18
C PRO D 437 49.60 18.19 34.33
N ALA D 438 48.92 19.29 33.99
CA ALA D 438 48.39 20.29 34.95
C ALA D 438 47.07 19.79 35.56
N ALA D 439 46.28 19.03 34.77
CA ALA D 439 44.95 18.51 35.17
C ALA D 439 44.68 17.19 34.44
N GLY D 440 43.55 16.55 34.79
CA GLY D 440 43.03 15.37 34.09
C GLY D 440 43.53 14.07 34.69
N MET D 441 43.61 13.01 33.88
CA MET D 441 44.02 11.66 34.34
C MET D 441 44.86 10.99 33.25
N PHE D 442 45.39 11.76 32.30
CA PHE D 442 46.16 11.20 31.15
C PHE D 442 47.56 11.81 31.10
N HIS D 443 48.55 10.95 30.91
CA HIS D 443 49.97 11.32 30.76
C HIS D 443 50.40 11.03 29.32
N TRP D 444 51.05 11.99 28.66
CA TRP D 444 51.46 11.92 27.23
C TRP D 444 52.97 11.68 27.15
N ILE D 445 53.40 10.60 26.48
CA ILE D 445 54.85 10.25 26.37
C ILE D 445 55.29 10.34 24.91
N GLU D 446 56.26 11.20 24.63
CA GLU D 446 56.90 11.35 23.30
C GLU D 446 57.90 10.20 23.13
N ILE D 447 57.94 9.59 21.95
CA ILE D 447 58.97 8.56 21.62
C ILE D 447 59.59 8.90 20.27
N ASP D 448 60.91 9.14 20.25
CA ASP D 448 61.65 9.58 19.04
C ASP D 448 62.07 8.33 18.25
N TRP D 449 61.23 7.90 17.31
CA TRP D 449 61.33 6.62 16.58
C TRP D 449 62.58 6.60 15.68
N GLN D 450 62.99 7.74 15.13
CA GLN D 450 64.14 7.86 14.19
C GLN D 450 65.37 7.15 14.77
N LYS D 451 65.47 7.07 16.09
CA LYS D 451 66.61 6.40 16.79
C LYS D 451 66.26 4.93 17.06
N HIS D 452 65.86 4.19 16.02
CA HIS D 452 65.51 2.74 16.06
C HIS D 452 66.38 1.97 15.07
N PRO D 453 67.22 1.02 15.56
CA PRO D 453 68.13 0.25 14.73
C PRO D 453 67.63 -0.14 13.33
N ALA D 454 66.32 -0.33 13.17
CA ALA D 454 65.70 -0.92 11.96
C ALA D 454 65.12 0.18 11.06
N VAL D 455 65.18 1.45 11.47
CA VAL D 455 64.63 2.57 10.64
C VAL D 455 65.52 2.72 9.41
N ALA D 456 66.83 2.59 9.57
CA ALA D 456 67.84 2.61 8.48
C ALA D 456 67.45 1.56 7.43
N SER D 457 67.03 0.36 7.87
CA SER D 457 66.66 -0.79 7.01
C SER D 457 65.19 -0.73 6.61
N GLY D 458 64.49 0.35 6.95
CA GLY D 458 63.18 0.71 6.37
C GLY D 458 62.00 0.25 7.21
N LYS D 459 62.19 0.09 8.52
CA LYS D 459 61.06 -0.09 9.48
C LYS D 459 60.26 1.21 9.51
N SER D 460 58.95 1.14 9.26
CA SER D 460 58.05 2.33 9.17
C SER D 460 57.62 2.76 10.57
N ARG D 461 57.06 3.97 10.67
CA ARG D 461 56.63 4.60 11.95
C ARG D 461 55.51 3.75 12.58
N GLU D 462 54.56 3.29 11.77
CA GLU D 462 53.41 2.47 12.23
C GLU D 462 53.94 1.18 12.87
N ALA D 463 54.85 0.49 12.19
CA ALA D 463 55.44 -0.80 12.64
C ALA D 463 56.03 -0.61 14.04
N ILE D 464 56.82 0.45 14.25
CA ILE D 464 57.44 0.79 15.56
C ILE D 464 56.32 0.90 16.60
N GLU D 465 55.27 1.68 16.29
CA GLU D 465 54.13 1.96 17.22
C GLU D 465 53.40 0.65 17.51
N GLU D 466 53.23 -0.20 16.48
CA GLU D 466 52.55 -1.52 16.59
C GLU D 466 53.39 -2.43 17.50
N ALA D 467 54.70 -2.48 17.26
CA ALA D 467 55.66 -3.36 17.95
C ALA D 467 55.85 -2.94 19.41
N VAL D 468 55.79 -1.63 19.69
CA VAL D 468 55.92 -1.07 21.08
C VAL D 468 54.66 -1.43 21.87
N PHE D 469 53.49 -1.30 21.24
CA PHE D 469 52.17 -1.58 21.87
C PHE D 469 52.09 -3.06 22.25
N HIS D 470 52.53 -3.97 21.36
CA HIS D 470 52.42 -5.44 21.53
C HIS D 470 53.49 -5.94 22.51
N ALA D 471 54.62 -5.24 22.60
CA ALA D 471 55.74 -5.55 23.53
C ALA D 471 55.35 -5.09 24.94
N ALA D 472 54.54 -4.04 25.03
CA ALA D 472 54.00 -3.48 26.30
C ALA D 472 52.98 -4.46 26.88
N VAL D 473 52.09 -4.99 26.04
CA VAL D 473 51.02 -5.96 26.44
C VAL D 473 51.69 -7.26 26.89
N ASN D 474 52.68 -7.74 26.13
CA ASN D 474 53.38 -9.04 26.38
C ASN D 474 54.31 -8.90 27.60
N ASN D 475 54.54 -7.67 28.06
CA ASN D 475 55.28 -7.39 29.32
C ASN D 475 54.29 -6.89 30.38
N GLY D 476 52.99 -7.11 30.13
CA GLY D 476 51.92 -7.04 31.13
C GLY D 476 51.55 -5.61 31.51
N VAL D 477 51.56 -4.71 30.52
CA VAL D 477 51.11 -3.29 30.76
C VAL D 477 50.29 -2.86 29.54
N LEU D 478 49.18 -2.16 29.75
CA LEU D 478 48.36 -1.72 28.60
C LEU D 478 48.42 -0.19 28.44
N VAL D 479 48.74 0.25 27.23
CA VAL D 479 48.85 1.69 26.86
C VAL D 479 48.00 1.94 25.61
N SER D 480 47.78 3.21 25.29
CA SER D 480 46.97 3.62 24.11
C SER D 480 47.90 4.19 23.03
N ARG D 481 47.74 3.71 21.80
CA ARG D 481 48.53 4.16 20.61
C ARG D 481 48.12 5.59 20.27
N GLY D 482 49.11 6.45 19.98
CA GLY D 482 48.90 7.87 19.64
C GLY D 482 48.02 8.03 18.40
N SER D 483 48.23 7.16 17.40
CA SER D 483 47.58 7.25 16.06
C SER D 483 46.07 7.01 16.17
N TRP D 484 45.59 6.52 17.31
CA TRP D 484 44.15 6.38 17.61
C TRP D 484 43.53 7.77 17.82
N PHE D 485 44.33 8.71 18.37
CA PHE D 485 43.89 10.05 18.80
C PHE D 485 44.15 11.09 17.71
N THR D 486 44.83 10.69 16.63
CA THR D 486 45.25 11.60 15.53
C THR D 486 44.02 12.13 14.81
N ALA D 487 43.79 13.45 14.87
CA ALA D 487 42.66 14.14 14.21
C ALA D 487 42.62 13.74 12.73
N ALA D 488 43.73 13.95 12.02
CA ALA D 488 43.90 13.56 10.60
C ALA D 488 45.39 13.65 10.24
N ASN D 491 49.68 10.60 8.28
CA ASN D 491 50.17 11.79 9.01
C ASN D 491 51.35 11.40 9.91
N GLU D 492 52.53 11.23 9.31
CA GLU D 492 53.79 10.83 10.00
C GLU D 492 54.33 11.99 10.85
N GLY D 493 55.13 11.66 11.86
CA GLY D 493 55.73 12.62 12.80
C GLY D 493 56.31 11.87 13.99
N ASN D 494 56.38 12.52 15.16
CA ASN D 494 56.89 11.87 16.40
C ASN D 494 55.86 10.86 16.91
N LEU D 495 56.32 9.81 17.61
CA LEU D 495 55.41 8.77 18.15
C LEU D 495 54.91 9.18 19.54
N PHE D 496 53.72 8.72 19.91
CA PHE D 496 53.10 9.08 21.20
C PHE D 496 52.33 7.90 21.77
N PHE D 497 52.39 7.76 23.09
CA PHE D 497 51.64 6.73 23.85
C PHE D 497 50.92 7.41 25.01
N ARG D 498 49.61 7.21 25.11
CA ARG D 498 48.80 7.79 26.20
C ARG D 498 48.77 6.80 27.36
N ALA D 499 49.12 7.27 28.55
CA ALA D 499 49.11 6.47 29.80
C ALA D 499 48.18 7.14 30.81
N THR D 500 47.18 6.42 31.32
CA THR D 500 46.22 6.95 32.31
C THR D 500 46.70 6.56 33.72
N PHE D 501 46.64 7.51 34.65
CA PHE D 501 46.98 7.29 36.08
C PHE D 501 45.69 7.37 36.91
N ALA D 502 44.63 6.74 36.41
CA ALA D 502 43.33 6.72 37.13
C ALA D 502 42.82 5.28 37.19
N ALA D 503 43.19 4.47 36.19
CA ALA D 503 42.79 3.06 36.07
C ALA D 503 43.40 2.19 37.17
N ALA D 504 44.67 2.43 37.51
CA ALA D 504 45.35 1.57 38.50
C ALA D 504 45.74 2.39 39.74
N SER D 505 46.07 1.69 40.82
CA SER D 505 46.48 2.31 42.11
C SER D 505 47.89 2.90 41.99
N SER D 506 48.26 3.78 42.92
CA SER D 506 49.60 4.45 42.87
C SER D 506 50.71 3.40 42.93
N GLU D 507 50.54 2.36 43.75
CA GLU D 507 51.56 1.29 43.87
C GLU D 507 51.76 0.63 42.51
N ASN D 508 50.65 0.30 41.83
CA ASN D 508 50.65 -0.40 40.51
C ASN D 508 51.22 0.45 39.37
N ILE D 509 50.97 1.76 39.37
CA ILE D 509 51.42 2.62 38.24
C ILE D 509 52.94 2.53 38.08
N ALA D 510 53.70 2.60 39.17
CA ALA D 510 55.17 2.52 39.10
C ALA D 510 55.59 1.22 38.38
N GLU D 511 55.01 0.11 38.83
CA GLU D 511 55.27 -1.25 38.28
C GLU D 511 54.95 -1.26 36.79
N ALA D 512 53.90 -0.54 36.37
CA ALA D 512 53.40 -0.53 34.97
C ALA D 512 54.42 0.15 34.06
N ILE D 513 54.85 1.36 34.41
CA ILE D 513 55.80 2.19 33.61
C ILE D 513 57.16 1.46 33.56
N ALA D 514 57.55 0.79 34.64
CA ALA D 514 58.77 -0.05 34.71
C ALA D 514 58.66 -1.17 33.67
N ARG D 515 57.47 -1.74 33.51
CA ARG D 515 57.16 -2.82 32.53
C ARG D 515 57.17 -2.22 31.11
N PHE D 516 56.65 -0.99 30.96
CA PHE D 516 56.61 -0.26 29.67
C PHE D 516 58.05 0.10 29.25
N ALA D 517 58.86 0.54 30.22
CA ALA D 517 60.25 0.92 29.93
C ALA D 517 61.02 -0.30 29.40
N THR D 518 60.80 -1.47 30.00
CA THR D 518 61.48 -2.72 29.57
C THR D 518 61.06 -3.08 28.15
N ALA D 519 59.77 -2.95 27.86
CA ALA D 519 59.22 -3.24 26.51
C ALA D 519 59.83 -2.27 25.50
N LEU D 520 59.98 -1.00 25.89
CA LEU D 520 60.54 0.03 24.97
C LEU D 520 62.02 -0.25 24.70
N ARG D 521 62.80 -0.55 25.75
CA ARG D 521 64.25 -0.85 25.67
C ARG D 521 64.49 -2.06 24.78
N THR D 522 63.64 -3.09 24.89
CA THR D 522 63.73 -4.36 24.13
C THR D 522 63.48 -4.07 22.64
N GLU D 523 62.45 -3.27 22.32
CA GLU D 523 62.01 -3.01 20.92
C GLU D 523 63.06 -2.16 20.21
N PHE D 524 63.65 -1.18 20.92
CA PHE D 524 64.67 -0.24 20.37
C PHE D 524 66.08 -0.78 20.63
N SER D 525 66.30 -2.08 20.44
CA SER D 525 67.59 -2.76 20.72
C SER D 525 68.07 -3.51 19.47
N LEU D 526 69.29 -4.05 19.53
CA LEU D 526 69.91 -4.86 18.44
C LEU D 526 69.30 -6.27 18.47
#